data_1RBJ
# 
_entry.id   1RBJ 
# 
_audit_conform.dict_name       mmcif_pdbx.dic 
_audit_conform.dict_version    5.397 
_audit_conform.dict_location   http://mmcif.pdb.org/dictionaries/ascii/mmcif_pdbx.dic 
# 
loop_
_database_2.database_id 
_database_2.database_code 
_database_2.pdbx_database_accession 
_database_2.pdbx_DOI 
PDB   1RBJ         pdb_00001rbj 10.2210/pdb1rbj/pdb 
RCSB  PDE023       ?            ?                   
WWPDB D_1000175996 ?            ?                   
# 
loop_
_pdbx_audit_revision_history.ordinal 
_pdbx_audit_revision_history.data_content_type 
_pdbx_audit_revision_history.major_revision 
_pdbx_audit_revision_history.minor_revision 
_pdbx_audit_revision_history.revision_date 
1 'Structure model' 1 0 1995-12-07 
2 'Structure model' 1 1 2008-05-22 
3 'Structure model' 1 2 2011-07-13 
4 'Structure model' 1 3 2018-04-18 
5 'Structure model' 1 4 2024-10-16 
# 
_pdbx_audit_revision_details.ordinal             1 
_pdbx_audit_revision_details.revision_ordinal    1 
_pdbx_audit_revision_details.data_content_type   'Structure model' 
_pdbx_audit_revision_details.provider            repository 
_pdbx_audit_revision_details.type                'Initial release' 
_pdbx_audit_revision_details.description         ? 
_pdbx_audit_revision_details.details             ? 
# 
loop_
_pdbx_audit_revision_group.ordinal 
_pdbx_audit_revision_group.revision_ordinal 
_pdbx_audit_revision_group.data_content_type 
_pdbx_audit_revision_group.group 
1 2 'Structure model' 'Version format compliance' 
2 3 'Structure model' 'Version format compliance' 
3 4 'Structure model' 'Data collection'           
4 5 'Structure model' 'Data collection'           
5 5 'Structure model' 'Database references'       
6 5 'Structure model' 'Structure summary'         
# 
loop_
_pdbx_audit_revision_category.ordinal 
_pdbx_audit_revision_category.revision_ordinal 
_pdbx_audit_revision_category.data_content_type 
_pdbx_audit_revision_category.category 
1 4 'Structure model' diffrn_detector           
2 5 'Structure model' chem_comp_atom            
3 5 'Structure model' chem_comp_bond            
4 5 'Structure model' database_2                
5 5 'Structure model' pdbx_entry_details        
6 5 'Structure model' pdbx_modification_feature 
# 
loop_
_pdbx_audit_revision_item.ordinal 
_pdbx_audit_revision_item.revision_ordinal 
_pdbx_audit_revision_item.data_content_type 
_pdbx_audit_revision_item.item 
1 4 'Structure model' '_diffrn_detector.detector'           
2 5 'Structure model' '_database_2.pdbx_DOI'                
3 5 'Structure model' '_database_2.pdbx_database_accession' 
# 
_pdbx_database_status.status_code                     REL 
_pdbx_database_status.entry_id                        1RBJ 
_pdbx_database_status.recvd_initial_deposition_date   1995-05-22 
_pdbx_database_status.deposit_site                    BNL 
_pdbx_database_status.process_site                    BNL 
_pdbx_database_status.SG_entry                        . 
_pdbx_database_status.pdb_format_compatible           Y 
_pdbx_database_status.status_code_mr                  ? 
_pdbx_database_status.status_code_sf                  ? 
_pdbx_database_status.status_code_cs                  ? 
_pdbx_database_status.methods_development_category    ? 
_pdbx_database_status.status_code_nmr_data            ? 
# 
loop_
_audit_author.name 
_audit_author.pdbx_ordinal 
'Ko, T.-P.'     1 
'Williams, R.'  2 
'McPherson, A.' 3 
# 
_citation.id                        primary 
_citation.title                     'Structure of a ribonuclease B+d(pA)4 complex.' 
_citation.journal_abbrev            'Acta Crystallogr.,Sect.D' 
_citation.journal_volume            52 
_citation.page_first                160 
_citation.page_last                 164 
_citation.year                      1996 
_citation.journal_id_ASTM           ABCRE6 
_citation.country                   DK 
_citation.journal_id_ISSN           0907-4449 
_citation.journal_id_CSD            0766 
_citation.book_publisher            ? 
_citation.pdbx_database_id_PubMed   15299737 
_citation.pdbx_database_id_DOI      10.1107/S0907444995009127 
# 
loop_
_citation_author.citation_id 
_citation_author.name 
_citation_author.ordinal 
_citation_author.identifier_ORCID 
primary 'Ko, T.P.'      1 ? 
primary 'Williams, R.'  2 ? 
primary 'McPherson, A.' 3 ? 
# 
loop_
_entity.id 
_entity.type 
_entity.src_method 
_entity.pdbx_description 
_entity.formula_weight 
_entity.pdbx_number_of_molecules 
_entity.pdbx_ec 
_entity.pdbx_mutation 
_entity.pdbx_fragment 
_entity.details 
1 polymer syn 
;DNA (5'-D(*AP*AP*AP*A)-3')
;
1207.870  1 ?        ? ? ? 
2 polymer nat 'PROTEIN (RIBONUCLEASE B (E.C.3.1.27.5))' 13708.326 1 3.1.27.5 ? ? ? 
# 
loop_
_entity_poly.entity_id 
_entity_poly.type 
_entity_poly.nstd_linkage 
_entity_poly.nstd_monomer 
_entity_poly.pdbx_seq_one_letter_code 
_entity_poly.pdbx_seq_one_letter_code_can 
_entity_poly.pdbx_strand_id 
_entity_poly.pdbx_target_identifier 
1 polydeoxyribonucleotide no no '(DA)(DA)(DA)(DA)' AAAA B ? 
2 'polypeptide(L)'        no no 
;KETAAAKFERQHMDSSTSAASSSNYCNQMMKSRNLTKDRCKPVNTFVHESLADVQAVCSQKNVACKNGQTNCYQSYSTMS
ITDCRETGSSKYPNCAYKTTQANKHIIVACEGNPYVPVHFDASV
;
;KETAAAKFERQHMDSSTSAASSSNYCNQMMKSRNLTKDRCKPVNTFVHESLADVQAVCSQKNVACKNGQTNCYQSYSTMS
ITDCRETGSSKYPNCAYKTTQANKHIIVACEGNPYVPVHFDASV
;
A ? 
# 
loop_
_entity_poly_seq.entity_id 
_entity_poly_seq.num 
_entity_poly_seq.mon_id 
_entity_poly_seq.hetero 
1 1   DA  n 
1 2   DA  n 
1 3   DA  n 
1 4   DA  n 
2 1   LYS n 
2 2   GLU n 
2 3   THR n 
2 4   ALA n 
2 5   ALA n 
2 6   ALA n 
2 7   LYS n 
2 8   PHE n 
2 9   GLU n 
2 10  ARG n 
2 11  GLN n 
2 12  HIS n 
2 13  MET n 
2 14  ASP n 
2 15  SER n 
2 16  SER n 
2 17  THR n 
2 18  SER n 
2 19  ALA n 
2 20  ALA n 
2 21  SER n 
2 22  SER n 
2 23  SER n 
2 24  ASN n 
2 25  TYR n 
2 26  CYS n 
2 27  ASN n 
2 28  GLN n 
2 29  MET n 
2 30  MET n 
2 31  LYS n 
2 32  SER n 
2 33  ARG n 
2 34  ASN n 
2 35  LEU n 
2 36  THR n 
2 37  LYS n 
2 38  ASP n 
2 39  ARG n 
2 40  CYS n 
2 41  LYS n 
2 42  PRO n 
2 43  VAL n 
2 44  ASN n 
2 45  THR n 
2 46  PHE n 
2 47  VAL n 
2 48  HIS n 
2 49  GLU n 
2 50  SER n 
2 51  LEU n 
2 52  ALA n 
2 53  ASP n 
2 54  VAL n 
2 55  GLN n 
2 56  ALA n 
2 57  VAL n 
2 58  CYS n 
2 59  SER n 
2 60  GLN n 
2 61  LYS n 
2 62  ASN n 
2 63  VAL n 
2 64  ALA n 
2 65  CYS n 
2 66  LYS n 
2 67  ASN n 
2 68  GLY n 
2 69  GLN n 
2 70  THR n 
2 71  ASN n 
2 72  CYS n 
2 73  TYR n 
2 74  GLN n 
2 75  SER n 
2 76  TYR n 
2 77  SER n 
2 78  THR n 
2 79  MET n 
2 80  SER n 
2 81  ILE n 
2 82  THR n 
2 83  ASP n 
2 84  CYS n 
2 85  ARG n 
2 86  GLU n 
2 87  THR n 
2 88  GLY n 
2 89  SER n 
2 90  SER n 
2 91  LYS n 
2 92  TYR n 
2 93  PRO n 
2 94  ASN n 
2 95  CYS n 
2 96  ALA n 
2 97  TYR n 
2 98  LYS n 
2 99  THR n 
2 100 THR n 
2 101 GLN n 
2 102 ALA n 
2 103 ASN n 
2 104 LYS n 
2 105 HIS n 
2 106 ILE n 
2 107 ILE n 
2 108 VAL n 
2 109 ALA n 
2 110 CYS n 
2 111 GLU n 
2 112 GLY n 
2 113 ASN n 
2 114 PRO n 
2 115 TYR n 
2 116 VAL n 
2 117 PRO n 
2 118 VAL n 
2 119 HIS n 
2 120 PHE n 
2 121 ASP n 
2 122 ALA n 
2 123 SER n 
2 124 VAL n 
# 
_entity_src_nat.entity_id                  2 
_entity_src_nat.pdbx_src_id                1 
_entity_src_nat.pdbx_alt_source_flag       sample 
_entity_src_nat.pdbx_beg_seq_num           ? 
_entity_src_nat.pdbx_end_seq_num           ? 
_entity_src_nat.common_name                cattle 
_entity_src_nat.pdbx_organism_scientific   'Bos taurus' 
_entity_src_nat.pdbx_ncbi_taxonomy_id      9913 
_entity_src_nat.genus                      Bos 
_entity_src_nat.species                    ? 
_entity_src_nat.strain                     ? 
_entity_src_nat.tissue                     ? 
_entity_src_nat.tissue_fraction            ? 
_entity_src_nat.pdbx_secretion             MILK 
_entity_src_nat.pdbx_fragment              ? 
_entity_src_nat.pdbx_variant               ? 
_entity_src_nat.pdbx_cell_line             ? 
_entity_src_nat.pdbx_atcc                  ? 
_entity_src_nat.pdbx_cellular_location     ? 
_entity_src_nat.pdbx_organ                 PANCREAS 
_entity_src_nat.pdbx_organelle             ? 
_entity_src_nat.pdbx_cell                  ? 
_entity_src_nat.pdbx_plasmid_name          ? 
_entity_src_nat.pdbx_plasmid_details       ? 
_entity_src_nat.details                    ? 
# 
loop_
_chem_comp.id 
_chem_comp.type 
_chem_comp.mon_nstd_flag 
_chem_comp.name 
_chem_comp.pdbx_synonyms 
_chem_comp.formula 
_chem_comp.formula_weight 
ALA 'L-peptide linking' y ALANINE                              ? 'C3 H7 N O2'      89.093  
ARG 'L-peptide linking' y ARGININE                             ? 'C6 H15 N4 O2 1'  175.209 
ASN 'L-peptide linking' y ASPARAGINE                           ? 'C4 H8 N2 O3'     132.118 
ASP 'L-peptide linking' y 'ASPARTIC ACID'                      ? 'C4 H7 N O4'      133.103 
CYS 'L-peptide linking' y CYSTEINE                             ? 'C3 H7 N O2 S'    121.158 
DA  'DNA linking'       y "2'-DEOXYADENOSINE-5'-MONOPHOSPHATE" ? 'C10 H14 N5 O6 P' 331.222 
GLN 'L-peptide linking' y GLUTAMINE                            ? 'C5 H10 N2 O3'    146.144 
GLU 'L-peptide linking' y 'GLUTAMIC ACID'                      ? 'C5 H9 N O4'      147.129 
GLY 'peptide linking'   y GLYCINE                              ? 'C2 H5 N O2'      75.067  
HIS 'L-peptide linking' y HISTIDINE                            ? 'C6 H10 N3 O2 1'  156.162 
ILE 'L-peptide linking' y ISOLEUCINE                           ? 'C6 H13 N O2'     131.173 
LEU 'L-peptide linking' y LEUCINE                              ? 'C6 H13 N O2'     131.173 
LYS 'L-peptide linking' y LYSINE                               ? 'C6 H15 N2 O2 1'  147.195 
MET 'L-peptide linking' y METHIONINE                           ? 'C5 H11 N O2 S'   149.211 
PHE 'L-peptide linking' y PHENYLALANINE                        ? 'C9 H11 N O2'     165.189 
PRO 'L-peptide linking' y PROLINE                              ? 'C5 H9 N O2'      115.130 
SER 'L-peptide linking' y SERINE                               ? 'C3 H7 N O3'      105.093 
THR 'L-peptide linking' y THREONINE                            ? 'C4 H9 N O3'      119.119 
TYR 'L-peptide linking' y TYROSINE                             ? 'C9 H11 N O3'     181.189 
VAL 'L-peptide linking' y VALINE                               ? 'C5 H11 N O2'     117.146 
# 
loop_
_pdbx_poly_seq_scheme.asym_id 
_pdbx_poly_seq_scheme.entity_id 
_pdbx_poly_seq_scheme.seq_id 
_pdbx_poly_seq_scheme.mon_id 
_pdbx_poly_seq_scheme.ndb_seq_num 
_pdbx_poly_seq_scheme.pdb_seq_num 
_pdbx_poly_seq_scheme.auth_seq_num 
_pdbx_poly_seq_scheme.pdb_mon_id 
_pdbx_poly_seq_scheme.auth_mon_id 
_pdbx_poly_seq_scheme.pdb_strand_id 
_pdbx_poly_seq_scheme.pdb_ins_code 
_pdbx_poly_seq_scheme.hetero 
A 1 1   DA  1   201 201 DA  A   B . n 
A 1 2   DA  2   202 202 DA  A   B . n 
A 1 3   DA  3   203 203 DA  A   B . n 
A 1 4   DA  4   204 204 DA  A   B . n 
B 2 1   LYS 1   1   1   LYS LYS A . n 
B 2 2   GLU 2   2   2   GLU GLU A . n 
B 2 3   THR 3   3   3   THR THR A . n 
B 2 4   ALA 4   4   4   ALA ALA A . n 
B 2 5   ALA 5   5   5   ALA ALA A . n 
B 2 6   ALA 6   6   6   ALA ALA A . n 
B 2 7   LYS 7   7   7   LYS LYS A . n 
B 2 8   PHE 8   8   8   PHE PHE A . n 
B 2 9   GLU 9   9   9   GLU GLU A . n 
B 2 10  ARG 10  10  10  ARG ARG A . n 
B 2 11  GLN 11  11  11  GLN GLN A . n 
B 2 12  HIS 12  12  12  HIS HIS A . n 
B 2 13  MET 13  13  13  MET MET A . n 
B 2 14  ASP 14  14  14  ASP ASP A . n 
B 2 15  SER 15  15  15  SER SER A . n 
B 2 16  SER 16  16  16  SER SER A . n 
B 2 17  THR 17  17  17  THR THR A . n 
B 2 18  SER 18  18  18  SER SER A . n 
B 2 19  ALA 19  19  19  ALA ALA A . n 
B 2 20  ALA 20  20  20  ALA ALA A . n 
B 2 21  SER 21  21  21  SER SER A . n 
B 2 22  SER 22  22  22  SER SER A . n 
B 2 23  SER 23  23  23  SER SER A . n 
B 2 24  ASN 24  24  24  ASN ASN A . n 
B 2 25  TYR 25  25  25  TYR TYR A . n 
B 2 26  CYS 26  26  26  CYS CYS A . n 
B 2 27  ASN 27  27  27  ASN ASN A . n 
B 2 28  GLN 28  28  28  GLN GLN A . n 
B 2 29  MET 29  29  29  MET MET A . n 
B 2 30  MET 30  30  30  MET MET A . n 
B 2 31  LYS 31  31  31  LYS LYS A . n 
B 2 32  SER 32  32  32  SER SER A . n 
B 2 33  ARG 33  33  33  ARG ARG A . n 
B 2 34  ASN 34  34  34  ASN ASN A . n 
B 2 35  LEU 35  35  35  LEU LEU A . n 
B 2 36  THR 36  36  36  THR THR A . n 
B 2 37  LYS 37  37  37  LYS LYS A . n 
B 2 38  ASP 38  38  38  ASP ASP A . n 
B 2 39  ARG 39  39  39  ARG ARG A . n 
B 2 40  CYS 40  40  40  CYS CYS A . n 
B 2 41  LYS 41  41  41  LYS LYS A . n 
B 2 42  PRO 42  42  42  PRO PRO A . n 
B 2 43  VAL 43  43  43  VAL VAL A . n 
B 2 44  ASN 44  44  44  ASN ASN A . n 
B 2 45  THR 45  45  45  THR THR A . n 
B 2 46  PHE 46  46  46  PHE PHE A . n 
B 2 47  VAL 47  47  47  VAL VAL A . n 
B 2 48  HIS 48  48  48  HIS HIS A . n 
B 2 49  GLU 49  49  49  GLU GLU A . n 
B 2 50  SER 50  50  50  SER SER A . n 
B 2 51  LEU 51  51  51  LEU LEU A . n 
B 2 52  ALA 52  52  52  ALA ALA A . n 
B 2 53  ASP 53  53  53  ASP ASP A . n 
B 2 54  VAL 54  54  54  VAL VAL A . n 
B 2 55  GLN 55  55  55  GLN GLN A . n 
B 2 56  ALA 56  56  56  ALA ALA A . n 
B 2 57  VAL 57  57  57  VAL VAL A . n 
B 2 58  CYS 58  58  58  CYS CYS A . n 
B 2 59  SER 59  59  59  SER SER A . n 
B 2 60  GLN 60  60  60  GLN GLN A . n 
B 2 61  LYS 61  61  61  LYS LYS A . n 
B 2 62  ASN 62  62  62  ASN ASN A . n 
B 2 63  VAL 63  63  63  VAL VAL A . n 
B 2 64  ALA 64  64  64  ALA ALA A . n 
B 2 65  CYS 65  65  65  CYS CYS A . n 
B 2 66  LYS 66  66  66  LYS LYS A . n 
B 2 67  ASN 67  67  67  ASN ASN A . n 
B 2 68  GLY 68  68  68  GLY GLY A . n 
B 2 69  GLN 69  69  69  GLN GLN A . n 
B 2 70  THR 70  70  70  THR THR A . n 
B 2 71  ASN 71  71  71  ASN ASN A . n 
B 2 72  CYS 72  72  72  CYS CYS A . n 
B 2 73  TYR 73  73  73  TYR TYR A . n 
B 2 74  GLN 74  74  74  GLN GLN A . n 
B 2 75  SER 75  75  75  SER SER A . n 
B 2 76  TYR 76  76  76  TYR TYR A . n 
B 2 77  SER 77  77  77  SER SER A . n 
B 2 78  THR 78  78  78  THR THR A . n 
B 2 79  MET 79  79  79  MET MET A . n 
B 2 80  SER 80  80  80  SER SER A . n 
B 2 81  ILE 81  81  81  ILE ILE A . n 
B 2 82  THR 82  82  82  THR THR A . n 
B 2 83  ASP 83  83  83  ASP ASP A . n 
B 2 84  CYS 84  84  84  CYS CYS A . n 
B 2 85  ARG 85  85  85  ARG ARG A . n 
B 2 86  GLU 86  86  86  GLU GLU A . n 
B 2 87  THR 87  87  87  THR THR A . n 
B 2 88  GLY 88  88  88  GLY GLY A . n 
B 2 89  SER 89  89  89  SER SER A . n 
B 2 90  SER 90  90  90  SER SER A . n 
B 2 91  LYS 91  91  91  LYS LYS A . n 
B 2 92  TYR 92  92  92  TYR TYR A . n 
B 2 93  PRO 93  93  93  PRO PRO A . n 
B 2 94  ASN 94  94  94  ASN ASN A . n 
B 2 95  CYS 95  95  95  CYS CYS A . n 
B 2 96  ALA 96  96  96  ALA ALA A . n 
B 2 97  TYR 97  97  97  TYR TYR A . n 
B 2 98  LYS 98  98  98  LYS LYS A . n 
B 2 99  THR 99  99  99  THR THR A . n 
B 2 100 THR 100 100 100 THR THR A . n 
B 2 101 GLN 101 101 101 GLN GLN A . n 
B 2 102 ALA 102 102 102 ALA ALA A . n 
B 2 103 ASN 103 103 103 ASN ASN A . n 
B 2 104 LYS 104 104 104 LYS LYS A . n 
B 2 105 HIS 105 105 105 HIS HIS A . n 
B 2 106 ILE 106 106 106 ILE ILE A . n 
B 2 107 ILE 107 107 107 ILE ILE A . n 
B 2 108 VAL 108 108 108 VAL VAL A . n 
B 2 109 ALA 109 109 109 ALA ALA A . n 
B 2 110 CYS 110 110 110 CYS CYS A . n 
B 2 111 GLU 111 111 111 GLU GLU A . n 
B 2 112 GLY 112 112 112 GLY GLY A . n 
B 2 113 ASN 113 113 113 ASN ASN A . n 
B 2 114 PRO 114 114 114 PRO PRO A . n 
B 2 115 TYR 115 115 115 TYR TYR A . n 
B 2 116 VAL 116 116 116 VAL VAL A . n 
B 2 117 PRO 117 117 117 PRO PRO A . n 
B 2 118 VAL 118 118 118 VAL VAL A . n 
B 2 119 HIS 119 119 119 HIS HIS A . n 
B 2 120 PHE 120 120 120 PHE PHE A . n 
B 2 121 ASP 121 121 121 ASP ASP A . n 
B 2 122 ALA 122 122 122 ALA ALA A . n 
B 2 123 SER 123 123 123 SER SER A . n 
B 2 124 VAL 124 124 124 VAL VAL A . n 
# 
loop_
_software.name 
_software.classification 
_software.version 
_software.citation_id 
_software.pdbx_ordinal 
ORESTES 'data collection' . ? 1 
TNT     refinement        . ? 2 
ORESTES 'data reduction'  . ? 3 
# 
_cell.entry_id           1RBJ 
_cell.length_a           44.450 
_cell.length_b           44.450 
_cell.length_c           156.500 
_cell.angle_alpha        90.00 
_cell.angle_beta         90.00 
_cell.angle_gamma        90.00 
_cell.Z_PDB              8 
_cell.pdbx_unique_axis   ? 
# 
_symmetry.entry_id                         1RBJ 
_symmetry.space_group_name_H-M             'P 41 21 2' 
_symmetry.pdbx_full_space_group_name_H-M   ? 
_symmetry.cell_setting                     ? 
_symmetry.Int_Tables_number                92 
# 
_exptl.entry_id          1RBJ 
_exptl.method            'X-RAY DIFFRACTION' 
_exptl.crystals_number   ? 
# 
_exptl_crystal.id                    1 
_exptl_crystal.density_meas          ? 
_exptl_crystal.density_Matthews      2.58 
_exptl_crystal.density_percent_sol   52.0000 
_exptl_crystal.description           ? 
# 
_exptl_crystal_grow.crystal_id      1 
_exptl_crystal_grow.method          'VAPOR DIFFUSION' 
_exptl_crystal_grow.temp            277.00 
_exptl_crystal_grow.temp_details    ? 
_exptl_crystal_grow.pH              ? 
_exptl_crystal_grow.pdbx_details    'VAPOR DIFFUSION, temperature 277.00K' 
_exptl_crystal_grow.pdbx_pH_range   ? 
# 
_diffrn.id                     1 
_diffrn.ambient_temp           ? 
_diffrn.ambient_temp_details   ? 
_diffrn.crystal_id             1 
# 
_diffrn_detector.diffrn_id              1 
_diffrn_detector.detector               DIFFRACTOMETER 
_diffrn_detector.type                   'ENRAF-NONIUS CAD4' 
_diffrn_detector.pdbx_collection_date   1984-09-11 
_diffrn_detector.details                ? 
# 
_diffrn_radiation.diffrn_id                        1 
_diffrn_radiation.wavelength_id                    1 
_diffrn_radiation.pdbx_monochromatic_or_laue_m_l   M 
_diffrn_radiation.monochromator                    ? 
_diffrn_radiation.pdbx_diffrn_protocol             'SINGLE WAVELENGTH' 
_diffrn_radiation.pdbx_scattering_type             x-ray 
# 
_diffrn_radiation_wavelength.id           1 
_diffrn_radiation_wavelength.wavelength   1.54 
_diffrn_radiation_wavelength.wt           1.0 
# 
_diffrn_source.diffrn_id                   1 
_diffrn_source.source                      ? 
_diffrn_source.type                        ? 
_diffrn_source.pdbx_synchrotron_site       ? 
_diffrn_source.pdbx_synchrotron_beamline   ? 
_diffrn_source.pdbx_wavelength             1.54 
_diffrn_source.pdbx_wavelength_list        ? 
# 
_reflns.entry_id                     1RBJ 
_reflns.observed_criterion_sigma_I   ? 
_reflns.observed_criterion_sigma_F   ? 
_reflns.d_resolution_low             ? 
_reflns.d_resolution_high            2.600 
_reflns.number_obs                   3431 
_reflns.number_all                   ? 
_reflns.percent_possible_obs         69.500 
_reflns.pdbx_Rmerge_I_obs            0.04 
_reflns.pdbx_Rsym_value              ? 
_reflns.pdbx_netI_over_sigmaI        ? 
_reflns.B_iso_Wilson_estimate        ? 
_reflns.pdbx_redundancy              2.000 
_reflns.R_free_details               ? 
_reflns.pdbx_diffrn_id               1 
_reflns.pdbx_ordinal                 1 
# 
_refine.entry_id                                 1RBJ 
_refine.ls_number_reflns_obs                     3071 
_refine.ls_number_reflns_all                     ? 
_refine.pdbx_ls_sigma_I                          ? 
_refine.pdbx_ls_sigma_F                          0.000 
_refine.pdbx_data_cutoff_high_absF               ? 
_refine.pdbx_data_cutoff_low_absF                ? 
_refine.pdbx_data_cutoff_high_rms_absF           ? 
_refine.ls_d_res_low                             8.000 
_refine.ls_d_res_high                            2.700 
_refine.ls_percent_reflns_obs                    ? 
_refine.ls_R_factor_obs                          0.163 
_refine.ls_R_factor_all                          ? 
_refine.ls_R_factor_R_work                       ? 
_refine.ls_R_factor_R_free                       ? 
_refine.ls_R_factor_R_free_error                 ? 
_refine.ls_R_factor_R_free_error_details         ? 
_refine.ls_percent_reflns_R_free                 ? 
_refine.ls_number_reflns_R_free                  ? 
_refine.ls_number_parameters                     ? 
_refine.ls_number_restraints                     ? 
_refine.occupancy_min                            ? 
_refine.occupancy_max                            ? 
_refine.B_iso_mean                               15.40 
_refine.aniso_B[1][1]                            ? 
_refine.aniso_B[2][2]                            ? 
_refine.aniso_B[3][3]                            ? 
_refine.aniso_B[1][2]                            ? 
_refine.aniso_B[1][3]                            ? 
_refine.aniso_B[2][3]                            ? 
_refine.solvent_model_details                    ? 
_refine.solvent_model_param_ksol                 ? 
_refine.solvent_model_param_bsol                 ? 
_refine.pdbx_ls_cross_valid_method               ? 
_refine.details                                  ? 
_refine.pdbx_starting_model                      ? 
_refine.pdbx_method_to_determine_struct          ? 
_refine.pdbx_isotropic_thermal_model             ? 
_refine.pdbx_stereochemistry_target_values       ? 
_refine.pdbx_stereochem_target_val_spec_case     ? 
_refine.pdbx_R_Free_selection_details            ? 
_refine.pdbx_overall_ESU_R                       ? 
_refine.pdbx_overall_ESU_R_Free                  ? 
_refine.overall_SU_ML                            ? 
_refine.overall_SU_B                             ? 
_refine.ls_redundancy_reflns_obs                 ? 
_refine.correlation_coeff_Fo_to_Fc               ? 
_refine.correlation_coeff_Fo_to_Fc_free          ? 
_refine.overall_SU_R_Cruickshank_DPI             ? 
_refine.overall_SU_R_free                        ? 
_refine.pdbx_refine_id                           'X-RAY DIFFRACTION' 
_refine.pdbx_diffrn_id                           1 
_refine.pdbx_TLS_residual_ADP_flag               ? 
_refine.pdbx_solvent_vdw_probe_radii             ? 
_refine.pdbx_solvent_ion_probe_radii             ? 
_refine.pdbx_solvent_shrinkage_radii             ? 
_refine.pdbx_overall_phase_error                 ? 
_refine.pdbx_overall_SU_R_free_Cruickshank_DPI   ? 
_refine.pdbx_overall_SU_R_Blow_DPI               ? 
_refine.pdbx_overall_SU_R_free_Blow_DPI          ? 
# 
_refine_analyze.entry_id                        1RBJ 
_refine_analyze.Luzzati_coordinate_error_obs    0.23 
_refine_analyze.Luzzati_sigma_a_obs             ? 
_refine_analyze.Luzzati_d_res_low_obs           ? 
_refine_analyze.Luzzati_coordinate_error_free   ? 
_refine_analyze.Luzzati_sigma_a_free            ? 
_refine_analyze.Luzzati_d_res_low_free          ? 
_refine_analyze.number_disordered_residues      ? 
_refine_analyze.occupancy_sum_hydrogen          ? 
_refine_analyze.occupancy_sum_non_hydrogen      ? 
_refine_analyze.pdbx_refine_id                  'X-RAY DIFFRACTION' 
# 
_refine_hist.pdbx_refine_id                   'X-RAY DIFFRACTION' 
_refine_hist.cycle_id                         LAST 
_refine_hist.pdbx_number_atoms_protein        951 
_refine_hist.pdbx_number_atoms_nucleic_acid   84 
_refine_hist.pdbx_number_atoms_ligand         0 
_refine_hist.number_atoms_solvent             0 
_refine_hist.number_atoms_total               1035 
_refine_hist.d_res_high                       2.700 
_refine_hist.d_res_low                        8.000 
# 
loop_
_refine_ls_restr.type 
_refine_ls_restr.dev_ideal 
_refine_ls_restr.dev_ideal_target 
_refine_ls_restr.weight 
_refine_ls_restr.number 
_refine_ls_restr.pdbx_refine_id 
_refine_ls_restr.pdbx_restraint_function 
t_bond_d           0.020 ? 0.020 ? 'X-RAY DIFFRACTION' ? 
t_angle_deg        2.982 ? 3.000 ? 'X-RAY DIFFRACTION' ? 
t_dihedral_angle_d ?     ? ?     ? 'X-RAY DIFFRACTION' ? 
t_incorr_chiral_ct ?     ? ?     ? 'X-RAY DIFFRACTION' ? 
t_pseud_angle      ?     ? ?     ? 'X-RAY DIFFRACTION' ? 
t_trig_c_planes    ?     ? ?     ? 'X-RAY DIFFRACTION' ? 
t_gen_planes       0.020 ? 0.020 ? 'X-RAY DIFFRACTION' ? 
t_it               2.190 ? ?     ? 'X-RAY DIFFRACTION' ? 
t_nbd              0.083 ? 0.100 ? 'X-RAY DIFFRACTION' ? 
# 
_struct.entry_id                  1RBJ 
_struct.title                     'RIBONUCLEASE B COMPLEX WITH D(TETRA-(DEOXY-ADENYLATE))' 
_struct.pdbx_model_details        ? 
_struct.pdbx_CASP_flag            ? 
_struct.pdbx_model_type_details   ? 
# 
_struct_keywords.entry_id        1RBJ 
_struct_keywords.pdbx_keywords   HYDROLASE/DNA 
_struct_keywords.text            'PROTEIN-DNA COMPLEX, HYDROLASE-DNA COMPLEX' 
# 
loop_
_struct_asym.id 
_struct_asym.pdbx_blank_PDB_chainid_flag 
_struct_asym.pdbx_modified 
_struct_asym.entity_id 
_struct_asym.details 
A N N 1 ? 
B N N 2 ? 
# 
loop_
_struct_ref.id 
_struct_ref.db_name 
_struct_ref.db_code 
_struct_ref.entity_id 
_struct_ref.pdbx_db_accession 
_struct_ref.pdbx_align_begin 
_struct_ref.pdbx_seq_one_letter_code 
_struct_ref.pdbx_db_isoform 
1 UNP RNAS1_BOVIN 2 P61823 ? ? ? 
2 PDB 1RBJ        1 1RBJ   ? ? ? 
# 
loop_
_struct_ref_seq.align_id 
_struct_ref_seq.ref_id 
_struct_ref_seq.pdbx_PDB_id_code 
_struct_ref_seq.pdbx_strand_id 
_struct_ref_seq.seq_align_beg 
_struct_ref_seq.pdbx_seq_align_beg_ins_code 
_struct_ref_seq.seq_align_end 
_struct_ref_seq.pdbx_seq_align_end_ins_code 
_struct_ref_seq.pdbx_db_accession 
_struct_ref_seq.db_align_beg 
_struct_ref_seq.pdbx_db_align_beg_ins_code 
_struct_ref_seq.db_align_end 
_struct_ref_seq.pdbx_db_align_end_ins_code 
_struct_ref_seq.pdbx_auth_seq_align_beg 
_struct_ref_seq.pdbx_auth_seq_align_end 
1 1 1RBJ A 1 ? 124 ? P61823 27  ? 150 ? 1   124 
2 2 1RBJ B 1 ? 4   ? 1RBJ   201 ? 204 ? 201 204 
# 
_pdbx_struct_assembly.id                   1 
_pdbx_struct_assembly.details              author_defined_assembly 
_pdbx_struct_assembly.method_details       ? 
_pdbx_struct_assembly.oligomeric_details   dimeric 
_pdbx_struct_assembly.oligomeric_count     2 
# 
_pdbx_struct_assembly_gen.assembly_id       1 
_pdbx_struct_assembly_gen.oper_expression   1 
_pdbx_struct_assembly_gen.asym_id_list      A,B 
# 
_pdbx_struct_oper_list.id                   1 
_pdbx_struct_oper_list.type                 'identity operation' 
_pdbx_struct_oper_list.name                 1_555 
_pdbx_struct_oper_list.symmetry_operation   x,y,z 
_pdbx_struct_oper_list.matrix[1][1]         1.0000000000 
_pdbx_struct_oper_list.matrix[1][2]         0.0000000000 
_pdbx_struct_oper_list.matrix[1][3]         0.0000000000 
_pdbx_struct_oper_list.vector[1]            0.0000000000 
_pdbx_struct_oper_list.matrix[2][1]         0.0000000000 
_pdbx_struct_oper_list.matrix[2][2]         1.0000000000 
_pdbx_struct_oper_list.matrix[2][3]         0.0000000000 
_pdbx_struct_oper_list.vector[2]            0.0000000000 
_pdbx_struct_oper_list.matrix[3][1]         0.0000000000 
_pdbx_struct_oper_list.matrix[3][2]         0.0000000000 
_pdbx_struct_oper_list.matrix[3][3]         1.0000000000 
_pdbx_struct_oper_list.vector[3]            0.0000000000 
# 
_struct_biol.id                    1 
_struct_biol.pdbx_parent_biol_id   ? 
_struct_biol.details               ? 
# 
loop_
_struct_conf.conf_type_id 
_struct_conf.id 
_struct_conf.pdbx_PDB_helix_id 
_struct_conf.beg_label_comp_id 
_struct_conf.beg_label_asym_id 
_struct_conf.beg_label_seq_id 
_struct_conf.pdbx_beg_PDB_ins_code 
_struct_conf.end_label_comp_id 
_struct_conf.end_label_asym_id 
_struct_conf.end_label_seq_id 
_struct_conf.pdbx_end_PDB_ins_code 
_struct_conf.beg_auth_comp_id 
_struct_conf.beg_auth_asym_id 
_struct_conf.beg_auth_seq_id 
_struct_conf.end_auth_comp_id 
_struct_conf.end_auth_asym_id 
_struct_conf.end_auth_seq_id 
_struct_conf.pdbx_PDB_helix_class 
_struct_conf.details 
_struct_conf.pdbx_PDB_helix_length 
HELX_P HELX_P1 1 ALA B 4  ? HIS B 12 ? ALA A 4  HIS A 12 1 ? 9 
HELX_P HELX_P2 2 TYR B 25 ? SER B 32 ? TYR A 25 SER A 32 1 ? 8 
HELX_P HELX_P3 3 LEU B 51 ? VAL B 54 ? LEU A 51 VAL A 54 1 ? 4 
HELX_P HELX_P4 4 ALA B 56 ? SER B 59 ? ALA A 56 SER A 59 5 ? 4 
# 
_struct_conf_type.id          HELX_P 
_struct_conf_type.criteria    ? 
_struct_conf_type.reference   ? 
# 
loop_
_struct_conn.id 
_struct_conn.conn_type_id 
_struct_conn.pdbx_leaving_atom_flag 
_struct_conn.pdbx_PDB_id 
_struct_conn.ptnr1_label_asym_id 
_struct_conn.ptnr1_label_comp_id 
_struct_conn.ptnr1_label_seq_id 
_struct_conn.ptnr1_label_atom_id 
_struct_conn.pdbx_ptnr1_label_alt_id 
_struct_conn.pdbx_ptnr1_PDB_ins_code 
_struct_conn.pdbx_ptnr1_standard_comp_id 
_struct_conn.ptnr1_symmetry 
_struct_conn.ptnr2_label_asym_id 
_struct_conn.ptnr2_label_comp_id 
_struct_conn.ptnr2_label_seq_id 
_struct_conn.ptnr2_label_atom_id 
_struct_conn.pdbx_ptnr2_label_alt_id 
_struct_conn.pdbx_ptnr2_PDB_ins_code 
_struct_conn.ptnr1_auth_asym_id 
_struct_conn.ptnr1_auth_comp_id 
_struct_conn.ptnr1_auth_seq_id 
_struct_conn.ptnr2_auth_asym_id 
_struct_conn.ptnr2_auth_comp_id 
_struct_conn.ptnr2_auth_seq_id 
_struct_conn.ptnr2_symmetry 
_struct_conn.pdbx_ptnr3_label_atom_id 
_struct_conn.pdbx_ptnr3_label_seq_id 
_struct_conn.pdbx_ptnr3_label_comp_id 
_struct_conn.pdbx_ptnr3_label_asym_id 
_struct_conn.pdbx_ptnr3_label_alt_id 
_struct_conn.pdbx_ptnr3_PDB_ins_code 
_struct_conn.details 
_struct_conn.pdbx_dist_value 
_struct_conn.pdbx_value_order 
_struct_conn.pdbx_role 
disulf1 disulf ? ? B CYS 26 SG ? ? ? 1_555 B CYS 84  SG ? ? A CYS 26 A CYS 84  1_555 ? ? ? ? ? ? ? 1.893 ? ? 
disulf2 disulf ? ? B CYS 40 SG ? ? ? 1_555 B CYS 95  SG ? ? A CYS 40 A CYS 95  1_555 ? ? ? ? ? ? ? 2.041 ? ? 
disulf3 disulf ? ? B CYS 58 SG ? ? ? 1_555 B CYS 110 SG ? ? A CYS 58 A CYS 110 1_555 ? ? ? ? ? ? ? 1.894 ? ? 
disulf4 disulf ? ? B CYS 65 SG ? ? ? 1_555 B CYS 72  SG ? ? A CYS 65 A CYS 72  1_555 ? ? ? ? ? ? ? 1.985 ? ? 
# 
_struct_conn_type.id          disulf 
_struct_conn_type.criteria    ? 
_struct_conn_type.reference   ? 
# 
loop_
_pdbx_modification_feature.ordinal 
_pdbx_modification_feature.label_comp_id 
_pdbx_modification_feature.label_asym_id 
_pdbx_modification_feature.label_seq_id 
_pdbx_modification_feature.label_alt_id 
_pdbx_modification_feature.modified_residue_label_comp_id 
_pdbx_modification_feature.modified_residue_label_asym_id 
_pdbx_modification_feature.modified_residue_label_seq_id 
_pdbx_modification_feature.modified_residue_label_alt_id 
_pdbx_modification_feature.auth_comp_id 
_pdbx_modification_feature.auth_asym_id 
_pdbx_modification_feature.auth_seq_id 
_pdbx_modification_feature.PDB_ins_code 
_pdbx_modification_feature.symmetry 
_pdbx_modification_feature.modified_residue_auth_comp_id 
_pdbx_modification_feature.modified_residue_auth_asym_id 
_pdbx_modification_feature.modified_residue_auth_seq_id 
_pdbx_modification_feature.modified_residue_PDB_ins_code 
_pdbx_modification_feature.modified_residue_symmetry 
_pdbx_modification_feature.comp_id_linking_atom 
_pdbx_modification_feature.modified_residue_id_linking_atom 
_pdbx_modification_feature.modified_residue_id 
_pdbx_modification_feature.ref_pcm_id 
_pdbx_modification_feature.ref_comp_id 
_pdbx_modification_feature.type 
_pdbx_modification_feature.category 
1 CYS B 26 ? CYS B 84  ? CYS A 26 ? 1_555 CYS A 84  ? 1_555 SG SG . . . None 'Disulfide bridge' 
2 CYS B 40 ? CYS B 95  ? CYS A 40 ? 1_555 CYS A 95  ? 1_555 SG SG . . . None 'Disulfide bridge' 
3 CYS B 58 ? CYS B 110 ? CYS A 58 ? 1_555 CYS A 110 ? 1_555 SG SG . . . None 'Disulfide bridge' 
4 CYS B 65 ? CYS B 72  ? CYS A 65 ? 1_555 CYS A 72  ? 1_555 SG SG . . . None 'Disulfide bridge' 
# 
loop_
_struct_mon_prot_cis.pdbx_id 
_struct_mon_prot_cis.label_comp_id 
_struct_mon_prot_cis.label_seq_id 
_struct_mon_prot_cis.label_asym_id 
_struct_mon_prot_cis.label_alt_id 
_struct_mon_prot_cis.pdbx_PDB_ins_code 
_struct_mon_prot_cis.auth_comp_id 
_struct_mon_prot_cis.auth_seq_id 
_struct_mon_prot_cis.auth_asym_id 
_struct_mon_prot_cis.pdbx_label_comp_id_2 
_struct_mon_prot_cis.pdbx_label_seq_id_2 
_struct_mon_prot_cis.pdbx_label_asym_id_2 
_struct_mon_prot_cis.pdbx_PDB_ins_code_2 
_struct_mon_prot_cis.pdbx_auth_comp_id_2 
_struct_mon_prot_cis.pdbx_auth_seq_id_2 
_struct_mon_prot_cis.pdbx_auth_asym_id_2 
_struct_mon_prot_cis.pdbx_PDB_model_num 
_struct_mon_prot_cis.pdbx_omega_angle 
1 TYR 92  B . ? TYR 92  A PRO 93  B ? PRO 93  A 1 0.50 
2 ASN 113 B . ? ASN 113 A PRO 114 B ? PRO 114 A 1 7.26 
# 
loop_
_struct_sheet.id 
_struct_sheet.type 
_struct_sheet.number_strands 
_struct_sheet.details 
A ? 3 ? 
B ? 4 ? 
# 
loop_
_struct_sheet_order.sheet_id 
_struct_sheet_order.range_id_1 
_struct_sheet_order.range_id_2 
_struct_sheet_order.offset 
_struct_sheet_order.sense 
A 1 2 ? anti-parallel 
A 2 3 ? anti-parallel 
B 1 2 ? anti-parallel 
B 2 3 ? anti-parallel 
B 3 4 ? anti-parallel 
# 
loop_
_struct_sheet_range.sheet_id 
_struct_sheet_range.id 
_struct_sheet_range.beg_label_comp_id 
_struct_sheet_range.beg_label_asym_id 
_struct_sheet_range.beg_label_seq_id 
_struct_sheet_range.pdbx_beg_PDB_ins_code 
_struct_sheet_range.end_label_comp_id 
_struct_sheet_range.end_label_asym_id 
_struct_sheet_range.end_label_seq_id 
_struct_sheet_range.pdbx_end_PDB_ins_code 
_struct_sheet_range.beg_auth_comp_id 
_struct_sheet_range.beg_auth_asym_id 
_struct_sheet_range.beg_auth_seq_id 
_struct_sheet_range.end_auth_comp_id 
_struct_sheet_range.end_auth_asym_id 
_struct_sheet_range.end_auth_seq_id 
A 1 VAL B 43  ? VAL B 47  ? VAL A 43  VAL A 47  
A 2 MET B 79  ? GLU B 86  ? MET A 79  GLU A 86  
A 3 TYR B 97  ? LYS B 104 ? TYR A 97  LYS A 104 
B 1 LYS B 61  ? VAL B 63  ? LYS A 61  VAL A 63  
B 2 CYS B 72  ? GLN B 74  ? CYS A 72  GLN A 74  
B 3 HIS B 105 ? ALA B 109 ? HIS A 105 ALA A 109 
B 4 HIS B 119 ? VAL B 124 ? HIS A 119 VAL A 124 
# 
loop_
_pdbx_struct_sheet_hbond.sheet_id 
_pdbx_struct_sheet_hbond.range_id_1 
_pdbx_struct_sheet_hbond.range_id_2 
_pdbx_struct_sheet_hbond.range_1_label_atom_id 
_pdbx_struct_sheet_hbond.range_1_label_comp_id 
_pdbx_struct_sheet_hbond.range_1_label_asym_id 
_pdbx_struct_sheet_hbond.range_1_label_seq_id 
_pdbx_struct_sheet_hbond.range_1_PDB_ins_code 
_pdbx_struct_sheet_hbond.range_1_auth_atom_id 
_pdbx_struct_sheet_hbond.range_1_auth_comp_id 
_pdbx_struct_sheet_hbond.range_1_auth_asym_id 
_pdbx_struct_sheet_hbond.range_1_auth_seq_id 
_pdbx_struct_sheet_hbond.range_2_label_atom_id 
_pdbx_struct_sheet_hbond.range_2_label_comp_id 
_pdbx_struct_sheet_hbond.range_2_label_asym_id 
_pdbx_struct_sheet_hbond.range_2_label_seq_id 
_pdbx_struct_sheet_hbond.range_2_PDB_ins_code 
_pdbx_struct_sheet_hbond.range_2_auth_atom_id 
_pdbx_struct_sheet_hbond.range_2_auth_comp_id 
_pdbx_struct_sheet_hbond.range_2_auth_asym_id 
_pdbx_struct_sheet_hbond.range_2_auth_seq_id 
A 1 2 O ASN B 44  ? O ASN A 44  N CYS B 84  ? N CYS A 84  
A 2 3 O MET B 79  ? O MET A 79  N LYS B 104 ? N LYS A 104 
B 1 2 O LYS B 61  ? O LYS A 61  N GLN B 74  ? N GLN A 74  
B 2 3 O TYR B 73  ? O TYR A 73  N VAL B 108 ? N VAL A 108 
B 3 4 O HIS B 105 ? O HIS A 105 N VAL B 124 ? N VAL A 124 
# 
_pdbx_entry_details.entry_id                   1RBJ 
_pdbx_entry_details.compound_details           ? 
_pdbx_entry_details.source_details             ? 
_pdbx_entry_details.nonpolymer_details         ? 
_pdbx_entry_details.sequence_details           ? 
_pdbx_entry_details.has_ligand_of_interest     ? 
_pdbx_entry_details.has_protein_modification   Y 
# 
loop_
_pdbx_validate_close_contact.id 
_pdbx_validate_close_contact.PDB_model_num 
_pdbx_validate_close_contact.auth_atom_id_1 
_pdbx_validate_close_contact.auth_asym_id_1 
_pdbx_validate_close_contact.auth_comp_id_1 
_pdbx_validate_close_contact.auth_seq_id_1 
_pdbx_validate_close_contact.PDB_ins_code_1 
_pdbx_validate_close_contact.label_alt_id_1 
_pdbx_validate_close_contact.auth_atom_id_2 
_pdbx_validate_close_contact.auth_asym_id_2 
_pdbx_validate_close_contact.auth_comp_id_2 
_pdbx_validate_close_contact.auth_seq_id_2 
_pdbx_validate_close_contact.PDB_ins_code_2 
_pdbx_validate_close_contact.label_alt_id_2 
_pdbx_validate_close_contact.dist 
1 1 N6 B DA  201 ? ? OG1 A THR 45 ? ? 2.17 
2 1 O  A LYS 41  ? ? OH  A TYR 97 ? ? 2.19 
# 
loop_
_pdbx_validate_rmsd_bond.id 
_pdbx_validate_rmsd_bond.PDB_model_num 
_pdbx_validate_rmsd_bond.auth_atom_id_1 
_pdbx_validate_rmsd_bond.auth_asym_id_1 
_pdbx_validate_rmsd_bond.auth_comp_id_1 
_pdbx_validate_rmsd_bond.auth_seq_id_1 
_pdbx_validate_rmsd_bond.PDB_ins_code_1 
_pdbx_validate_rmsd_bond.label_alt_id_1 
_pdbx_validate_rmsd_bond.auth_atom_id_2 
_pdbx_validate_rmsd_bond.auth_asym_id_2 
_pdbx_validate_rmsd_bond.auth_comp_id_2 
_pdbx_validate_rmsd_bond.auth_seq_id_2 
_pdbx_validate_rmsd_bond.PDB_ins_code_2 
_pdbx_validate_rmsd_bond.label_alt_id_2 
_pdbx_validate_rmsd_bond.bond_value 
_pdbx_validate_rmsd_bond.bond_target_value 
_pdbx_validate_rmsd_bond.bond_deviation 
_pdbx_validate_rmsd_bond.bond_standard_deviation 
_pdbx_validate_rmsd_bond.linker_flag 
1 1 N3 B DA  202 ? ? C4  B DA  202 ? ? 1.291 1.344 -0.053 0.006 N 
2 1 C4 B DA  202 ? ? C5  B DA  202 ? ? 1.332 1.383 -0.051 0.007 N 
3 1 CD A GLU 2   ? ? OE2 A GLU 2   ? ? 1.323 1.252 0.071  0.011 N 
4 1 CD A GLU 86  ? ? OE1 A GLU 86  ? ? 1.351 1.252 0.099  0.011 N 
5 1 CD A GLU 111 ? ? OE1 A GLU 111 ? ? 1.319 1.252 0.067  0.011 N 
# 
loop_
_pdbx_validate_rmsd_angle.id 
_pdbx_validate_rmsd_angle.PDB_model_num 
_pdbx_validate_rmsd_angle.auth_atom_id_1 
_pdbx_validate_rmsd_angle.auth_asym_id_1 
_pdbx_validate_rmsd_angle.auth_comp_id_1 
_pdbx_validate_rmsd_angle.auth_seq_id_1 
_pdbx_validate_rmsd_angle.PDB_ins_code_1 
_pdbx_validate_rmsd_angle.label_alt_id_1 
_pdbx_validate_rmsd_angle.auth_atom_id_2 
_pdbx_validate_rmsd_angle.auth_asym_id_2 
_pdbx_validate_rmsd_angle.auth_comp_id_2 
_pdbx_validate_rmsd_angle.auth_seq_id_2 
_pdbx_validate_rmsd_angle.PDB_ins_code_2 
_pdbx_validate_rmsd_angle.label_alt_id_2 
_pdbx_validate_rmsd_angle.auth_atom_id_3 
_pdbx_validate_rmsd_angle.auth_asym_id_3 
_pdbx_validate_rmsd_angle.auth_comp_id_3 
_pdbx_validate_rmsd_angle.auth_seq_id_3 
_pdbx_validate_rmsd_angle.PDB_ins_code_3 
_pdbx_validate_rmsd_angle.label_alt_id_3 
_pdbx_validate_rmsd_angle.angle_value 
_pdbx_validate_rmsd_angle.angle_target_value 
_pdbx_validate_rmsd_angle.angle_deviation 
_pdbx_validate_rmsd_angle.angle_standard_deviation 
_pdbx_validate_rmsd_angle.linker_flag 
1  1 P     B DA  201 ? ? "O5'" B DA  201 ? ? "C5'" B DA  201 ? ? 110.39 120.90 -10.51 1.60 N 
2  1 C8    B DA  201 ? ? N9    B DA  201 ? ? "C1'" B DA  201 ? ? 91.34  127.70 -36.36 1.80 N 
3  1 C4    B DA  201 ? ? N9    B DA  201 ? ? "C1'" B DA  201 ? ? 161.06 126.30 34.76  1.80 N 
4  1 "O4'" B DA  202 ? ? "C4'" B DA  202 ? ? "C3'" B DA  202 ? ? 98.09  104.50 -6.41  0.40 N 
5  1 "O4'" B DA  202 ? ? "C1'" B DA  202 ? ? N9    B DA  202 ? ? 112.01 108.30 3.71   0.30 N 
6  1 C8    B DA  202 ? ? N9    B DA  202 ? ? "C1'" B DA  202 ? ? 143.79 127.70 16.09  1.80 N 
7  1 C4    B DA  202 ? ? N9    B DA  202 ? ? "C1'" B DA  202 ? ? 111.50 126.30 -14.80 1.80 N 
8  1 "C3'" B DA  202 ? ? "O3'" B DA  202 ? ? P     B DA  203 ? ? 132.37 119.70 12.67  1.20 Y 
9  1 C8    B DA  203 ? ? N9    B DA  203 ? ? "C1'" B DA  203 ? ? 142.71 127.70 15.01  1.80 N 
10 1 C4    B DA  203 ? ? N9    B DA  203 ? ? "C1'" B DA  203 ? ? 108.75 126.30 -17.55 1.80 N 
11 1 "C3'" B DA  203 ? ? "O3'" B DA  203 ? ? P     B DA  204 ? ? 127.49 119.70 7.79   1.20 Y 
12 1 "C1'" B DA  204 ? ? "O4'" B DA  204 ? ? "C4'" B DA  204 ? ? 99.59  110.10 -10.51 1.00 N 
13 1 "O4'" B DA  204 ? ? "C1'" B DA  204 ? ? N9    B DA  204 ? ? 110.77 108.30 2.47   0.30 N 
14 1 C8    B DA  204 ? ? N9    B DA  204 ? ? "C1'" B DA  204 ? ? 113.97 127.70 -13.73 1.80 N 
15 1 N     A SER 22  ? ? CA    A SER 22  ? ? CB    A SER 22  ? ? 101.48 110.50 -9.02  1.50 N 
16 1 CB    A TYR 25  ? ? CG    A TYR 25  ? ? CD1   A TYR 25  ? ? 117.03 121.00 -3.97  0.60 N 
17 1 CB    A ASP 53  ? ? CG    A ASP 53  ? ? OD1   A ASP 53  ? ? 112.82 118.30 -5.48  0.90 N 
18 1 CB    A ASP 83  ? ? CG    A ASP 83  ? ? OD1   A ASP 83  ? ? 111.79 118.30 -6.51  0.90 N 
19 1 CB    A ASP 121 ? ? CG    A ASP 121 ? ? OD2   A ASP 121 ? ? 112.32 118.30 -5.98  0.90 N 
# 
loop_
_pdbx_validate_torsion.id 
_pdbx_validate_torsion.PDB_model_num 
_pdbx_validate_torsion.auth_comp_id 
_pdbx_validate_torsion.auth_asym_id 
_pdbx_validate_torsion.auth_seq_id 
_pdbx_validate_torsion.PDB_ins_code 
_pdbx_validate_torsion.label_alt_id 
_pdbx_validate_torsion.phi 
_pdbx_validate_torsion.psi 
1  1 ALA A 19  ? ? -170.54 -179.77 
2  1 ARG A 33  ? ? -78.88  25.13   
3  1 LYS A 37  ? ? -16.84  -88.95  
4  1 ARG A 39  ? ? 164.72  172.91  
5  1 VAL A 57  ? ? -44.40  -18.88  
6  1 GLN A 60  ? ? -110.76 -168.87 
7  1 ASN A 71  ? ? -100.90 56.01   
8  1 SER A 77  ? ? -83.00  -157.84 
9  1 SER A 89  ? ? -144.49 -1.53   
10 1 GLU A 111 ? ? -176.01 143.50  
11 1 VAL A 118 ? ? -142.67 -2.92   
# 
_pdbx_validate_chiral.id              1 
_pdbx_validate_chiral.PDB_model_num   1 
_pdbx_validate_chiral.auth_atom_id    CA 
_pdbx_validate_chiral.label_alt_id    ? 
_pdbx_validate_chiral.auth_asym_id    A 
_pdbx_validate_chiral.auth_comp_id    ASN 
_pdbx_validate_chiral.auth_seq_id     94 
_pdbx_validate_chiral.PDB_ins_code    ? 
_pdbx_validate_chiral.details         PLANAR 
_pdbx_validate_chiral.omega           . 
# 
loop_
_pdbx_validate_planes.id 
_pdbx_validate_planes.PDB_model_num 
_pdbx_validate_planes.auth_comp_id 
_pdbx_validate_planes.auth_asym_id 
_pdbx_validate_planes.auth_seq_id 
_pdbx_validate_planes.PDB_ins_code 
_pdbx_validate_planes.label_alt_id 
_pdbx_validate_planes.rmsd 
_pdbx_validate_planes.type 
1 1 DA B 203 ? ? 0.078 'SIDE CHAIN' 
2 1 DA B 204 ? ? 0.216 'SIDE CHAIN' 
# 
loop_
_chem_comp_atom.comp_id 
_chem_comp_atom.atom_id 
_chem_comp_atom.type_symbol 
_chem_comp_atom.pdbx_aromatic_flag 
_chem_comp_atom.pdbx_stereo_config 
_chem_comp_atom.pdbx_ordinal 
ALA N      N N N 1   
ALA CA     C N S 2   
ALA C      C N N 3   
ALA O      O N N 4   
ALA CB     C N N 5   
ALA OXT    O N N 6   
ALA H      H N N 7   
ALA H2     H N N 8   
ALA HA     H N N 9   
ALA HB1    H N N 10  
ALA HB2    H N N 11  
ALA HB3    H N N 12  
ALA HXT    H N N 13  
ARG N      N N N 14  
ARG CA     C N S 15  
ARG C      C N N 16  
ARG O      O N N 17  
ARG CB     C N N 18  
ARG CG     C N N 19  
ARG CD     C N N 20  
ARG NE     N N N 21  
ARG CZ     C N N 22  
ARG NH1    N N N 23  
ARG NH2    N N N 24  
ARG OXT    O N N 25  
ARG H      H N N 26  
ARG H2     H N N 27  
ARG HA     H N N 28  
ARG HB2    H N N 29  
ARG HB3    H N N 30  
ARG HG2    H N N 31  
ARG HG3    H N N 32  
ARG HD2    H N N 33  
ARG HD3    H N N 34  
ARG HE     H N N 35  
ARG HH11   H N N 36  
ARG HH12   H N N 37  
ARG HH21   H N N 38  
ARG HH22   H N N 39  
ARG HXT    H N N 40  
ASN N      N N N 41  
ASN CA     C N S 42  
ASN C      C N N 43  
ASN O      O N N 44  
ASN CB     C N N 45  
ASN CG     C N N 46  
ASN OD1    O N N 47  
ASN ND2    N N N 48  
ASN OXT    O N N 49  
ASN H      H N N 50  
ASN H2     H N N 51  
ASN HA     H N N 52  
ASN HB2    H N N 53  
ASN HB3    H N N 54  
ASN HD21   H N N 55  
ASN HD22   H N N 56  
ASN HXT    H N N 57  
ASP N      N N N 58  
ASP CA     C N S 59  
ASP C      C N N 60  
ASP O      O N N 61  
ASP CB     C N N 62  
ASP CG     C N N 63  
ASP OD1    O N N 64  
ASP OD2    O N N 65  
ASP OXT    O N N 66  
ASP H      H N N 67  
ASP H2     H N N 68  
ASP HA     H N N 69  
ASP HB2    H N N 70  
ASP HB3    H N N 71  
ASP HD2    H N N 72  
ASP HXT    H N N 73  
CYS N      N N N 74  
CYS CA     C N R 75  
CYS C      C N N 76  
CYS O      O N N 77  
CYS CB     C N N 78  
CYS SG     S N N 79  
CYS OXT    O N N 80  
CYS H      H N N 81  
CYS H2     H N N 82  
CYS HA     H N N 83  
CYS HB2    H N N 84  
CYS HB3    H N N 85  
CYS HG     H N N 86  
CYS HXT    H N N 87  
DA  OP3    O N N 88  
DA  P      P N N 89  
DA  OP1    O N N 90  
DA  OP2    O N N 91  
DA  "O5'"  O N N 92  
DA  "C5'"  C N N 93  
DA  "C4'"  C N R 94  
DA  "O4'"  O N N 95  
DA  "C3'"  C N S 96  
DA  "O3'"  O N N 97  
DA  "C2'"  C N N 98  
DA  "C1'"  C N R 99  
DA  N9     N Y N 100 
DA  C8     C Y N 101 
DA  N7     N Y N 102 
DA  C5     C Y N 103 
DA  C6     C Y N 104 
DA  N6     N N N 105 
DA  N1     N Y N 106 
DA  C2     C Y N 107 
DA  N3     N Y N 108 
DA  C4     C Y N 109 
DA  HOP3   H N N 110 
DA  HOP2   H N N 111 
DA  "H5'"  H N N 112 
DA  "H5''" H N N 113 
DA  "H4'"  H N N 114 
DA  "H3'"  H N N 115 
DA  "HO3'" H N N 116 
DA  "H2'"  H N N 117 
DA  "H2''" H N N 118 
DA  "H1'"  H N N 119 
DA  H8     H N N 120 
DA  H61    H N N 121 
DA  H62    H N N 122 
DA  H2     H N N 123 
GLN N      N N N 124 
GLN CA     C N S 125 
GLN C      C N N 126 
GLN O      O N N 127 
GLN CB     C N N 128 
GLN CG     C N N 129 
GLN CD     C N N 130 
GLN OE1    O N N 131 
GLN NE2    N N N 132 
GLN OXT    O N N 133 
GLN H      H N N 134 
GLN H2     H N N 135 
GLN HA     H N N 136 
GLN HB2    H N N 137 
GLN HB3    H N N 138 
GLN HG2    H N N 139 
GLN HG3    H N N 140 
GLN HE21   H N N 141 
GLN HE22   H N N 142 
GLN HXT    H N N 143 
GLU N      N N N 144 
GLU CA     C N S 145 
GLU C      C N N 146 
GLU O      O N N 147 
GLU CB     C N N 148 
GLU CG     C N N 149 
GLU CD     C N N 150 
GLU OE1    O N N 151 
GLU OE2    O N N 152 
GLU OXT    O N N 153 
GLU H      H N N 154 
GLU H2     H N N 155 
GLU HA     H N N 156 
GLU HB2    H N N 157 
GLU HB3    H N N 158 
GLU HG2    H N N 159 
GLU HG3    H N N 160 
GLU HE2    H N N 161 
GLU HXT    H N N 162 
GLY N      N N N 163 
GLY CA     C N N 164 
GLY C      C N N 165 
GLY O      O N N 166 
GLY OXT    O N N 167 
GLY H      H N N 168 
GLY H2     H N N 169 
GLY HA2    H N N 170 
GLY HA3    H N N 171 
GLY HXT    H N N 172 
HIS N      N N N 173 
HIS CA     C N S 174 
HIS C      C N N 175 
HIS O      O N N 176 
HIS CB     C N N 177 
HIS CG     C Y N 178 
HIS ND1    N Y N 179 
HIS CD2    C Y N 180 
HIS CE1    C Y N 181 
HIS NE2    N Y N 182 
HIS OXT    O N N 183 
HIS H      H N N 184 
HIS H2     H N N 185 
HIS HA     H N N 186 
HIS HB2    H N N 187 
HIS HB3    H N N 188 
HIS HD1    H N N 189 
HIS HD2    H N N 190 
HIS HE1    H N N 191 
HIS HE2    H N N 192 
HIS HXT    H N N 193 
ILE N      N N N 194 
ILE CA     C N S 195 
ILE C      C N N 196 
ILE O      O N N 197 
ILE CB     C N S 198 
ILE CG1    C N N 199 
ILE CG2    C N N 200 
ILE CD1    C N N 201 
ILE OXT    O N N 202 
ILE H      H N N 203 
ILE H2     H N N 204 
ILE HA     H N N 205 
ILE HB     H N N 206 
ILE HG12   H N N 207 
ILE HG13   H N N 208 
ILE HG21   H N N 209 
ILE HG22   H N N 210 
ILE HG23   H N N 211 
ILE HD11   H N N 212 
ILE HD12   H N N 213 
ILE HD13   H N N 214 
ILE HXT    H N N 215 
LEU N      N N N 216 
LEU CA     C N S 217 
LEU C      C N N 218 
LEU O      O N N 219 
LEU CB     C N N 220 
LEU CG     C N N 221 
LEU CD1    C N N 222 
LEU CD2    C N N 223 
LEU OXT    O N N 224 
LEU H      H N N 225 
LEU H2     H N N 226 
LEU HA     H N N 227 
LEU HB2    H N N 228 
LEU HB3    H N N 229 
LEU HG     H N N 230 
LEU HD11   H N N 231 
LEU HD12   H N N 232 
LEU HD13   H N N 233 
LEU HD21   H N N 234 
LEU HD22   H N N 235 
LEU HD23   H N N 236 
LEU HXT    H N N 237 
LYS N      N N N 238 
LYS CA     C N S 239 
LYS C      C N N 240 
LYS O      O N N 241 
LYS CB     C N N 242 
LYS CG     C N N 243 
LYS CD     C N N 244 
LYS CE     C N N 245 
LYS NZ     N N N 246 
LYS OXT    O N N 247 
LYS H      H N N 248 
LYS H2     H N N 249 
LYS HA     H N N 250 
LYS HB2    H N N 251 
LYS HB3    H N N 252 
LYS HG2    H N N 253 
LYS HG3    H N N 254 
LYS HD2    H N N 255 
LYS HD3    H N N 256 
LYS HE2    H N N 257 
LYS HE3    H N N 258 
LYS HZ1    H N N 259 
LYS HZ2    H N N 260 
LYS HZ3    H N N 261 
LYS HXT    H N N 262 
MET N      N N N 263 
MET CA     C N S 264 
MET C      C N N 265 
MET O      O N N 266 
MET CB     C N N 267 
MET CG     C N N 268 
MET SD     S N N 269 
MET CE     C N N 270 
MET OXT    O N N 271 
MET H      H N N 272 
MET H2     H N N 273 
MET HA     H N N 274 
MET HB2    H N N 275 
MET HB3    H N N 276 
MET HG2    H N N 277 
MET HG3    H N N 278 
MET HE1    H N N 279 
MET HE2    H N N 280 
MET HE3    H N N 281 
MET HXT    H N N 282 
PHE N      N N N 283 
PHE CA     C N S 284 
PHE C      C N N 285 
PHE O      O N N 286 
PHE CB     C N N 287 
PHE CG     C Y N 288 
PHE CD1    C Y N 289 
PHE CD2    C Y N 290 
PHE CE1    C Y N 291 
PHE CE2    C Y N 292 
PHE CZ     C Y N 293 
PHE OXT    O N N 294 
PHE H      H N N 295 
PHE H2     H N N 296 
PHE HA     H N N 297 
PHE HB2    H N N 298 
PHE HB3    H N N 299 
PHE HD1    H N N 300 
PHE HD2    H N N 301 
PHE HE1    H N N 302 
PHE HE2    H N N 303 
PHE HZ     H N N 304 
PHE HXT    H N N 305 
PRO N      N N N 306 
PRO CA     C N S 307 
PRO C      C N N 308 
PRO O      O N N 309 
PRO CB     C N N 310 
PRO CG     C N N 311 
PRO CD     C N N 312 
PRO OXT    O N N 313 
PRO H      H N N 314 
PRO HA     H N N 315 
PRO HB2    H N N 316 
PRO HB3    H N N 317 
PRO HG2    H N N 318 
PRO HG3    H N N 319 
PRO HD2    H N N 320 
PRO HD3    H N N 321 
PRO HXT    H N N 322 
SER N      N N N 323 
SER CA     C N S 324 
SER C      C N N 325 
SER O      O N N 326 
SER CB     C N N 327 
SER OG     O N N 328 
SER OXT    O N N 329 
SER H      H N N 330 
SER H2     H N N 331 
SER HA     H N N 332 
SER HB2    H N N 333 
SER HB3    H N N 334 
SER HG     H N N 335 
SER HXT    H N N 336 
THR N      N N N 337 
THR CA     C N S 338 
THR C      C N N 339 
THR O      O N N 340 
THR CB     C N R 341 
THR OG1    O N N 342 
THR CG2    C N N 343 
THR OXT    O N N 344 
THR H      H N N 345 
THR H2     H N N 346 
THR HA     H N N 347 
THR HB     H N N 348 
THR HG1    H N N 349 
THR HG21   H N N 350 
THR HG22   H N N 351 
THR HG23   H N N 352 
THR HXT    H N N 353 
TYR N      N N N 354 
TYR CA     C N S 355 
TYR C      C N N 356 
TYR O      O N N 357 
TYR CB     C N N 358 
TYR CG     C Y N 359 
TYR CD1    C Y N 360 
TYR CD2    C Y N 361 
TYR CE1    C Y N 362 
TYR CE2    C Y N 363 
TYR CZ     C Y N 364 
TYR OH     O N N 365 
TYR OXT    O N N 366 
TYR H      H N N 367 
TYR H2     H N N 368 
TYR HA     H N N 369 
TYR HB2    H N N 370 
TYR HB3    H N N 371 
TYR HD1    H N N 372 
TYR HD2    H N N 373 
TYR HE1    H N N 374 
TYR HE2    H N N 375 
TYR HH     H N N 376 
TYR HXT    H N N 377 
VAL N      N N N 378 
VAL CA     C N S 379 
VAL C      C N N 380 
VAL O      O N N 381 
VAL CB     C N N 382 
VAL CG1    C N N 383 
VAL CG2    C N N 384 
VAL OXT    O N N 385 
VAL H      H N N 386 
VAL H2     H N N 387 
VAL HA     H N N 388 
VAL HB     H N N 389 
VAL HG11   H N N 390 
VAL HG12   H N N 391 
VAL HG13   H N N 392 
VAL HG21   H N N 393 
VAL HG22   H N N 394 
VAL HG23   H N N 395 
VAL HXT    H N N 396 
# 
loop_
_chem_comp_bond.comp_id 
_chem_comp_bond.atom_id_1 
_chem_comp_bond.atom_id_2 
_chem_comp_bond.value_order 
_chem_comp_bond.pdbx_aromatic_flag 
_chem_comp_bond.pdbx_stereo_config 
_chem_comp_bond.pdbx_ordinal 
ALA N     CA     sing N N 1   
ALA N     H      sing N N 2   
ALA N     H2     sing N N 3   
ALA CA    C      sing N N 4   
ALA CA    CB     sing N N 5   
ALA CA    HA     sing N N 6   
ALA C     O      doub N N 7   
ALA C     OXT    sing N N 8   
ALA CB    HB1    sing N N 9   
ALA CB    HB2    sing N N 10  
ALA CB    HB3    sing N N 11  
ALA OXT   HXT    sing N N 12  
ARG N     CA     sing N N 13  
ARG N     H      sing N N 14  
ARG N     H2     sing N N 15  
ARG CA    C      sing N N 16  
ARG CA    CB     sing N N 17  
ARG CA    HA     sing N N 18  
ARG C     O      doub N N 19  
ARG C     OXT    sing N N 20  
ARG CB    CG     sing N N 21  
ARG CB    HB2    sing N N 22  
ARG CB    HB3    sing N N 23  
ARG CG    CD     sing N N 24  
ARG CG    HG2    sing N N 25  
ARG CG    HG3    sing N N 26  
ARG CD    NE     sing N N 27  
ARG CD    HD2    sing N N 28  
ARG CD    HD3    sing N N 29  
ARG NE    CZ     sing N N 30  
ARG NE    HE     sing N N 31  
ARG CZ    NH1    sing N N 32  
ARG CZ    NH2    doub N N 33  
ARG NH1   HH11   sing N N 34  
ARG NH1   HH12   sing N N 35  
ARG NH2   HH21   sing N N 36  
ARG NH2   HH22   sing N N 37  
ARG OXT   HXT    sing N N 38  
ASN N     CA     sing N N 39  
ASN N     H      sing N N 40  
ASN N     H2     sing N N 41  
ASN CA    C      sing N N 42  
ASN CA    CB     sing N N 43  
ASN CA    HA     sing N N 44  
ASN C     O      doub N N 45  
ASN C     OXT    sing N N 46  
ASN CB    CG     sing N N 47  
ASN CB    HB2    sing N N 48  
ASN CB    HB3    sing N N 49  
ASN CG    OD1    doub N N 50  
ASN CG    ND2    sing N N 51  
ASN ND2   HD21   sing N N 52  
ASN ND2   HD22   sing N N 53  
ASN OXT   HXT    sing N N 54  
ASP N     CA     sing N N 55  
ASP N     H      sing N N 56  
ASP N     H2     sing N N 57  
ASP CA    C      sing N N 58  
ASP CA    CB     sing N N 59  
ASP CA    HA     sing N N 60  
ASP C     O      doub N N 61  
ASP C     OXT    sing N N 62  
ASP CB    CG     sing N N 63  
ASP CB    HB2    sing N N 64  
ASP CB    HB3    sing N N 65  
ASP CG    OD1    doub N N 66  
ASP CG    OD2    sing N N 67  
ASP OD2   HD2    sing N N 68  
ASP OXT   HXT    sing N N 69  
CYS N     CA     sing N N 70  
CYS N     H      sing N N 71  
CYS N     H2     sing N N 72  
CYS CA    C      sing N N 73  
CYS CA    CB     sing N N 74  
CYS CA    HA     sing N N 75  
CYS C     O      doub N N 76  
CYS C     OXT    sing N N 77  
CYS CB    SG     sing N N 78  
CYS CB    HB2    sing N N 79  
CYS CB    HB3    sing N N 80  
CYS SG    HG     sing N N 81  
CYS OXT   HXT    sing N N 82  
DA  OP3   P      sing N N 83  
DA  OP3   HOP3   sing N N 84  
DA  P     OP1    doub N N 85  
DA  P     OP2    sing N N 86  
DA  P     "O5'"  sing N N 87  
DA  OP2   HOP2   sing N N 88  
DA  "O5'" "C5'"  sing N N 89  
DA  "C5'" "C4'"  sing N N 90  
DA  "C5'" "H5'"  sing N N 91  
DA  "C5'" "H5''" sing N N 92  
DA  "C4'" "O4'"  sing N N 93  
DA  "C4'" "C3'"  sing N N 94  
DA  "C4'" "H4'"  sing N N 95  
DA  "O4'" "C1'"  sing N N 96  
DA  "C3'" "O3'"  sing N N 97  
DA  "C3'" "C2'"  sing N N 98  
DA  "C3'" "H3'"  sing N N 99  
DA  "O3'" "HO3'" sing N N 100 
DA  "C2'" "C1'"  sing N N 101 
DA  "C2'" "H2'"  sing N N 102 
DA  "C2'" "H2''" sing N N 103 
DA  "C1'" N9     sing N N 104 
DA  "C1'" "H1'"  sing N N 105 
DA  N9    C8     sing Y N 106 
DA  N9    C4     sing Y N 107 
DA  C8    N7     doub Y N 108 
DA  C8    H8     sing N N 109 
DA  N7    C5     sing Y N 110 
DA  C5    C6     sing Y N 111 
DA  C5    C4     doub Y N 112 
DA  C6    N6     sing N N 113 
DA  C6    N1     doub Y N 114 
DA  N6    H61    sing N N 115 
DA  N6    H62    sing N N 116 
DA  N1    C2     sing Y N 117 
DA  C2    N3     doub Y N 118 
DA  C2    H2     sing N N 119 
DA  N3    C4     sing Y N 120 
GLN N     CA     sing N N 121 
GLN N     H      sing N N 122 
GLN N     H2     sing N N 123 
GLN CA    C      sing N N 124 
GLN CA    CB     sing N N 125 
GLN CA    HA     sing N N 126 
GLN C     O      doub N N 127 
GLN C     OXT    sing N N 128 
GLN CB    CG     sing N N 129 
GLN CB    HB2    sing N N 130 
GLN CB    HB3    sing N N 131 
GLN CG    CD     sing N N 132 
GLN CG    HG2    sing N N 133 
GLN CG    HG3    sing N N 134 
GLN CD    OE1    doub N N 135 
GLN CD    NE2    sing N N 136 
GLN NE2   HE21   sing N N 137 
GLN NE2   HE22   sing N N 138 
GLN OXT   HXT    sing N N 139 
GLU N     CA     sing N N 140 
GLU N     H      sing N N 141 
GLU N     H2     sing N N 142 
GLU CA    C      sing N N 143 
GLU CA    CB     sing N N 144 
GLU CA    HA     sing N N 145 
GLU C     O      doub N N 146 
GLU C     OXT    sing N N 147 
GLU CB    CG     sing N N 148 
GLU CB    HB2    sing N N 149 
GLU CB    HB3    sing N N 150 
GLU CG    CD     sing N N 151 
GLU CG    HG2    sing N N 152 
GLU CG    HG3    sing N N 153 
GLU CD    OE1    doub N N 154 
GLU CD    OE2    sing N N 155 
GLU OE2   HE2    sing N N 156 
GLU OXT   HXT    sing N N 157 
GLY N     CA     sing N N 158 
GLY N     H      sing N N 159 
GLY N     H2     sing N N 160 
GLY CA    C      sing N N 161 
GLY CA    HA2    sing N N 162 
GLY CA    HA3    sing N N 163 
GLY C     O      doub N N 164 
GLY C     OXT    sing N N 165 
GLY OXT   HXT    sing N N 166 
HIS N     CA     sing N N 167 
HIS N     H      sing N N 168 
HIS N     H2     sing N N 169 
HIS CA    C      sing N N 170 
HIS CA    CB     sing N N 171 
HIS CA    HA     sing N N 172 
HIS C     O      doub N N 173 
HIS C     OXT    sing N N 174 
HIS CB    CG     sing N N 175 
HIS CB    HB2    sing N N 176 
HIS CB    HB3    sing N N 177 
HIS CG    ND1    sing Y N 178 
HIS CG    CD2    doub Y N 179 
HIS ND1   CE1    doub Y N 180 
HIS ND1   HD1    sing N N 181 
HIS CD2   NE2    sing Y N 182 
HIS CD2   HD2    sing N N 183 
HIS CE1   NE2    sing Y N 184 
HIS CE1   HE1    sing N N 185 
HIS NE2   HE2    sing N N 186 
HIS OXT   HXT    sing N N 187 
ILE N     CA     sing N N 188 
ILE N     H      sing N N 189 
ILE N     H2     sing N N 190 
ILE CA    C      sing N N 191 
ILE CA    CB     sing N N 192 
ILE CA    HA     sing N N 193 
ILE C     O      doub N N 194 
ILE C     OXT    sing N N 195 
ILE CB    CG1    sing N N 196 
ILE CB    CG2    sing N N 197 
ILE CB    HB     sing N N 198 
ILE CG1   CD1    sing N N 199 
ILE CG1   HG12   sing N N 200 
ILE CG1   HG13   sing N N 201 
ILE CG2   HG21   sing N N 202 
ILE CG2   HG22   sing N N 203 
ILE CG2   HG23   sing N N 204 
ILE CD1   HD11   sing N N 205 
ILE CD1   HD12   sing N N 206 
ILE CD1   HD13   sing N N 207 
ILE OXT   HXT    sing N N 208 
LEU N     CA     sing N N 209 
LEU N     H      sing N N 210 
LEU N     H2     sing N N 211 
LEU CA    C      sing N N 212 
LEU CA    CB     sing N N 213 
LEU CA    HA     sing N N 214 
LEU C     O      doub N N 215 
LEU C     OXT    sing N N 216 
LEU CB    CG     sing N N 217 
LEU CB    HB2    sing N N 218 
LEU CB    HB3    sing N N 219 
LEU CG    CD1    sing N N 220 
LEU CG    CD2    sing N N 221 
LEU CG    HG     sing N N 222 
LEU CD1   HD11   sing N N 223 
LEU CD1   HD12   sing N N 224 
LEU CD1   HD13   sing N N 225 
LEU CD2   HD21   sing N N 226 
LEU CD2   HD22   sing N N 227 
LEU CD2   HD23   sing N N 228 
LEU OXT   HXT    sing N N 229 
LYS N     CA     sing N N 230 
LYS N     H      sing N N 231 
LYS N     H2     sing N N 232 
LYS CA    C      sing N N 233 
LYS CA    CB     sing N N 234 
LYS CA    HA     sing N N 235 
LYS C     O      doub N N 236 
LYS C     OXT    sing N N 237 
LYS CB    CG     sing N N 238 
LYS CB    HB2    sing N N 239 
LYS CB    HB3    sing N N 240 
LYS CG    CD     sing N N 241 
LYS CG    HG2    sing N N 242 
LYS CG    HG3    sing N N 243 
LYS CD    CE     sing N N 244 
LYS CD    HD2    sing N N 245 
LYS CD    HD3    sing N N 246 
LYS CE    NZ     sing N N 247 
LYS CE    HE2    sing N N 248 
LYS CE    HE3    sing N N 249 
LYS NZ    HZ1    sing N N 250 
LYS NZ    HZ2    sing N N 251 
LYS NZ    HZ3    sing N N 252 
LYS OXT   HXT    sing N N 253 
MET N     CA     sing N N 254 
MET N     H      sing N N 255 
MET N     H2     sing N N 256 
MET CA    C      sing N N 257 
MET CA    CB     sing N N 258 
MET CA    HA     sing N N 259 
MET C     O      doub N N 260 
MET C     OXT    sing N N 261 
MET CB    CG     sing N N 262 
MET CB    HB2    sing N N 263 
MET CB    HB3    sing N N 264 
MET CG    SD     sing N N 265 
MET CG    HG2    sing N N 266 
MET CG    HG3    sing N N 267 
MET SD    CE     sing N N 268 
MET CE    HE1    sing N N 269 
MET CE    HE2    sing N N 270 
MET CE    HE3    sing N N 271 
MET OXT   HXT    sing N N 272 
PHE N     CA     sing N N 273 
PHE N     H      sing N N 274 
PHE N     H2     sing N N 275 
PHE CA    C      sing N N 276 
PHE CA    CB     sing N N 277 
PHE CA    HA     sing N N 278 
PHE C     O      doub N N 279 
PHE C     OXT    sing N N 280 
PHE CB    CG     sing N N 281 
PHE CB    HB2    sing N N 282 
PHE CB    HB3    sing N N 283 
PHE CG    CD1    doub Y N 284 
PHE CG    CD2    sing Y N 285 
PHE CD1   CE1    sing Y N 286 
PHE CD1   HD1    sing N N 287 
PHE CD2   CE2    doub Y N 288 
PHE CD2   HD2    sing N N 289 
PHE CE1   CZ     doub Y N 290 
PHE CE1   HE1    sing N N 291 
PHE CE2   CZ     sing Y N 292 
PHE CE2   HE2    sing N N 293 
PHE CZ    HZ     sing N N 294 
PHE OXT   HXT    sing N N 295 
PRO N     CA     sing N N 296 
PRO N     CD     sing N N 297 
PRO N     H      sing N N 298 
PRO CA    C      sing N N 299 
PRO CA    CB     sing N N 300 
PRO CA    HA     sing N N 301 
PRO C     O      doub N N 302 
PRO C     OXT    sing N N 303 
PRO CB    CG     sing N N 304 
PRO CB    HB2    sing N N 305 
PRO CB    HB3    sing N N 306 
PRO CG    CD     sing N N 307 
PRO CG    HG2    sing N N 308 
PRO CG    HG3    sing N N 309 
PRO CD    HD2    sing N N 310 
PRO CD    HD3    sing N N 311 
PRO OXT   HXT    sing N N 312 
SER N     CA     sing N N 313 
SER N     H      sing N N 314 
SER N     H2     sing N N 315 
SER CA    C      sing N N 316 
SER CA    CB     sing N N 317 
SER CA    HA     sing N N 318 
SER C     O      doub N N 319 
SER C     OXT    sing N N 320 
SER CB    OG     sing N N 321 
SER CB    HB2    sing N N 322 
SER CB    HB3    sing N N 323 
SER OG    HG     sing N N 324 
SER OXT   HXT    sing N N 325 
THR N     CA     sing N N 326 
THR N     H      sing N N 327 
THR N     H2     sing N N 328 
THR CA    C      sing N N 329 
THR CA    CB     sing N N 330 
THR CA    HA     sing N N 331 
THR C     O      doub N N 332 
THR C     OXT    sing N N 333 
THR CB    OG1    sing N N 334 
THR CB    CG2    sing N N 335 
THR CB    HB     sing N N 336 
THR OG1   HG1    sing N N 337 
THR CG2   HG21   sing N N 338 
THR CG2   HG22   sing N N 339 
THR CG2   HG23   sing N N 340 
THR OXT   HXT    sing N N 341 
TYR N     CA     sing N N 342 
TYR N     H      sing N N 343 
TYR N     H2     sing N N 344 
TYR CA    C      sing N N 345 
TYR CA    CB     sing N N 346 
TYR CA    HA     sing N N 347 
TYR C     O      doub N N 348 
TYR C     OXT    sing N N 349 
TYR CB    CG     sing N N 350 
TYR CB    HB2    sing N N 351 
TYR CB    HB3    sing N N 352 
TYR CG    CD1    doub Y N 353 
TYR CG    CD2    sing Y N 354 
TYR CD1   CE1    sing Y N 355 
TYR CD1   HD1    sing N N 356 
TYR CD2   CE2    doub Y N 357 
TYR CD2   HD2    sing N N 358 
TYR CE1   CZ     doub Y N 359 
TYR CE1   HE1    sing N N 360 
TYR CE2   CZ     sing Y N 361 
TYR CE2   HE2    sing N N 362 
TYR CZ    OH     sing N N 363 
TYR OH    HH     sing N N 364 
TYR OXT   HXT    sing N N 365 
VAL N     CA     sing N N 366 
VAL N     H      sing N N 367 
VAL N     H2     sing N N 368 
VAL CA    C      sing N N 369 
VAL CA    CB     sing N N 370 
VAL CA    HA     sing N N 371 
VAL C     O      doub N N 372 
VAL C     OXT    sing N N 373 
VAL CB    CG1    sing N N 374 
VAL CB    CG2    sing N N 375 
VAL CB    HB     sing N N 376 
VAL CG1   HG11   sing N N 377 
VAL CG1   HG12   sing N N 378 
VAL CG1   HG13   sing N N 379 
VAL CG2   HG21   sing N N 380 
VAL CG2   HG22   sing N N 381 
VAL CG2   HG23   sing N N 382 
VAL OXT   HXT    sing N N 383 
# 
_atom_sites.entry_id                    1RBJ 
_atom_sites.fract_transf_matrix[1][1]   0.00832982 
_atom_sites.fract_transf_matrix[1][2]   -0.01354876 
_atom_sites.fract_transf_matrix[1][3]   -0.01591101 
_atom_sites.fract_transf_matrix[2][1]   -0.01926377 
_atom_sites.fract_transf_matrix[2][2]   0.00166212 
_atom_sites.fract_transf_matrix[2][3]   -0.01150042 
_atom_sites.fract_transf_matrix[3][1]   0.00230117 
_atom_sites.fract_transf_matrix[3][2]   0.00507931 
_atom_sites.fract_transf_matrix[3][3]   -0.00312048 
_atom_sites.fract_transf_vector[1]      0.828541 
_atom_sites.fract_transf_vector[2]      0.396019 
_atom_sites.fract_transf_vector[3]      0.077110 
# 
loop_
_atom_type.symbol 
C 
N 
O 
P 
S 
# 
loop_
_atom_site.group_PDB 
_atom_site.id 
_atom_site.type_symbol 
_atom_site.label_atom_id 
_atom_site.label_alt_id 
_atom_site.label_comp_id 
_atom_site.label_asym_id 
_atom_site.label_entity_id 
_atom_site.label_seq_id 
_atom_site.pdbx_PDB_ins_code 
_atom_site.Cartn_x 
_atom_site.Cartn_y 
_atom_site.Cartn_z 
_atom_site.occupancy 
_atom_site.B_iso_or_equiv 
_atom_site.pdbx_formal_charge 
_atom_site.auth_seq_id 
_atom_site.auth_comp_id 
_atom_site.auth_asym_id 
_atom_site.auth_atom_id 
_atom_site.pdbx_PDB_model_num 
ATOM 1    P P     . DA  A 1 1   ? -7.979  1.339   -5.528  0.37 20.20 ? 201 DA  B P     1 
ATOM 2    O OP1   . DA  A 1 1   ? -7.797  1.038   -6.995  0.37 21.81 ? 201 DA  B OP1   1 
ATOM 3    O OP2   . DA  A 1 1   ? -8.134  2.741   -5.028  0.37 19.27 ? 201 DA  B OP2   1 
ATOM 4    O "O5'" . DA  A 1 1   ? -6.869  0.508   -4.680  0.37 17.83 ? 201 DA  B "O5'" 1 
ATOM 5    C "C5'" . DA  A 1 1   ? -6.712  -0.844  -5.231  0.37 17.26 ? 201 DA  B "C5'" 1 
ATOM 6    C "C4'" . DA  A 1 1   ? -6.065  -1.884  -4.307  0.37 17.22 ? 201 DA  B "C4'" 1 
ATOM 7    O "O4'" . DA  A 1 1   ? -4.638  -1.856  -4.527  0.37 17.12 ? 201 DA  B "O4'" 1 
ATOM 8    C "C3'" . DA  A 1 1   ? -6.227  -1.734  -2.782  0.37 17.05 ? 201 DA  B "C3'" 1 
ATOM 9    O "O3'" . DA  A 1 1   ? -6.176  -3.029  -2.118  0.37 17.12 ? 201 DA  B "O3'" 1 
ATOM 10   C "C2'" . DA  A 1 1   ? -5.016  -0.873  -2.371  0.37 16.34 ? 201 DA  B "C2'" 1 
ATOM 11   C "C1'" . DA  A 1 1   ? -4.023  -1.045  -3.521  0.37 15.85 ? 201 DA  B "C1'" 1 
ATOM 12   N N9    . DA  A 1 1   ? -3.674  0.214   -4.142  0.37 14.26 ? 201 DA  B N9    1 
ATOM 13   C C8    . DA  A 1 1   ? -2.437  0.185   -3.578  0.37 13.31 ? 201 DA  B C8    1 
ATOM 14   N N7    . DA  A 1 1   ? -1.744  1.278   -3.804  0.37 13.37 ? 201 DA  B N7    1 
ATOM 15   C C5    . DA  A 1 1   ? -2.598  2.075   -4.554  0.37 13.30 ? 201 DA  B C5    1 
ATOM 16   C C6    . DA  A 1 1   ? -2.465  3.361   -5.105  0.37 12.90 ? 201 DA  B C6    1 
ATOM 17   N N6    . DA  A 1 1   ? -1.374  4.126   -4.943  0.37 12.14 ? 201 DA  B N6    1 
ATOM 18   N N1    . DA  A 1 1   ? -3.524  3.863   -5.813  0.37 13.62 ? 201 DA  B N1    1 
ATOM 19   C C2    . DA  A 1 1   ? -4.614  3.111   -5.986  0.37 14.08 ? 201 DA  B C2    1 
ATOM 20   N N3    . DA  A 1 1   ? -4.853  1.891   -5.496  0.37 15.06 ? 201 DA  B N3    1 
ATOM 21   C C4    . DA  A 1 1   ? -3.791  1.427   -4.787  0.37 14.52 ? 201 DA  B C4    1 
ATOM 22   P P     . DA  A 1 2   ? -6.434  -3.140  -0.532  1.00 19.10 ? 202 DA  B P     1 
ATOM 23   O OP1   . DA  A 1 2   ? -6.547  -1.786  0.036   1.00 21.02 ? 202 DA  B OP1   1 
ATOM 24   O OP2   . DA  A 1 2   ? -5.454  -4.045  0.095   1.00 18.87 ? 202 DA  B OP2   1 
ATOM 25   O "O5'" . DA  A 1 2   ? -7.900  -3.824  -0.492  1.00 20.03 ? 202 DA  B "O5'" 1 
ATOM 26   C "C5'" . DA  A 1 2   ? -8.120  -5.035  0.266   1.00 18.25 ? 202 DA  B "C5'" 1 
ATOM 27   C "C4'" . DA  A 1 2   ? -9.514  -5.060  0.833   1.00 16.17 ? 202 DA  B "C4'" 1 
ATOM 28   O "O4'" . DA  A 1 2   ? -9.784  -3.744  1.281   1.00 16.23 ? 202 DA  B "O4'" 1 
ATOM 29   C "C3'" . DA  A 1 2   ? -10.551 -5.134  -0.237  1.00 18.74 ? 202 DA  B "C3'" 1 
ATOM 30   O "O3'" . DA  A 1 2   ? -10.733 -6.464  -0.878  1.00 22.41 ? 202 DA  B "O3'" 1 
ATOM 31   C "C2'" . DA  A 1 2   ? -11.786 -4.585  0.451   1.00 18.13 ? 202 DA  B "C2'" 1 
ATOM 32   C "C1'" . DA  A 1 2   ? -11.177 -3.610  1.429   1.00 16.92 ? 202 DA  B "C1'" 1 
ATOM 33   N N9    . DA  A 1 2   ? -11.616 -2.216  1.272   1.00 15.06 ? 202 DA  B N9    1 
ATOM 34   C C8    . DA  A 1 2   ? -11.635 -1.174  0.423   1.00 18.56 ? 202 DA  B C8    1 
ATOM 35   N N7    . DA  A 1 2   ? -12.119 -0.069  0.956   1.00 18.94 ? 202 DA  B N7    1 
ATOM 36   C C5    . DA  A 1 2   ? -12.359 -0.417  2.245   1.00 14.47 ? 202 DA  B C5    1 
ATOM 37   C C6    . DA  A 1 2   ? -12.825 0.306   3.314   1.00 15.66 ? 202 DA  B C6    1 
ATOM 38   N N6    . DA  A 1 2   ? -13.141 1.587   3.247   1.00 18.53 ? 202 DA  B N6    1 
ATOM 39   N N1    . DA  A 1 2   ? -12.953 -0.309  4.464   1.00 14.38 ? 202 DA  B N1    1 
ATOM 40   C C2    . DA  A 1 2   ? -12.690 -1.579  4.503   1.00 13.10 ? 202 DA  B C2    1 
ATOM 41   N N3    . DA  A 1 2   ? -12.285 -2.361  3.540   1.00 13.61 ? 202 DA  B N3    1 
ATOM 42   C C4    . DA  A 1 2   ? -12.094 -1.707  2.443   1.00 12.12 ? 202 DA  B C4    1 
ATOM 43   P P     . DA  A 1 3   ? -10.282 -7.968  -0.438  0.83 18.98 ? 203 DA  B P     1 
ATOM 44   O OP1   . DA  A 1 3   ? -8.810  -8.042  -0.178  0.83 17.31 ? 203 DA  B OP1   1 
ATOM 45   O OP2   . DA  A 1 3   ? -10.895 -8.842  -1.484  0.83 19.12 ? 203 DA  B OP2   1 
ATOM 46   O "O5'" . DA  A 1 3   ? -11.026 -8.160  0.960   0.83 13.46 ? 203 DA  B "O5'" 1 
ATOM 47   C "C5'" . DA  A 1 3   ? -11.644 -9.359  1.240   0.83 12.76 ? 203 DA  B "C5'" 1 
ATOM 48   C "C4'" . DA  A 1 3   ? -12.561 -9.111  2.421   0.83 13.72 ? 203 DA  B "C4'" 1 
ATOM 49   O "O4'" . DA  A 1 3   ? -12.668 -7.693  2.602   0.83 13.32 ? 203 DA  B "O4'" 1 
ATOM 50   C "C3'" . DA  A 1 3   ? -13.980 -9.624  2.255   0.83 12.56 ? 203 DA  B "C3'" 1 
ATOM 51   O "O3'" . DA  A 1 3   ? -14.033 -10.908 2.806   0.83 12.37 ? 203 DA  B "O3'" 1 
ATOM 52   C "C2'" . DA  A 1 3   ? -14.816 -8.608  2.985   0.83 12.78 ? 203 DA  B "C2'" 1 
ATOM 53   C "C1'" . DA  A 1 3   ? -14.009 -7.325  2.781   0.83 12.94 ? 203 DA  B "C1'" 1 
ATOM 54   N N9    . DA  A 1 3   ? -14.411 -6.462  1.664   0.83 12.17 ? 203 DA  B N9    1 
ATOM 55   C C8    . DA  A 1 3   ? -14.259 -6.285  0.323   0.83 12.52 ? 203 DA  B C8    1 
ATOM 56   N N7    . DA  A 1 3   ? -14.475 -5.040  -0.069  0.83 12.47 ? 203 DA  B N7    1 
ATOM 57   C C5    . DA  A 1 3   ? -14.782 -4.361  1.087   0.83 11.33 ? 203 DA  B C5    1 
ATOM 58   C C6    . DA  A 1 3   ? -15.174 -3.036  1.328   0.83 12.98 ? 203 DA  B C6    1 
ATOM 59   N N6    . DA  A 1 3   ? -15.254 -2.102  0.375   0.83 11.83 ? 203 DA  B N6    1 
ATOM 60   N N1    . DA  A 1 3   ? -15.457 -2.683  2.605   0.83 14.38 ? 203 DA  B N1    1 
ATOM 61   C C2    . DA  A 1 3   ? -15.375 -3.613  3.552   0.83 14.49 ? 203 DA  B C2    1 
ATOM 62   N N3    . DA  A 1 3   ? -15.023 -4.893  3.442   0.83 13.82 ? 203 DA  B N3    1 
ATOM 63   C C4    . DA  A 1 3   ? -14.746 -5.210  2.166   0.83 12.10 ? 203 DA  B C4    1 
ATOM 64   P P     . DA  A 1 4   ? -14.701 -11.342 4.172   0.48 12.40 ? 204 DA  B P     1 
ATOM 65   O OP1   . DA  A 1 4   ? -14.518 -10.277 5.200   0.48 11.16 ? 204 DA  B OP1   1 
ATOM 66   O OP2   . DA  A 1 4   ? -14.291 -12.721 4.523   0.48 13.04 ? 204 DA  B OP2   1 
ATOM 67   O "O5'" . DA  A 1 4   ? -16.216 -11.424 3.634   0.48 12.70 ? 204 DA  B "O5'" 1 
ATOM 68   C "C5'" . DA  A 1 4   ? -17.029 -12.484 4.133   0.48 12.26 ? 204 DA  B "C5'" 1 
ATOM 69   C "C4'" . DA  A 1 4   ? -18.322 -12.450 3.379   0.48 11.26 ? 204 DA  B "C4'" 1 
ATOM 70   O "O4'" . DA  A 1 4   ? -19.092 -13.634 3.550   0.48 9.91  ? 204 DA  B "O4'" 1 
ATOM 71   C "C3'" . DA  A 1 4   ? -19.322 -11.360 3.731   0.48 11.87 ? 204 DA  B "C3'" 1 
ATOM 72   O "O3'" . DA  A 1 4   ? -18.879 -10.095 3.164   0.48 12.73 ? 204 DA  B "O3'" 1 
ATOM 73   C "C2'" . DA  A 1 4   ? -20.641 -11.929 3.143   0.48 11.03 ? 204 DA  B "C2'" 1 
ATOM 74   C "C1'" . DA  A 1 4   ? -20.174 -13.331 2.717   0.48 11.62 ? 204 DA  B "C1'" 1 
ATOM 75   N N9    . DA  A 1 4   ? -21.121 -14.427 2.685   0.48 14.45 ? 204 DA  B N9    1 
ATOM 76   C C8    . DA  A 1 4   ? -20.886 -15.393 3.629   0.48 16.23 ? 204 DA  B C8    1 
ATOM 77   N N7    . DA  A 1 4   ? -20.933 -16.621 3.169   0.48 16.51 ? 204 DA  B N7    1 
ATOM 78   C C5    . DA  A 1 4   ? -21.186 -16.440 1.829   0.48 17.73 ? 204 DA  B C5    1 
ATOM 79   C C6    . DA  A 1 4   ? -21.369 -17.358 0.777   0.48 21.91 ? 204 DA  B C6    1 
ATOM 80   N N6    . DA  A 1 4   ? -21.325 -18.704 0.967   0.48 24.07 ? 204 DA  B N6    1 
ATOM 81   N N1    . DA  A 1 4   ? -21.585 -16.858 -0.485  0.48 22.22 ? 204 DA  B N1    1 
ATOM 82   C C2    . DA  A 1 4   ? -21.644 -15.535 -0.646  0.48 21.88 ? 204 DA  B C2    1 
ATOM 83   N N3    . DA  A 1 4   ? -21.506 -14.583 0.300   0.48 20.92 ? 204 DA  B N3    1 
ATOM 84   C C4    . DA  A 1 4   ? -21.266 -15.107 1.511   0.48 16.81 ? 204 DA  B C4    1 
ATOM 85   N N     . LYS B 2 1   ? -6.248  -16.104 11.065  1.00 32.74 ? 1   LYS A N     1 
ATOM 86   C CA    . LYS B 2 1   ? -5.737  -16.297 9.702   1.00 32.62 ? 1   LYS A CA    1 
ATOM 87   C C     . LYS B 2 1   ? -5.120  -14.999 9.139   1.00 31.98 ? 1   LYS A C     1 
ATOM 88   O O     . LYS B 2 1   ? -4.698  -14.072 9.868   1.00 35.79 ? 1   LYS A O     1 
ATOM 89   C CB    . LYS B 2 1   ? -6.862  -16.773 8.749   1.00 30.19 ? 1   LYS A CB    1 
ATOM 90   C CG    . LYS B 2 1   ? -8.065  -15.789 8.660   1.00 27.96 ? 1   LYS A CG    1 
ATOM 91   C CD    . LYS B 2 1   ? -9.410  -16.412 8.191   1.00 24.01 ? 1   LYS A CD    1 
ATOM 92   C CE    . LYS B 2 1   ? -10.628 -15.570 8.577   1.00 20.51 ? 1   LYS A CE    1 
ATOM 93   N NZ    . LYS B 2 1   ? -11.768 -15.698 7.641   1.00 19.21 ? 1   LYS A NZ    1 
ATOM 94   N N     . GLU B 2 2   ? -5.295  -14.889 7.833   1.00 24.81 ? 2   GLU A N     1 
ATOM 95   C CA    . GLU B 2 2   ? -4.916  -13.737 7.157   1.00 21.16 ? 2   GLU A CA    1 
ATOM 96   C C     . GLU B 2 2   ? -5.871  -12.687 7.582   1.00 20.44 ? 2   GLU A C     1 
ATOM 97   O O     . GLU B 2 2   ? -6.940  -12.552 6.976   1.00 21.89 ? 2   GLU A O     1 
ATOM 98   C CB    . GLU B 2 2   ? -5.125  -13.978 5.662   1.00 24.97 ? 2   GLU A CB    1 
ATOM 99   C CG    . GLU B 2 2   ? -4.685  -12.834 4.727   1.00 27.00 ? 2   GLU A CG    1 
ATOM 100  C CD    . GLU B 2 2   ? -3.411  -12.180 5.143   1.00 29.64 ? 2   GLU A CD    1 
ATOM 101  O OE1   . GLU B 2 2   ? -3.077  -12.074 6.323   1.00 30.83 ? 2   GLU A OE1   1 
ATOM 102  O OE2   . GLU B 2 2   ? -2.725  -11.735 4.102   1.00 29.06 ? 2   GLU A OE2   1 
ATOM 103  N N     . THR B 2 3   ? -5.564  -11.982 8.653   1.00 19.53 ? 3   THR A N     1 
ATOM 104  C CA    . THR B 2 3   ? -6.512  -10.955 9.064   1.00 19.30 ? 3   THR A CA    1 
ATOM 105  C C     . THR B 2 3   ? -6.494  -9.709  8.185   1.00 21.26 ? 3   THR A C     1 
ATOM 106  O O     . THR B 2 3   ? -5.631  -9.529  7.308   1.00 24.23 ? 3   THR A O     1 
ATOM 107  C CB    . THR B 2 3   ? -6.479  -10.589 10.536  1.00 17.23 ? 3   THR A CB    1 
ATOM 108  O OG1   . THR B 2 3   ? -5.149  -10.687 11.009  1.00 20.18 ? 3   THR A OG1   1 
ATOM 109  C CG2   . THR B 2 3   ? -7.450  -11.491 11.294  1.00 13.90 ? 3   THR A CG2   1 
ATOM 110  N N     . ALA B 2 4   ? -7.469  -8.841  8.406   1.00 18.90 ? 4   ALA A N     1 
ATOM 111  C CA    . ALA B 2 4   ? -7.569  -7.663  7.588   1.00 17.55 ? 4   ALA A CA    1 
ATOM 112  C C     . ALA B 2 4   ? -6.340  -6.830  7.796   1.00 16.20 ? 4   ALA A C     1 
ATOM 113  O O     . ALA B 2 4   ? -5.675  -6.431  6.836   1.00 15.33 ? 4   ALA A O     1 
ATOM 114  C CB    . ALA B 2 4   ? -8.807  -6.857  7.940   1.00 18.12 ? 4   ALA A CB    1 
ATOM 115  N N     . ALA B 2 5   ? -6.092  -6.574  9.083   1.00 14.57 ? 5   ALA A N     1 
ATOM 116  C CA    . ALA B 2 5   ? -4.947  -5.803  9.505   1.00 12.63 ? 5   ALA A CA    1 
ATOM 117  C C     . ALA B 2 5   ? -3.774  -6.468  8.896   1.00 10.84 ? 5   ALA A C     1 
ATOM 118  O O     . ALA B 2 5   ? -3.034  -5.881  8.111   1.00 14.63 ? 5   ALA A O     1 
ATOM 119  C CB    . ALA B 2 5   ? -4.828  -5.862  11.019  1.00 12.85 ? 5   ALA A CB    1 
ATOM 120  N N     . ALA B 2 6   ? -3.674  -7.731  9.208   1.00 6.25  ? 6   ALA A N     1 
ATOM 121  C CA    . ALA B 2 6   ? -2.618  -8.506  8.669   1.00 7.31  ? 6   ALA A CA    1 
ATOM 122  C C     . ALA B 2 6   ? -2.615  -8.414  7.136   1.00 12.25 ? 6   ALA A C     1 
ATOM 123  O O     . ALA B 2 6   ? -1.571  -8.329  6.458   1.00 15.57 ? 6   ALA A O     1 
ATOM 124  C CB    . ALA B 2 6   ? -2.706  -9.925  9.206   1.00 5.97  ? 6   ALA A CB    1 
ATOM 125  N N     . LYS B 2 7   ? -3.788  -8.410  6.526   1.00 9.80  ? 7   LYS A N     1 
ATOM 126  C CA    . LYS B 2 7   ? -3.695  -8.317  5.119   1.00 7.15  ? 7   LYS A CA    1 
ATOM 127  C C     . LYS B 2 7   ? -3.072  -7.025  4.647   1.00 8.50  ? 7   LYS A C     1 
ATOM 128  O O     . LYS B 2 7   ? -2.345  -7.080  3.676   1.00 11.05 ? 7   LYS A O     1 
ATOM 129  C CB    . LYS B 2 7   ? -4.922  -8.686  4.374   1.00 7.15  ? 7   LYS A CB    1 
ATOM 130  C CG    . LYS B 2 7   ? -4.550  -8.941  2.959   1.00 8.87  ? 7   LYS A CG    1 
ATOM 131  C CD    . LYS B 2 7   ? -5.236  -10.125 2.352   1.00 13.38 ? 7   LYS A CD    1 
ATOM 132  C CE    . LYS B 2 7   ? -6.218  -9.611  1.335   1.00 17.14 ? 7   LYS A CE    1 
ATOM 133  N NZ    . LYS B 2 7   ? -6.410  -8.171  1.576   1.00 18.94 ? 7   LYS A NZ    1 
ATOM 134  N N     . PHE B 2 8   ? -3.224  -5.911  5.409   1.00 6.26  ? 8   PHE A N     1 
ATOM 135  C CA    . PHE B 2 8   ? -2.655  -4.619  5.054   1.00 3.91  ? 8   PHE A CA    1 
ATOM 136  C C     . PHE B 2 8   ? -1.170  -4.565  5.159   1.00 9.30  ? 8   PHE A C     1 
ATOM 137  O O     . PHE B 2 8   ? -0.503  -3.945  4.355   1.00 10.92 ? 8   PHE A O     1 
ATOM 138  C CB    . PHE B 2 8   ? -3.195  -3.489  5.889   1.00 2.36  ? 8   PHE A CB    1 
ATOM 139  C CG    . PHE B 2 8   ? -2.840  -2.093  5.393   1.00 4.09  ? 8   PHE A CG    1 
ATOM 140  C CD1   . PHE B 2 8   ? -1.689  -1.432  5.833   1.00 3.78  ? 8   PHE A CD1   1 
ATOM 141  C CD2   . PHE B 2 8   ? -3.699  -1.378  4.567   1.00 4.76  ? 8   PHE A CD2   1 
ATOM 142  C CE1   . PHE B 2 8   ? -1.360  -0.133  5.461   1.00 1.00  ? 8   PHE A CE1   1 
ATOM 143  C CE2   . PHE B 2 8   ? -3.375  -0.075  4.185   1.00 4.57  ? 8   PHE A CE2   1 
ATOM 144  C CZ    . PHE B 2 8   ? -2.239  0.575   4.659   1.00 1.00  ? 8   PHE A CZ    1 
ATOM 145  N N     . GLU B 2 9   ? -0.613  -5.183  6.173   1.00 12.15 ? 9   GLU A N     1 
ATOM 146  C CA    . GLU B 2 9   ? 0.817   -5.119  6.271   1.00 13.48 ? 9   GLU A CA    1 
ATOM 147  C C     . GLU B 2 9   ? 1.517   -5.948  5.227   1.00 16.83 ? 9   GLU A C     1 
ATOM 148  O O     . GLU B 2 9   ? 2.649   -5.699  4.835   1.00 20.24 ? 9   GLU A O     1 
ATOM 149  C CB    . GLU B 2 9   ? 1.302   -5.494  7.665   1.00 13.82 ? 9   GLU A CB    1 
ATOM 150  C CG    . GLU B 2 9   ? 0.486   -4.849  8.797   1.00 13.84 ? 9   GLU A CG    1 
ATOM 151  C CD    . GLU B 2 9   ? 0.880   -5.526  10.073  1.00 16.61 ? 9   GLU A CD    1 
ATOM 152  O OE1   . GLU B 2 9   ? 2.163   -5.791  10.053  1.00 19.22 ? 9   GLU A OE1   1 
ATOM 153  O OE2   . GLU B 2 9   ? 0.110   -5.867  10.978  1.00 15.74 ? 9   GLU A OE2   1 
ATOM 154  N N     . ARG B 2 10  ? 0.871   -6.975  4.755   1.00 17.59 ? 10  ARG A N     1 
ATOM 155  C CA    . ARG B 2 10  ? 1.561   -7.786  3.778   1.00 15.37 ? 10  ARG A CA    1 
ATOM 156  C C     . ARG B 2 10  ? 1.594   -7.062  2.500   1.00 12.69 ? 10  ARG A C     1 
ATOM 157  O O     . ARG B 2 10  ? 2.583   -6.972  1.828   1.00 14.74 ? 10  ARG A O     1 
ATOM 158  C CB    . ARG B 2 10  ? 0.826   -9.095  3.517   1.00 14.49 ? 10  ARG A CB    1 
ATOM 159  C CG    . ARG B 2 10  ? 1.466   -10.004 2.464   1.00 11.05 ? 10  ARG A CG    1 
ATOM 160  C CD    . ARG B 2 10  ? 0.792   -11.373 2.410   1.00 7.18  ? 10  ARG A CD    1 
ATOM 161  N NE    . ARG B 2 10  ? -0.647  -11.238 2.432   1.00 5.62  ? 10  ARG A NE    1 
ATOM 162  C CZ    . ARG B 2 10  ? -1.399  -11.002 1.353   1.00 6.63  ? 10  ARG A CZ    1 
ATOM 163  N NH1   . ARG B 2 10  ? -0.903  -10.916 0.134   1.00 8.96  ? 10  ARG A NH1   1 
ATOM 164  N NH2   . ARG B 2 10  ? -2.708  -10.885 1.483   1.00 5.54  ? 10  ARG A NH2   1 
ATOM 165  N N     . GLN B 2 11  ? 0.477   -6.513  2.193   1.00 10.60 ? 11  GLN A N     1 
ATOM 166  C CA    . GLN B 2 11  ? 0.471   -6.039  0.805   1.00 10.39 ? 11  GLN A CA    1 
ATOM 167  C C     . GLN B 2 11  ? 1.104   -4.671  0.683   1.00 8.56  ? 11  GLN A C     1 
ATOM 168  O O     . GLN B 2 11  ? 1.681   -4.350  -0.361  1.00 7.22  ? 11  GLN A O     1 
ATOM 169  C CB    . GLN B 2 11  ? -0.925  -5.903  0.292   1.00 8.86  ? 11  GLN A CB    1 
ATOM 170  C CG    . GLN B 2 11  ? -1.576  -7.223  0.010   1.00 6.58  ? 11  GLN A CG    1 
ATOM 171  C CD    . GLN B 2 11  ? -3.039  -7.017  -0.164  1.00 6.53  ? 11  GLN A CD    1 
ATOM 172  O OE1   . GLN B 2 11  ? -3.630  -7.639  -1.026  1.00 9.23  ? 11  GLN A OE1   1 
ATOM 173  N NE2   . GLN B 2 11  ? -3.647  -6.152  0.622   1.00 4.76  ? 11  GLN A NE2   1 
ATOM 174  N N     . HIS B 2 12  ? 0.720   -3.810  1.680   1.00 8.06  ? 12  HIS A N     1 
ATOM 175  C CA    . HIS B 2 12  ? 1.018   -2.394  1.767   1.00 4.62  ? 12  HIS A CA    1 
ATOM 176  C C     . HIS B 2 12  ? 2.050   -1.899  2.691   1.00 3.09  ? 12  HIS A C     1 
ATOM 177  O O     . HIS B 2 12  ? 2.165   -0.701  2.780   1.00 1.90  ? 12  HIS A O     1 
ATOM 178  C CB    . HIS B 2 12  ? -0.212  -1.661  2.211   1.00 3.60  ? 12  HIS A CB    1 
ATOM 179  C CG    . HIS B 2 12  ? -1.300  -1.848  1.262   1.00 3.44  ? 12  HIS A CG    1 
ATOM 180  N ND1   . HIS B 2 12  ? -1.136  -1.524  -0.045  1.00 5.29  ? 12  HIS A ND1   1 
ATOM 181  C CD2   . HIS B 2 12  ? -2.525  -2.337  1.451   1.00 4.17  ? 12  HIS A CD2   1 
ATOM 182  C CE1   . HIS B 2 12  ? -2.275  -1.823  -0.639  1.00 6.25  ? 12  HIS A CE1   1 
ATOM 183  N NE2   . HIS B 2 12  ? -3.121  -2.331  0.243   1.00 5.37  ? 12  HIS A NE2   1 
ATOM 184  N N     . MET B 2 13  ? 2.788   -2.727  3.372   1.00 6.77  ? 13  MET A N     1 
ATOM 185  C CA    . MET B 2 13  ? 3.779   -2.158  4.269   1.00 11.64 ? 13  MET A CA    1 
ATOM 186  C C     . MET B 2 13  ? 5.181   -2.694  4.082   1.00 13.95 ? 13  MET A C     1 
ATOM 187  O O     . MET B 2 13  ? 5.386   -3.881  4.242   1.00 18.28 ? 13  MET A O     1 
ATOM 188  C CB    . MET B 2 13  ? 3.345   -2.250  5.757   1.00 13.68 ? 13  MET A CB    1 
ATOM 189  C CG    . MET B 2 13  ? 3.849   -1.069  6.605   1.00 16.15 ? 13  MET A CG    1 
ATOM 190  S SD    . MET B 2 13  ? 2.620   0.231   6.921   1.00 14.42 ? 13  MET A SD    1 
ATOM 191  C CE    . MET B 2 13  ? 1.154   -0.811  7.000   1.00 12.73 ? 13  MET A CE    1 
ATOM 192  N N     . ASP B 2 14  ? 6.126   -1.829  3.735   1.00 12.00 ? 14  ASP A N     1 
ATOM 193  C CA    . ASP B 2 14  ? 7.520   -2.201  3.625   1.00 12.62 ? 14  ASP A CA    1 
ATOM 194  C C     . ASP B 2 14  ? 8.307   -1.182  4.379   1.00 12.00 ? 14  ASP A C     1 
ATOM 195  O O     . ASP B 2 14  ? 8.702   -0.223  3.767   1.00 10.96 ? 14  ASP A O     1 
ATOM 196  C CB    . ASP B 2 14  ? 8.110   -2.264  2.216   1.00 14.49 ? 14  ASP A CB    1 
ATOM 197  C CG    . ASP B 2 14  ? 9.435   -3.025  2.176   1.00 15.28 ? 14  ASP A CG    1 
ATOM 198  O OD1   . ASP B 2 14  ? 9.964   -3.227  3.358   1.00 10.93 ? 14  ASP A OD1   1 
ATOM 199  O OD2   . ASP B 2 14  ? 9.913   -3.487  1.144   1.00 18.50 ? 14  ASP A OD2   1 
ATOM 200  N N     . SER B 2 15  ? 8.502   -1.386  5.702   1.00 13.12 ? 15  SER A N     1 
ATOM 201  C CA    . SER B 2 15  ? 9.184   -0.426  6.576   1.00 10.27 ? 15  SER A CA    1 
ATOM 202  C C     . SER B 2 15  ? 10.642  -0.561  6.573   1.00 12.17 ? 15  SER A C     1 
ATOM 203  O O     . SER B 2 15  ? 11.278  0.153   7.323   1.00 12.77 ? 15  SER A O     1 
ATOM 204  C CB    . SER B 2 15  ? 8.790   -0.600  7.990   1.00 8.67  ? 15  SER A CB    1 
ATOM 205  O OG    . SER B 2 15  ? 7.426   -0.887  8.058   1.00 11.14 ? 15  SER A OG    1 
ATOM 206  N N     . SER B 2 16  ? 11.101  -1.501  5.741   1.00 15.37 ? 16  SER A N     1 
ATOM 207  C CA    . SER B 2 16  ? 12.468  -1.918  5.524   1.00 17.37 ? 16  SER A CA    1 
ATOM 208  C C     . SER B 2 16  ? 13.190  -1.131  4.468   1.00 17.36 ? 16  SER A C     1 
ATOM 209  O O     . SER B 2 16  ? 14.377  -1.371  4.223   1.00 21.67 ? 16  SER A O     1 
ATOM 210  C CB    . SER B 2 16  ? 12.463  -3.314  5.017   1.00 21.59 ? 16  SER A CB    1 
ATOM 211  O OG    . SER B 2 16  ? 11.389  -3.951  5.632   1.00 26.48 ? 16  SER A OG    1 
ATOM 212  N N     . THR B 2 17  ? 12.525  -0.210  3.832   1.00 12.16 ? 17  THR A N     1 
ATOM 213  C CA    . THR B 2 17  ? 13.240  0.581   2.905   1.00 11.43 ? 17  THR A CA    1 
ATOM 214  C C     . THR B 2 17  ? 12.766  1.989   3.112   1.00 14.57 ? 17  THR A C     1 
ATOM 215  O O     . THR B 2 17  ? 11.654  2.232   3.529   1.00 14.79 ? 17  THR A O     1 
ATOM 216  C CB    . THR B 2 17  ? 12.884  0.144   1.529   1.00 12.45 ? 17  THR A CB    1 
ATOM 217  O OG1   . THR B 2 17  ? 11.569  0.630   1.379   1.00 17.52 ? 17  THR A OG1   1 
ATOM 218  C CG2   . THR B 2 17  ? 12.881  -1.374  1.466   1.00 9.85  ? 17  THR A CG2   1 
ATOM 219  N N     . SER B 2 18  ? 13.611  2.946   2.866   1.00 16.28 ? 18  SER A N     1 
ATOM 220  C CA    . SER B 2 18  ? 13.139  4.295   3.041   1.00 10.98 ? 18  SER A CA    1 
ATOM 221  C C     . SER B 2 18  ? 12.310  4.545   1.822   1.00 8.92  ? 18  SER A C     1 
ATOM 222  O O     . SER B 2 18  ? 11.397  5.339   1.880   1.00 11.95 ? 18  SER A O     1 
ATOM 223  C CB    . SER B 2 18  ? 14.269  5.344   3.310   1.00 7.56  ? 18  SER A CB    1 
ATOM 224  O OG    . SER B 2 18  ? 15.251  5.407   2.266   1.00 5.09  ? 18  SER A OG    1 
ATOM 225  N N     . ALA B 2 19  ? 12.671  3.816   0.740   1.00 6.13  ? 19  ALA A N     1 
ATOM 226  C CA    . ALA B 2 19  ? 12.036  3.838   -0.587  1.00 5.93  ? 19  ALA A CA    1 
ATOM 227  C C     . ALA B 2 19  ? 12.526  2.737   -1.534  1.00 11.32 ? 19  ALA A C     1 
ATOM 228  O O     . ALA B 2 19  ? 13.399  1.891   -1.224  1.00 12.14 ? 19  ALA A O     1 
ATOM 229  C CB    . ALA B 2 19  ? 12.191  5.154   -1.307  1.00 1.54  ? 19  ALA A CB    1 
ATOM 230  N N     . ALA B 2 20  ? 11.948  2.762   -2.747  1.00 12.39 ? 20  ALA A N     1 
ATOM 231  C CA    . ALA B 2 20  ? 12.298  1.782   -3.755  1.00 10.10 ? 20  ALA A CA    1 
ATOM 232  C C     . ALA B 2 20  ? 13.799  1.772   -4.003  1.00 11.63 ? 20  ALA A C     1 
ATOM 233  O O     . ALA B 2 20  ? 14.410  2.750   -4.426  1.00 11.91 ? 20  ALA A O     1 
ATOM 234  C CB    . ALA B 2 20  ? 11.472  1.949   -5.013  1.00 7.62  ? 20  ALA A CB    1 
ATOM 235  N N     . SER B 2 21  ? 14.419  0.668   -3.682  1.00 12.42 ? 21  SER A N     1 
ATOM 236  C CA    . SER B 2 21  ? 15.844  0.580   -3.866  1.00 13.74 ? 21  SER A CA    1 
ATOM 237  C C     . SER B 2 21  ? 16.214  0.625   -5.328  1.00 14.79 ? 21  SER A C     1 
ATOM 238  O O     . SER B 2 21  ? 17.224  1.189   -5.717  1.00 17.71 ? 21  SER A O     1 
ATOM 239  C CB    . SER B 2 21  ? 16.309  -0.731  -3.314  1.00 13.82 ? 21  SER A CB    1 
ATOM 240  O OG    . SER B 2 21  ? 15.170  -1.571  -3.345  1.00 13.85 ? 21  SER A OG    1 
ATOM 241  N N     . SER B 2 22  ? 15.366  0.044   -6.139  1.00 13.94 ? 22  SER A N     1 
ATOM 242  C CA    . SER B 2 22  ? 15.617  -0.061  -7.542  1.00 14.30 ? 22  SER A CA    1 
ATOM 243  C C     . SER B 2 22  ? 14.318  -0.014  -8.303  1.00 14.24 ? 22  SER A C     1 
ATOM 244  O O     . SER B 2 22  ? 13.252  0.186   -7.772  1.00 13.64 ? 22  SER A O     1 
ATOM 245  C CB    . SER B 2 22  ? 16.065  -1.469  -7.658  1.00 16.08 ? 22  SER A CB    1 
ATOM 246  O OG    . SER B 2 22  ? 14.991  -2.166  -7.037  1.00 18.46 ? 22  SER A OG    1 
ATOM 247  N N     . SER B 2 23  ? 14.362  -0.284  -9.561  1.00 16.63 ? 23  SER A N     1 
ATOM 248  C CA    . SER B 2 23  ? 13.079  -0.260  -10.251 1.00 21.93 ? 23  SER A CA    1 
ATOM 249  C C     . SER B 2 23  ? 12.362  -1.581  -10.122 1.00 23.03 ? 23  SER A C     1 
ATOM 250  O O     . SER B 2 23  ? 11.225  -1.704  -10.539 1.00 24.82 ? 23  SER A O     1 
ATOM 251  C CB    . SER B 2 23  ? 13.201  0.147   -11.713 1.00 25.55 ? 23  SER A CB    1 
ATOM 252  O OG    . SER B 2 23  ? 14.588  0.319   -12.035 1.00 28.02 ? 23  SER A OG    1 
ATOM 253  N N     . ASN B 2 24  ? 13.071  -2.581  -9.608  1.00 23.12 ? 24  ASN A N     1 
ATOM 254  C CA    . ASN B 2 24  ? 12.503  -3.880  -9.393  1.00 25.96 ? 24  ASN A CA    1 
ATOM 255  C C     . ASN B 2 24  ? 11.865  -3.929  -8.002  1.00 27.24 ? 24  ASN A C     1 
ATOM 256  O O     . ASN B 2 24  ? 11.208  -4.870  -7.582  1.00 29.83 ? 24  ASN A O     1 
ATOM 257  C CB    . ASN B 2 24  ? 13.581  -4.964  -9.551  1.00 29.82 ? 24  ASN A CB    1 
ATOM 258  C CG    . ASN B 2 24  ? 13.805  -5.340  -11.008 1.00 32.89 ? 24  ASN A CG    1 
ATOM 259  O OD1   . ASN B 2 24  ? 13.304  -6.393  -11.512 1.00 33.77 ? 24  ASN A OD1   1 
ATOM 260  N ND2   . ASN B 2 24  ? 14.499  -4.434  -11.716 1.00 33.53 ? 24  ASN A ND2   1 
ATOM 261  N N     . TYR B 2 25  ? 12.050  -2.889  -7.241  1.00 26.31 ? 25  TYR A N     1 
ATOM 262  C CA    . TYR B 2 25  ? 11.449  -2.881  -5.931  1.00 23.97 ? 25  TYR A CA    1 
ATOM 263  C C     . TYR B 2 25  ? 10.009  -3.424  -5.926  1.00 23.15 ? 25  TYR A C     1 
ATOM 264  O O     . TYR B 2 25  ? 9.586   -4.104  -5.019  1.00 27.10 ? 25  TYR A O     1 
ATOM 265  C CB    . TYR B 2 25  ? 11.476  -1.472  -5.330  1.00 20.87 ? 25  TYR A CB    1 
ATOM 266  C CG    . TYR B 2 25  ? 10.730  -1.530  -4.054  1.00 17.68 ? 25  TYR A CG    1 
ATOM 267  C CD1   . TYR B 2 25  ? 11.404  -2.032  -2.952  1.00 17.43 ? 25  TYR A CD1   1 
ATOM 268  C CD2   . TYR B 2 25  ? 9.368   -1.250  -3.957  1.00 15.21 ? 25  TYR A CD2   1 
ATOM 269  C CE1   . TYR B 2 25  ? 10.759  -2.149  -1.731  1.00 17.47 ? 25  TYR A CE1   1 
ATOM 270  C CE2   . TYR B 2 25  ? 8.714   -1.328  -2.731  1.00 15.50 ? 25  TYR A CE2   1 
ATOM 271  C CZ    . TYR B 2 25  ? 9.425   -1.787  -1.624  1.00 17.26 ? 25  TYR A CZ    1 
ATOM 272  O OH    . TYR B 2 25  ? 8.848   -1.924  -0.402  1.00 18.98 ? 25  TYR A OH    1 
ATOM 273  N N     . CYS B 2 26  ? 9.367   -3.281  -7.068  1.00 18.39 ? 26  CYS A N     1 
ATOM 274  C CA    . CYS B 2 26  ? 7.998   -3.646  -7.304  1.00 16.92 ? 26  CYS A CA    1 
ATOM 275  C C     . CYS B 2 26  ? 7.793   -5.076  -7.766  1.00 16.43 ? 26  CYS A C     1 
ATOM 276  O O     . CYS B 2 26  ? 6.768   -5.683  -7.424  1.00 16.85 ? 26  CYS A O     1 
ATOM 277  C CB    . CYS B 2 26  ? 7.411   -2.671  -8.334  1.00 17.68 ? 26  CYS A CB    1 
ATOM 278  S SG    . CYS B 2 26  ? 6.568   -1.199  -7.707  1.00 13.36 ? 26  CYS A SG    1 
ATOM 279  N N     . ASN B 2 27  ? 8.704   -5.589  -8.607  1.00 16.50 ? 27  ASN A N     1 
ATOM 280  C CA    . ASN B 2 27  ? 8.668   -7.006  -9.021  1.00 17.71 ? 27  ASN A CA    1 
ATOM 281  C C     . ASN B 2 27  ? 9.258   -7.878  -7.892  1.00 21.50 ? 27  ASN A C     1 
ATOM 282  O O     . ASN B 2 27  ? 8.947   -9.060  -7.717  1.00 24.06 ? 27  ASN A O     1 
ATOM 283  C CB    . ASN B 2 27  ? 9.452   -7.374  -10.294 1.00 16.61 ? 27  ASN A CB    1 
ATOM 284  C CG    . ASN B 2 27  ? 9.069   -6.569  -11.509 1.00 16.90 ? 27  ASN A CG    1 
ATOM 285  O OD1   . ASN B 2 27  ? 7.893   -6.430  -11.851 1.00 15.61 ? 27  ASN A OD1   1 
ATOM 286  N ND2   . ASN B 2 27  ? 10.072  -5.966  -12.111 1.00 17.96 ? 27  ASN A ND2   1 
ATOM 287  N N     . GLN B 2 28  ? 10.143  -7.312  -7.099  1.00 22.72 ? 28  GLN A N     1 
ATOM 288  C CA    . GLN B 2 28  ? 10.685  -8.098  -6.042  1.00 23.70 ? 28  GLN A CA    1 
ATOM 289  C C     . GLN B 2 28  ? 9.627   -8.257  -4.964  1.00 24.11 ? 28  GLN A C     1 
ATOM 290  O O     . GLN B 2 28  ? 9.342   -9.395  -4.550  1.00 28.38 ? 28  GLN A O     1 
ATOM 291  C CB    . GLN B 2 28  ? 12.026  -7.524  -5.524  1.00 26.55 ? 28  GLN A CB    1 
ATOM 292  C CG    . GLN B 2 28  ? 13.303  -8.078  -6.214  1.00 29.41 ? 28  GLN A CG    1 
ATOM 293  C CD    . GLN B 2 28  ? 13.997  -7.107  -7.194  1.00 34.84 ? 28  GLN A CD    1 
ATOM 294  O OE1   . GLN B 2 28  ? 14.265  -5.926  -6.860  1.00 37.03 ? 28  GLN A OE1   1 
ATOM 295  N NE2   . GLN B 2 28  ? 14.352  -7.603  -8.406  1.00 36.48 ? 28  GLN A NE2   1 
ATOM 296  N N     . MET B 2 29  ? 9.027   -7.105  -4.564  1.00 19.53 ? 29  MET A N     1 
ATOM 297  C CA    . MET B 2 29  ? 8.020   -6.935  -3.509  1.00 13.38 ? 29  MET A CA    1 
ATOM 298  C C     . MET B 2 29  ? 6.721   -7.629  -3.765  1.00 16.84 ? 29  MET A C     1 
ATOM 299  O O     . MET B 2 29  ? 6.305   -8.474  -2.990  1.00 18.62 ? 29  MET A O     1 
ATOM 300  C CB    . MET B 2 29  ? 7.658   -5.488  -3.397  1.00 10.45 ? 29  MET A CB    1 
ATOM 301  C CG    . MET B 2 29  ? 8.354   -4.738  -2.301  1.00 14.31 ? 29  MET A CG    1 
ATOM 302  S SD    . MET B 2 29  ? 8.987   -5.796  -0.987  1.00 16.83 ? 29  MET A SD    1 
ATOM 303  C CE    . MET B 2 29  ? 10.455  -6.421  -1.877  1.00 14.60 ? 29  MET A CE    1 
ATOM 304  N N     . MET B 2 30  ? 6.026   -7.180  -4.811  1.00 20.37 ? 30  MET A N     1 
ATOM 305  C CA    . MET B 2 30  ? 4.707   -7.729  -5.220  1.00 20.34 ? 30  MET A CA    1 
ATOM 306  C C     . MET B 2 30  ? 4.739   -9.236  -5.071  1.00 17.38 ? 30  MET A C     1 
ATOM 307  O O     . MET B 2 30  ? 4.040   -9.872  -4.314  1.00 19.70 ? 30  MET A O     1 
ATOM 308  C CB    . MET B 2 30  ? 4.436   -7.483  -6.738  1.00 19.96 ? 30  MET A CB    1 
ATOM 309  C CG    . MET B 2 30  ? 4.106   -6.069  -7.166  1.00 19.56 ? 30  MET A CG    1 
ATOM 310  S SD    . MET B 2 30  ? 2.925   -5.255  -6.099  1.00 21.84 ? 30  MET A SD    1 
ATOM 311  C CE    . MET B 2 30  ? 1.413   -5.621  -7.044  1.00 20.46 ? 30  MET A CE    1 
ATOM 312  N N     . LYS B 2 31  ? 5.569   -9.758  -5.904  1.00 13.01 ? 31  LYS A N     1 
ATOM 313  C CA    . LYS B 2 31  ? 5.874   -11.125 -6.019  1.00 13.36 ? 31  LYS A CA    1 
ATOM 314  C C     . LYS B 2 31  ? 5.856   -11.891 -4.720  1.00 14.11 ? 31  LYS A C     1 
ATOM 315  O O     . LYS B 2 31  ? 5.264   -12.991 -4.634  1.00 12.19 ? 31  LYS A O     1 
ATOM 316  C CB    . LYS B 2 31  ? 7.320   -11.127 -6.479  1.00 15.47 ? 31  LYS A CB    1 
ATOM 317  C CG    . LYS B 2 31  ? 8.069   -12.383 -6.105  1.00 18.98 ? 31  LYS A CG    1 
ATOM 318  C CD    . LYS B 2 31  ? 7.767   -13.552 -7.050  1.00 21.51 ? 31  LYS A CD    1 
ATOM 319  C CE    . LYS B 2 31  ? 7.758   -14.884 -6.310  1.00 23.87 ? 31  LYS A CE    1 
ATOM 320  N NZ    . LYS B 2 31  ? 8.821   -14.947 -5.286  1.00 25.17 ? 31  LYS A NZ    1 
ATOM 321  N N     . SER B 2 32  ? 6.618   -11.274 -3.775  1.00 14.34 ? 32  SER A N     1 
ATOM 322  C CA    . SER B 2 32  ? 7.031   -11.761 -2.485  1.00 12.56 ? 32  SER A CA    1 
ATOM 323  C C     . SER B 2 32  ? 6.038   -11.557 -1.414  1.00 11.99 ? 32  SER A C     1 
ATOM 324  O O     . SER B 2 32  ? 5.843   -12.396 -0.538  1.00 10.13 ? 32  SER A O     1 
ATOM 325  C CB    . SER B 2 32  ? 8.378   -11.147 -2.128  1.00 16.42 ? 32  SER A CB    1 
ATOM 326  O OG    . SER B 2 32  ? 8.230   -10.130 -1.151  1.00 18.41 ? 32  SER A OG    1 
ATOM 327  N N     . ARG B 2 33  ? 5.391   -10.413 -1.487  1.00 15.57 ? 33  ARG A N     1 
ATOM 328  C CA    . ARG B 2 33  ? 4.349   -10.093 -0.547  1.00 15.33 ? 33  ARG A CA    1 
ATOM 329  C C     . ARG B 2 33  ? 3.111   -10.833 -0.986  1.00 17.62 ? 33  ARG A C     1 
ATOM 330  O O     . ARG B 2 33  ? 2.005   -10.434 -0.762  1.00 18.82 ? 33  ARG A O     1 
ATOM 331  C CB    . ARG B 2 33  ? 4.087   -8.617  -0.482  1.00 13.17 ? 33  ARG A CB    1 
ATOM 332  C CG    . ARG B 2 33  ? 4.839   -7.926  0.614   1.00 15.75 ? 33  ARG A CG    1 
ATOM 333  C CD    . ARG B 2 33  ? 5.117   -8.757  1.881   1.00 18.20 ? 33  ARG A CD    1 
ATOM 334  N NE    . ARG B 2 33  ? 6.211   -8.133  2.629   1.00 20.19 ? 33  ARG A NE    1 
ATOM 335  C CZ    . ARG B 2 33  ? 6.245   -6.796  2.871   1.00 22.81 ? 33  ARG A CZ    1 
ATOM 336  N NH1   . ARG B 2 33  ? 5.222   -5.959  2.524   1.00 22.08 ? 33  ARG A NH1   1 
ATOM 337  N NH2   . ARG B 2 33  ? 7.322   -6.284  3.494   1.00 23.57 ? 33  ARG A NH2   1 
ATOM 338  N N     . ASN B 2 34  ? 3.338   -11.911 -1.695  1.00 20.76 ? 34  ASN A N     1 
ATOM 339  C CA    . ASN B 2 34  ? 2.294   -12.803 -2.158  1.00 23.30 ? 34  ASN A CA    1 
ATOM 340  C C     . ASN B 2 34  ? 1.199   -12.137 -2.943  1.00 22.07 ? 34  ASN A C     1 
ATOM 341  O O     . ASN B 2 34  ? 0.050   -12.625 -2.953  1.00 22.80 ? 34  ASN A O     1 
ATOM 342  C CB    . ASN B 2 34  ? 1.679   -13.577 -0.974  1.00 24.88 ? 34  ASN A CB    1 
ATOM 343  C CG    . ASN B 2 34  ? 2.231   -14.993 -0.876  1.00 26.79 ? 34  ASN A CG    1 
ATOM 344  O OD1   . ASN B 2 34  ? 1.466   -15.958 -0.591  1.00 28.87 ? 34  ASN A OD1   1 
ATOM 345  N ND2   . ASN B 2 34  ? 3.541   -15.120 -1.164  1.00 25.37 ? 34  ASN A ND2   1 
ATOM 346  N N     . LEU B 2 35  ? 1.563   -11.041 -3.600  1.00 18.84 ? 35  LEU A N     1 
ATOM 347  C CA    . LEU B 2 35  ? 0.574   -10.287 -4.339  1.00 15.85 ? 35  LEU A CA    1 
ATOM 348  C C     . LEU B 2 35  ? 0.468   -10.830 -5.716  1.00 15.64 ? 35  LEU A C     1 
ATOM 349  O O     . LEU B 2 35  ? -0.501  -10.687 -6.476  1.00 17.55 ? 35  LEU A O     1 
ATOM 350  C CB    . LEU B 2 35  ? 0.756   -8.754  -4.276  1.00 13.07 ? 35  LEU A CB    1 
ATOM 351  C CG    . LEU B 2 35  ? 0.762   -8.202  -2.845  1.00 8.36  ? 35  LEU A CG    1 
ATOM 352  C CD1   . LEU B 2 35  ? 2.188   -7.804  -2.415  1.00 5.34  ? 35  LEU A CD1   1 
ATOM 353  C CD2   . LEU B 2 35  ? -0.137  -6.989  -2.775  1.00 8.04  ? 35  LEU A CD2   1 
ATOM 354  N N     . THR B 2 36  ? 1.443   -11.573 -6.026  1.00 14.34 ? 36  THR A N     1 
ATOM 355  C CA    . THR B 2 36  ? 1.325   -12.126 -7.309  1.00 16.07 ? 36  THR A CA    1 
ATOM 356  C C     . THR B 2 36  ? 0.672   -13.533 -7.283  1.00 19.59 ? 36  THR A C     1 
ATOM 357  O O     . THR B 2 36  ? 0.423   -14.167 -8.328  1.00 19.56 ? 36  THR A O     1 
ATOM 358  C CB    . THR B 2 36  ? 2.635   -11.838 -8.034  1.00 16.46 ? 36  THR A CB    1 
ATOM 359  O OG1   . THR B 2 36  ? 2.472   -10.781 -8.970  1.00 13.74 ? 36  THR A OG1   1 
ATOM 360  C CG2   . THR B 2 36  ? 3.433   -13.057 -8.491  1.00 18.97 ? 36  THR A CG2   1 
ATOM 361  N N     . LYS B 2 37  ? 0.234   -13.911 -6.052  1.00 22.15 ? 37  LYS A N     1 
ATOM 362  C CA    . LYS B 2 37  ? -0.401  -15.193 -5.707  1.00 21.68 ? 37  LYS A CA    1 
ATOM 363  C C     . LYS B 2 37  ? -0.943  -16.030 -6.832  1.00 20.15 ? 37  LYS A C     1 
ATOM 364  O O     . LYS B 2 37  ? -0.239  -16.874 -7.359  1.00 20.59 ? 37  LYS A O     1 
ATOM 365  C CB    . LYS B 2 37  ? -1.220  -15.283 -4.414  1.00 20.85 ? 37  LYS A CB    1 
ATOM 366  C CG    . LYS B 2 37  ? -1.247  -16.706 -3.823  1.00 20.27 ? 37  LYS A CG    1 
ATOM 367  C CD    . LYS B 2 37  ? 0.039   -17.079 -3.073  1.00 22.11 ? 37  LYS A CD    1 
ATOM 368  C CE    . LYS B 2 37  ? -0.065  -18.320 -2.171  1.00 24.12 ? 37  LYS A CE    1 
ATOM 369  N NZ    . LYS B 2 37  ? 1.023   -19.320 -2.332  1.00 24.60 ? 37  LYS A NZ    1 
ATOM 370  N N     . ASP B 2 38  ? -2.191  -15.764 -7.149  1.00 19.32 ? 38  ASP A N     1 
ATOM 371  C CA    . ASP B 2 38  ? -2.948  -16.435 -8.157  1.00 20.28 ? 38  ASP A CA    1 
ATOM 372  C C     . ASP B 2 38  ? -3.526  -15.357 -9.043  1.00 18.79 ? 38  ASP A C     1 
ATOM 373  O O     . ASP B 2 38  ? -4.672  -15.366 -9.467  1.00 18.59 ? 38  ASP A O     1 
ATOM 374  C CB    . ASP B 2 38  ? -4.035  -17.297 -7.499  1.00 26.45 ? 38  ASP A CB    1 
ATOM 375  C CG    . ASP B 2 38  ? -5.124  -16.466 -6.822  1.00 31.27 ? 38  ASP A CG    1 
ATOM 376  O OD1   . ASP B 2 38  ? -4.657  -15.513 -5.986  1.00 30.28 ? 38  ASP A OD1   1 
ATOM 377  O OD2   . ASP B 2 38  ? -6.333  -16.643 -7.085  1.00 33.34 ? 38  ASP A OD2   1 
ATOM 378  N N     . ARG B 2 39  ? -2.657  -14.407 -9.289  1.00 18.31 ? 39  ARG A N     1 
ATOM 379  C CA    . ARG B 2 39  ? -2.898  -13.290 -10.143 1.00 16.51 ? 39  ARG A CA    1 
ATOM 380  C C     . ARG B 2 39  ? -1.866  -12.211 -9.924  1.00 18.26 ? 39  ARG A C     1 
ATOM 381  O O     . ARG B 2 39  ? -1.028  -12.262 -9.007  1.00 16.47 ? 39  ARG A O     1 
ATOM 382  C CB    . ARG B 2 39  ? -4.285  -12.724 -10.066 1.00 13.14 ? 39  ARG A CB    1 
ATOM 383  C CG    . ARG B 2 39  ? -4.810  -12.688 -8.674  1.00 14.33 ? 39  ARG A CG    1 
ATOM 384  C CD    . ARG B 2 39  ? -6.254  -12.257 -8.678  1.00 17.63 ? 39  ARG A CD    1 
ATOM 385  N NE    . ARG B 2 39  ? -6.375  -10.809 -8.504  1.00 21.49 ? 39  ARG A NE    1 
ATOM 386  C CZ    . ARG B 2 39  ? -6.511  -9.883  -9.479  1.00 20.35 ? 39  ARG A CZ    1 
ATOM 387  N NH1   . ARG B 2 39  ? -6.507  -10.199 -10.784 1.00 19.23 ? 39  ARG A NH1   1 
ATOM 388  N NH2   . ARG B 2 39  ? -6.661  -8.600  -9.105  1.00 17.46 ? 39  ARG A NH2   1 
ATOM 389  N N     . CYS B 2 40  ? -1.967  -11.223 -10.802 1.00 19.73 ? 40  CYS A N     1 
ATOM 390  C CA    . CYS B 2 40  ? -1.086  -10.090 -10.798 1.00 19.11 ? 40  CYS A CA    1 
ATOM 391  C C     . CYS B 2 40  ? -1.847  -8.916  -10.209 1.00 12.68 ? 40  CYS A C     1 
ATOM 392  O O     . CYS B 2 40  ? -2.706  -8.372  -10.869 1.00 11.57 ? 40  CYS A O     1 
ATOM 393  C CB    . CYS B 2 40  ? -0.652  -9.763  -12.264 1.00 22.28 ? 40  CYS A CB    1 
ATOM 394  S SG    . CYS B 2 40  ? 0.825   -10.580 -12.984 1.00 24.53 ? 40  CYS A SG    1 
ATOM 395  N N     . LYS B 2 41  ? -1.599  -8.569  -8.962  1.00 10.55 ? 41  LYS A N     1 
ATOM 396  C CA    . LYS B 2 41  ? -2.308  -7.443  -8.400  1.00 10.66 ? 41  LYS A CA    1 
ATOM 397  C C     . LYS B 2 41  ? -1.775  -6.310  -9.261  1.00 13.37 ? 41  LYS A C     1 
ATOM 398  O O     . LYS B 2 41  ? -0.552  -6.079  -9.249  1.00 15.47 ? 41  LYS A O     1 
ATOM 399  C CB    . LYS B 2 41  ? -1.959  -7.302  -6.929  1.00 10.78 ? 41  LYS A CB    1 
ATOM 400  C CG    . LYS B 2 41  ? -2.996  -6.646  -6.019  1.00 10.86 ? 41  LYS A CG    1 
ATOM 401  C CD    . LYS B 2 41  ? -2.358  -5.556  -5.145  1.00 10.88 ? 41  LYS A CD    1 
ATOM 402  C CE    . LYS B 2 41  ? -2.994  -5.364  -3.763  1.00 10.16 ? 41  LYS A CE    1 
ATOM 403  N NZ    . LYS B 2 41  ? -4.004  -4.314  -3.729  1.00 9.12  ? 41  LYS A NZ    1 
ATOM 404  N N     . PRO B 2 42  ? -2.663  -5.742  -10.117 1.00 12.41 ? 42  PRO A N     1 
ATOM 405  C CA    . PRO B 2 42  ? -2.347  -4.746  -11.131 1.00 13.27 ? 42  PRO A CA    1 
ATOM 406  C C     . PRO B 2 42  ? -1.701  -3.525  -10.622 1.00 16.97 ? 42  PRO A C     1 
ATOM 407  O O     . PRO B 2 42  ? -0.835  -2.964  -11.300 1.00 18.63 ? 42  PRO A O     1 
ATOM 408  C CB    . PRO B 2 42  ? -3.657  -4.332  -11.787 1.00 14.56 ? 42  PRO A CB    1 
ATOM 409  C CG    . PRO B 2 42  ? -4.776  -4.944  -10.954 1.00 13.74 ? 42  PRO A CG    1 
ATOM 410  C CD    . PRO B 2 42  ? -4.129  -5.936  -9.999  1.00 12.29 ? 42  PRO A CD    1 
ATOM 411  N N     . VAL B 2 43  ? -2.170  -3.094  -9.446  1.00 19.09 ? 43  VAL A N     1 
ATOM 412  C CA    . VAL B 2 43  ? -1.626  -1.919  -8.804  1.00 19.98 ? 43  VAL A CA    1 
ATOM 413  C C     . VAL B 2 43  ? -1.651  -2.023  -7.299  1.00 20.13 ? 43  VAL A C     1 
ATOM 414  O O     . VAL B 2 43  ? -2.653  -2.398  -6.702  1.00 22.22 ? 43  VAL A O     1 
ATOM 415  C CB    . VAL B 2 43  ? -2.241  -0.600  -9.260  1.00 19.85 ? 43  VAL A CB    1 
ATOM 416  C CG1   . VAL B 2 43  ? -3.308  -0.181  -8.250  1.00 19.52 ? 43  VAL A CG1   1 
ATOM 417  C CG2   . VAL B 2 43  ? -1.133  0.463   -9.280  1.00 18.95 ? 43  VAL A CG2   1 
ATOM 418  N N     . ASN B 2 44  ? -0.539  -1.633  -6.708  1.00 18.16 ? 44  ASN A N     1 
ATOM 419  C CA    . ASN B 2 44  ? -0.348  -1.653  -5.289  1.00 16.13 ? 44  ASN A CA    1 
ATOM 420  C C     . ASN B 2 44  ? 0.715   -0.658  -4.883  1.00 15.93 ? 44  ASN A C     1 
ATOM 421  O O     . ASN B 2 44  ? 1.780   -0.596  -5.477  1.00 15.99 ? 44  ASN A O     1 
ATOM 422  C CB    . ASN B 2 44  ? 0.178   -3.029  -4.877  1.00 14.55 ? 44  ASN A CB    1 
ATOM 423  C CG    . ASN B 2 44  ? 0.064   -3.296  -3.382  1.00 13.56 ? 44  ASN A CG    1 
ATOM 424  O OD1   . ASN B 2 44  ? -1.055  -3.440  -2.861  1.00 14.81 ? 44  ASN A OD1   1 
ATOM 425  N ND2   . ASN B 2 44  ? 1.205   -3.479  -2.713  1.00 10.36 ? 44  ASN A ND2   1 
ATOM 426  N N     . THR B 2 45  ? 0.469   0.043   -3.805  1.00 15.49 ? 45  THR A N     1 
ATOM 427  C CA    . THR B 2 45  ? 1.434   0.973   -3.292  1.00 15.63 ? 45  THR A CA    1 
ATOM 428  C C     . THR B 2 45  ? 1.999   0.488   -1.978  1.00 14.06 ? 45  THR A C     1 
ATOM 429  O O     . THR B 2 45  ? 1.244   0.084   -1.060  1.00 13.05 ? 45  THR A O     1 
ATOM 430  C CB    . THR B 2 45  ? 0.698   2.300   -3.048  1.00 20.05 ? 45  THR A CB    1 
ATOM 431  O OG1   . THR B 2 45  ? 0.063   2.654   -4.246  1.00 22.30 ? 45  THR A OG1   1 
ATOM 432  C CG2   . THR B 2 45  ? 1.572   3.448   -2.558  1.00 20.71 ? 45  THR A CG2   1 
ATOM 433  N N     . PHE B 2 46  ? 3.328   0.553   -1.881  1.00 13.61 ? 46  PHE A N     1 
ATOM 434  C CA    . PHE B 2 46  ? 4.008   0.233   -0.642  1.00 13.90 ? 46  PHE A CA    1 
ATOM 435  C C     . PHE B 2 46  ? 4.323   1.549   0.031   1.00 14.15 ? 46  PHE A C     1 
ATOM 436  O O     . PHE B 2 46  ? 4.713   2.517   -0.622  1.00 13.10 ? 46  PHE A O     1 
ATOM 437  C CB    . PHE B 2 46  ? 5.303   -0.619  -0.773  1.00 13.23 ? 46  PHE A CB    1 
ATOM 438  C CG    . PHE B 2 46  ? 5.022   -2.058  -1.113  1.00 10.96 ? 46  PHE A CG    1 
ATOM 439  C CD1   . PHE B 2 46  ? 4.758   -2.987  -0.112  1.00 9.29  ? 46  PHE A CD1   1 
ATOM 440  C CD2   . PHE B 2 46  ? 4.982   -2.481  -2.442  1.00 9.04  ? 46  PHE A CD2   1 
ATOM 441  C CE1   . PHE B 2 46  ? 4.436   -4.304  -0.433  1.00 7.38  ? 46  PHE A CE1   1 
ATOM 442  C CE2   . PHE B 2 46  ? 4.649   -3.790  -2.785  1.00 5.79  ? 46  PHE A CE2   1 
ATOM 443  C CZ    . PHE B 2 46  ? 4.373   -4.695  -1.767  1.00 5.01  ? 46  PHE A CZ    1 
ATOM 444  N N     . VAL B 2 47  ? 4.073   1.569   1.332   1.00 15.64 ? 47  VAL A N     1 
ATOM 445  C CA    . VAL B 2 47  ? 4.340   2.693   2.218   1.00 14.26 ? 47  VAL A CA    1 
ATOM 446  C C     . VAL B 2 47  ? 5.646   2.367   2.917   1.00 16.60 ? 47  VAL A C     1 
ATOM 447  O O     . VAL B 2 47  ? 6.005   1.209   3.092   1.00 17.10 ? 47  VAL A O     1 
ATOM 448  C CB    . VAL B 2 47  ? 3.259   2.864   3.245   1.00 10.89 ? 47  VAL A CB    1 
ATOM 449  C CG1   . VAL B 2 47  ? 3.618   4.001   4.187   1.00 10.03 ? 47  VAL A CG1   1 
ATOM 450  C CG2   . VAL B 2 47  ? 1.902   3.060   2.568   1.00 9.85  ? 47  VAL A CG2   1 
ATOM 451  N N     . HIS B 2 48  ? 6.398   3.378   3.261   1.00 17.97 ? 48  HIS A N     1 
ATOM 452  C CA    . HIS B 2 48  ? 7.713   3.163   3.807   1.00 15.44 ? 48  HIS A CA    1 
ATOM 453  C C     . HIS B 2 48  ? 7.869   3.897   5.105   1.00 15.94 ? 48  HIS A C     1 
ATOM 454  O O     . HIS B 2 48  ? 8.901   4.519   5.352   1.00 19.30 ? 48  HIS A O     1 
ATOM 455  C CB    . HIS B 2 48  ? 8.783   3.667   2.808   1.00 11.87 ? 48  HIS A CB    1 
ATOM 456  C CG    . HIS B 2 48  ? 8.809   3.034   1.434   1.00 12.35 ? 48  HIS A CG    1 
ATOM 457  N ND1   . HIS B 2 48  ? 9.198   1.729   1.202   1.00 13.27 ? 48  HIS A ND1   1 
ATOM 458  C CD2   . HIS B 2 48  ? 8.634   3.586   0.214   1.00 13.54 ? 48  HIS A CD2   1 
ATOM 459  C CE1   . HIS B 2 48  ? 9.200   1.523   -0.098  1.00 12.51 ? 48  HIS A CE1   1 
ATOM 460  N NE2   . HIS B 2 48  ? 8.870   2.623   -0.730  1.00 12.20 ? 48  HIS A NE2   1 
ATOM 461  N N     . GLU B 2 49  ? 6.830   3.868   5.903   1.00 11.49 ? 49  GLU A N     1 
ATOM 462  C CA    . GLU B 2 49  ? 6.897   4.455   7.211   1.00 11.48 ? 49  GLU A CA    1 
ATOM 463  C C     . GLU B 2 49  ? 6.810   3.356   8.223   1.00 11.30 ? 49  GLU A C     1 
ATOM 464  O O     . GLU B 2 49  ? 6.788   2.187   7.862   1.00 12.89 ? 49  GLU A O     1 
ATOM 465  C CB    . GLU B 2 49  ? 5.723   5.354   7.376   1.00 12.15 ? 49  GLU A CB    1 
ATOM 466  C CG    . GLU B 2 49  ? 5.673   6.067   6.065   1.00 13.91 ? 49  GLU A CG    1 
ATOM 467  C CD    . GLU B 2 49  ? 6.680   7.122   6.146   1.00 16.52 ? 49  GLU A CD    1 
ATOM 468  O OE1   . GLU B 2 49  ? 6.292   8.116   6.904   1.00 16.35 ? 49  GLU A OE1   1 
ATOM 469  O OE2   . GLU B 2 49  ? 7.794   6.974   5.714   1.00 19.70 ? 49  GLU A OE2   1 
ATOM 470  N N     . SER B 2 50  ? 6.736   3.682   9.483   1.00 9.45  ? 50  SER A N     1 
ATOM 471  C CA    . SER B 2 50  ? 6.562   2.573   10.364  1.00 9.07  ? 50  SER A CA    1 
ATOM 472  C C     . SER B 2 50  ? 5.126   2.170   10.270  1.00 10.76 ? 50  SER A C     1 
ATOM 473  O O     . SER B 2 50  ? 4.372   2.690   9.436   1.00 12.68 ? 50  SER A O     1 
ATOM 474  C CB    . SER B 2 50  ? 6.861   2.898   11.781  1.00 11.60 ? 50  SER A CB    1 
ATOM 475  O OG    . SER B 2 50  ? 6.063   3.993   12.151  1.00 13.60 ? 50  SER A OG    1 
ATOM 476  N N     . LEU B 2 51  ? 4.761   1.235   11.119  1.00 9.43  ? 51  LEU A N     1 
ATOM 477  C CA    . LEU B 2 51  ? 3.416   0.745   11.164  1.00 7.81  ? 51  LEU A CA    1 
ATOM 478  C C     . LEU B 2 51  ? 2.652   1.637   12.115  1.00 11.68 ? 51  LEU A C     1 
ATOM 479  O O     . LEU B 2 51  ? 1.502   1.999   11.931  1.00 12.94 ? 51  LEU A O     1 
ATOM 480  C CB    . LEU B 2 51  ? 3.440   -0.687  11.691  1.00 6.77  ? 51  LEU A CB    1 
ATOM 481  C CG    . LEU B 2 51  ? 2.063   -1.294  11.735  1.00 9.56  ? 51  LEU A CG    1 
ATOM 482  C CD1   . LEU B 2 51  ? 1.140   -0.570  10.752  1.00 9.75  ? 51  LEU A CD1   1 
ATOM 483  C CD2   . LEU B 2 51  ? 2.148   -2.766  11.363  1.00 10.26 ? 51  LEU A CD2   1 
ATOM 484  N N     . ALA B 2 52  ? 3.337   2.005   13.170  1.00 14.92 ? 52  ALA A N     1 
ATOM 485  C CA    . ALA B 2 52  ? 2.747   2.824   14.167  1.00 17.35 ? 52  ALA A CA    1 
ATOM 486  C C     . ALA B 2 52  ? 2.343   4.162   13.614  1.00 18.46 ? 52  ALA A C     1 
ATOM 487  O O     . ALA B 2 52  ? 1.460   4.809   14.192  1.00 22.11 ? 52  ALA A O     1 
ATOM 488  C CB    . ALA B 2 52  ? 3.744   3.018   15.281  1.00 19.78 ? 52  ALA A CB    1 
ATOM 489  N N     . ASP B 2 53  ? 3.007   4.562   12.530  1.00 16.10 ? 53  ASP A N     1 
ATOM 490  C CA    . ASP B 2 53  ? 2.767   5.831   11.848  1.00 15.72 ? 53  ASP A CA    1 
ATOM 491  C C     . ASP B 2 53  ? 1.642   5.752   10.834  1.00 15.51 ? 53  ASP A C     1 
ATOM 492  O O     . ASP B 2 53  ? 0.993   6.768   10.523  1.00 16.04 ? 53  ASP A O     1 
ATOM 493  C CB    . ASP B 2 53  ? 3.969   6.223   10.973  1.00 16.35 ? 53  ASP A CB    1 
ATOM 494  C CG    . ASP B 2 53  ? 4.989   7.073   11.620  1.00 17.48 ? 53  ASP A CG    1 
ATOM 495  O OD1   . ASP B 2 53  ? 4.636   7.469   12.809  1.00 17.37 ? 53  ASP A OD1   1 
ATOM 496  O OD2   . ASP B 2 53  ? 6.050   7.313   11.091  1.00 18.86 ? 53  ASP A OD2   1 
ATOM 497  N N     . VAL B 2 54  ? 1.576   4.564   10.194  1.00 12.80 ? 54  VAL A N     1 
ATOM 498  C CA    . VAL B 2 54  ? 0.642   4.279   9.147   1.00 9.03  ? 54  VAL A CA    1 
ATOM 499  C C     . VAL B 2 54  ? -0.689  4.004   9.786   1.00 12.85 ? 54  VAL A C     1 
ATOM 500  O O     . VAL B 2 54  ? -1.722  4.395   9.253   1.00 13.94 ? 54  VAL A O     1 
ATOM 501  C CB    . VAL B 2 54  ? 1.079   3.102   8.317   1.00 5.71  ? 54  VAL A CB    1 
ATOM 502  C CG1   . VAL B 2 54  ? -0.103  2.552   7.572   1.00 6.00  ? 54  VAL A CG1   1 
ATOM 503  C CG2   . VAL B 2 54  ? 2.105   3.516   7.310   1.00 6.26  ? 54  VAL A CG2   1 
ATOM 504  N N     . GLN B 2 55  ? -0.632  3.363   10.963  1.00 13.48 ? 55  GLN A N     1 
ATOM 505  C CA    . GLN B 2 55  ? -1.805  3.069   11.732  1.00 13.48 ? 55  GLN A CA    1 
ATOM 506  C C     . GLN B 2 55  ? -2.359  4.386   12.275  1.00 12.15 ? 55  GLN A C     1 
ATOM 507  O O     . GLN B 2 55  ? -3.571  4.601   12.470  1.00 12.91 ? 55  GLN A O     1 
ATOM 508  C CB    . GLN B 2 55  ? -1.482  2.074   12.857  1.00 17.17 ? 55  GLN A CB    1 
ATOM 509  C CG    . GLN B 2 55  ? -0.951  0.675   12.402  1.00 19.98 ? 55  GLN A CG    1 
ATOM 510  C CD    . GLN B 2 55  ? -0.703  -0.301  13.578  1.00 21.35 ? 55  GLN A CD    1 
ATOM 511  O OE1   . GLN B 2 55  ? -0.658  0.111   14.736  1.00 22.38 ? 55  GLN A OE1   1 
ATOM 512  N NE2   . GLN B 2 55  ? -0.632  -1.603  13.324  1.00 21.58 ? 55  GLN A NE2   1 
ATOM 513  N N     . ALA B 2 56  ? -1.457  5.314   12.492  1.00 10.96 ? 56  ALA A N     1 
ATOM 514  C CA    . ALA B 2 56  ? -1.883  6.613   12.984  1.00 10.20 ? 56  ALA A CA    1 
ATOM 515  C C     . ALA B 2 56  ? -2.899  7.211   12.066  1.00 10.42 ? 56  ALA A C     1 
ATOM 516  O O     . ALA B 2 56  ? -3.896  7.705   12.505  1.00 11.54 ? 56  ALA A O     1 
ATOM 517  C CB    . ALA B 2 56  ? -0.743  7.591   13.129  1.00 7.99  ? 56  ALA A CB    1 
ATOM 518  N N     . VAL B 2 57  ? -2.679  7.059   10.789  1.00 10.53 ? 57  VAL A N     1 
ATOM 519  C CA    . VAL B 2 57  ? -3.554  7.622   9.795   1.00 10.89 ? 57  VAL A CA    1 
ATOM 520  C C     . VAL B 2 57  ? -5.029  7.433   10.082  1.00 10.35 ? 57  VAL A C     1 
ATOM 521  O O     . VAL B 2 57  ? -5.846  8.225   9.667   1.00 11.03 ? 57  VAL A O     1 
ATOM 522  C CB    . VAL B 2 57  ? -3.069  7.275   8.397   1.00 13.39 ? 57  VAL A CB    1 
ATOM 523  C CG1   . VAL B 2 57  ? -3.972  7.856   7.303   1.00 14.76 ? 57  VAL A CG1   1 
ATOM 524  C CG2   . VAL B 2 57  ? -1.606  7.738   8.255   1.00 10.65 ? 57  VAL A CG2   1 
ATOM 525  N N     . CYS B 2 58  ? -5.334  6.470   10.957  1.00 9.97  ? 58  CYS A N     1 
ATOM 526  C CA    . CYS B 2 58  ? -6.691  6.206   11.401  1.00 8.99  ? 58  CYS A CA    1 
ATOM 527  C C     . CYS B 2 58  ? -7.171  7.122   12.513  1.00 10.90 ? 58  CYS A C     1 
ATOM 528  O O     . CYS B 2 58  ? -8.257  6.985   13.079  1.00 13.05 ? 58  CYS A O     1 
ATOM 529  C CB    . CYS B 2 58  ? -6.883  4.768   11.813  1.00 7.41  ? 58  CYS A CB    1 
ATOM 530  S SG    . CYS B 2 58  ? -6.421  3.734   10.454  1.00 9.68  ? 58  CYS A SG    1 
ATOM 531  N N     . SER B 2 59  ? -6.356  8.064   12.844  1.00 10.36 ? 59  SER A N     1 
ATOM 532  C CA    . SER B 2 59  ? -6.724  9.021   13.824  1.00 11.92 ? 59  SER A CA    1 
ATOM 533  C C     . SER B 2 59  ? -6.415  10.314  13.213  1.00 16.71 ? 59  SER A C     1 
ATOM 534  O O     . SER B 2 59  ? -6.232  11.280  13.912  1.00 20.68 ? 59  SER A O     1 
ATOM 535  C CB    . SER B 2 59  ? -5.852  8.812   14.996  1.00 13.05 ? 59  SER A CB    1 
ATOM 536  O OG    . SER B 2 59  ? -5.949  7.417   15.231  1.00 16.13 ? 59  SER A OG    1 
ATOM 537  N N     . GLN B 2 60  ? -6.317  10.276  11.878  1.00 16.51 ? 60  GLN A N     1 
ATOM 538  C CA    . GLN B 2 60  ? -5.912  11.393  11.094  1.00 17.19 ? 60  GLN A CA    1 
ATOM 539  C C     . GLN B 2 60  ? -7.024  11.980  10.248  1.00 19.32 ? 60  GLN A C     1 
ATOM 540  O O     . GLN B 2 60  ? -8.168  11.626  10.416  1.00 22.02 ? 60  GLN A O     1 
ATOM 541  C CB    . GLN B 2 60  ? -4.708  10.969  10.251  1.00 18.37 ? 60  GLN A CB    1 
ATOM 542  C CG    . GLN B 2 60  ? -3.586  12.016  10.236  1.00 19.83 ? 60  GLN A CG    1 
ATOM 543  C CD    . GLN B 2 60  ? -2.334  11.420  10.819  1.00 22.40 ? 60  GLN A CD    1 
ATOM 544  O OE1   . GLN B 2 60  ? -1.277  11.389  10.170  1.00 23.33 ? 60  GLN A OE1   1 
ATOM 545  N NE2   . GLN B 2 60  ? -2.474  10.849  12.015  1.00 23.46 ? 60  GLN A NE2   1 
ATOM 546  N N     . LYS B 2 61  ? -6.686  12.876  9.320   1.00 17.26 ? 61  LYS A N     1 
ATOM 547  C CA    . LYS B 2 61  ? -7.695  13.514  8.497   1.00 13.48 ? 61  LYS A CA    1 
ATOM 548  C C     . LYS B 2 61  ? -8.655  12.593  7.872   1.00 11.88 ? 61  LYS A C     1 
ATOM 549  O O     . LYS B 2 61  ? -8.335  11.942  6.910   1.00 17.91 ? 61  LYS A O     1 
ATOM 550  C CB    . LYS B 2 61  ? -7.152  14.389  7.389   1.00 12.15 ? 61  LYS A CB    1 
ATOM 551  C CG    . LYS B 2 61  ? -8.266  14.982  6.550   1.00 10.84 ? 61  LYS A CG    1 
ATOM 552  C CD    . LYS B 2 61  ? -7.715  16.083  5.672   1.00 16.19 ? 61  LYS A CD    1 
ATOM 553  C CE    . LYS B 2 61  ? -8.740  17.135  5.308   1.00 22.68 ? 61  LYS A CE    1 
ATOM 554  N NZ    . LYS B 2 61  ? -10.080 16.537  5.089   1.00 28.38 ? 61  LYS A NZ    1 
ATOM 555  N N     . ASN B 2 62  ? -9.858  12.634  8.311   1.00 7.79  ? 62  ASN A N     1 
ATOM 556  C CA    . ASN B 2 62  ? -10.842 11.804  7.700   1.00 6.61  ? 62  ASN A CA    1 
ATOM 557  C C     . ASN B 2 62  ? -11.288 12.393  6.399   1.00 9.79  ? 62  ASN A C     1 
ATOM 558  O O     . ASN B 2 62  ? -11.759 13.539  6.361   1.00 11.28 ? 62  ASN A O     1 
ATOM 559  C CB    . ASN B 2 62  ? -12.077 11.764  8.579   1.00 6.74  ? 62  ASN A CB    1 
ATOM 560  C CG    . ASN B 2 62  ? -13.103 10.773  8.110   1.00 9.25  ? 62  ASN A CG    1 
ATOM 561  O OD1   . ASN B 2 62  ? -14.248 10.822  8.536   1.00 10.46 ? 62  ASN A OD1   1 
ATOM 562  N ND2   . ASN B 2 62  ? -12.702 9.848   7.258   1.00 10.97 ? 62  ASN A ND2   1 
ATOM 563  N N     . VAL B 2 63  ? -11.180 11.592  5.346   1.00 12.50 ? 63  VAL A N     1 
ATOM 564  C CA    . VAL B 2 63  ? -11.653 11.955  4.026   1.00 16.00 ? 63  VAL A CA    1 
ATOM 565  C C     . VAL B 2 63  ? -12.415 10.787  3.479   1.00 19.17 ? 63  VAL A C     1 
ATOM 566  O O     . VAL B 2 63  ? -12.312 9.696   4.033   1.00 21.30 ? 63  VAL A O     1 
ATOM 567  C CB    . VAL B 2 63  ? -10.525 12.274  3.061   1.00 17.11 ? 63  VAL A CB    1 
ATOM 568  C CG1   . VAL B 2 63  ? -9.418  13.028  3.779   1.00 18.81 ? 63  VAL A CG1   1 
ATOM 569  C CG2   . VAL B 2 63  ? -10.003 11.010  2.390   1.00 15.19 ? 63  VAL A CG2   1 
ATOM 570  N N     . ALA B 2 64  ? -13.145 10.998  2.384   1.00 18.79 ? 64  ALA A N     1 
ATOM 571  C CA    . ALA B 2 64  ? -13.893 9.915   1.747   1.00 16.14 ? 64  ALA A CA    1 
ATOM 572  C C     . ALA B 2 64  ? -12.933 8.998   1.043   1.00 17.58 ? 64  ALA A C     1 
ATOM 573  O O     . ALA B 2 64  ? -11.819 9.386   0.744   1.00 18.67 ? 64  ALA A O     1 
ATOM 574  C CB    . ALA B 2 64  ? -14.837 10.485  0.698   1.00 12.88 ? 64  ALA A CB    1 
ATOM 575  N N     . CYS B 2 65  ? -13.353 7.780   0.774   1.00 19.65 ? 65  CYS A N     1 
ATOM 576  C CA    . CYS B 2 65  ? -12.536 6.861   0.005   1.00 21.22 ? 65  CYS A CA    1 
ATOM 577  C C     . CYS B 2 65  ? -12.884 7.149   -1.452  1.00 22.71 ? 65  CYS A C     1 
ATOM 578  O O     . CYS B 2 65  ? -13.876 7.825   -1.708  1.00 22.95 ? 65  CYS A O     1 
ATOM 579  C CB    . CYS B 2 65  ? -12.815 5.389   0.383   1.00 21.03 ? 65  CYS A CB    1 
ATOM 580  S SG    . CYS B 2 65  ? -12.755 5.106   2.179   1.00 19.49 ? 65  CYS A SG    1 
ATOM 581  N N     . LYS B 2 66  ? -12.063 6.751   -2.409  1.00 23.05 ? 66  LYS A N     1 
ATOM 582  C CA    . LYS B 2 66  ? -12.470 7.080   -3.744  1.00 20.08 ? 66  LYS A CA    1 
ATOM 583  C C     . LYS B 2 66  ? -13.783 6.404   -3.898  1.00 18.19 ? 66  LYS A C     1 
ATOM 584  O O     . LYS B 2 66  ? -14.589 6.852   -4.659  1.00 20.85 ? 66  LYS A O     1 
ATOM 585  C CB    . LYS B 2 66  ? -11.516 6.596   -4.825  1.00 20.96 ? 66  LYS A CB    1 
ATOM 586  C CG    . LYS B 2 66  ? -10.080 6.367   -4.379  1.00 22.85 ? 66  LYS A CG    1 
ATOM 587  C CD    . LYS B 2 66  ? -9.081  7.172   -5.197  1.00 24.88 ? 66  LYS A CD    1 
ATOM 588  C CE    . LYS B 2 66  ? -8.735  6.516   -6.523  1.00 28.52 ? 66  LYS A CE    1 
ATOM 589  N NZ    . LYS B 2 66  ? -7.301  6.635   -6.882  1.00 31.25 ? 66  LYS A NZ    1 
ATOM 590  N N     . ASN B 2 67  ? -13.922 5.295   -3.158  1.00 16.01 ? 67  ASN A N     1 
ATOM 591  C CA    . ASN B 2 67  ? -15.062 4.381   -3.103  1.00 15.43 ? 67  ASN A CA    1 
ATOM 592  C C     . ASN B 2 67  ? -16.336 5.121   -2.812  1.00 14.18 ? 67  ASN A C     1 
ATOM 593  O O     . ASN B 2 67  ? -17.326 4.874   -3.428  1.00 16.99 ? 67  ASN A O     1 
ATOM 594  C CB    . ASN B 2 67  ? -14.868 3.166   -2.100  1.00 17.33 ? 67  ASN A CB    1 
ATOM 595  C CG    . ASN B 2 67  ? -13.388 2.814   -1.686  1.00 22.20 ? 67  ASN A CG    1 
ATOM 596  O OD1   . ASN B 2 67  ? -12.441 3.028   -2.477  1.00 26.11 ? 67  ASN A OD1   1 
ATOM 597  N ND2   . ASN B 2 67  ? -13.130 2.248   -0.480  1.00 20.12 ? 67  ASN A ND2   1 
ATOM 598  N N     . GLY B 2 68  ? -16.274 6.067   -1.902  1.00 10.75 ? 68  GLY A N     1 
ATOM 599  C CA    . GLY B 2 68  ? -17.401 6.813   -1.457  1.00 7.18  ? 68  GLY A CA    1 
ATOM 600  C C     . GLY B 2 68  ? -17.681 6.386   -0.024  1.00 5.81  ? 68  GLY A C     1 
ATOM 601  O O     . GLY B 2 68  ? -18.482 6.981   0.679   1.00 1.81  ? 68  GLY A O     1 
ATOM 602  N N     . GLN B 2 69  ? -17.052 5.278   0.364   1.00 10.25 ? 69  GLN A N     1 
ATOM 603  C CA    . GLN B 2 69  ? -17.186 4.738   1.717   1.00 15.23 ? 69  GLN A CA    1 
ATOM 604  C C     . GLN B 2 69  ? -16.575 5.780   2.611   1.00 15.19 ? 69  GLN A C     1 
ATOM 605  O O     . GLN B 2 69  ? -15.822 6.601   2.135   1.00 16.59 ? 69  GLN A O     1 
ATOM 606  C CB    . GLN B 2 69  ? -16.466 3.394   1.943   1.00 18.98 ? 69  GLN A CB    1 
ATOM 607  C CG    . GLN B 2 69  ? -17.100 2.132   1.344   1.00 20.84 ? 69  GLN A CG    1 
ATOM 608  C CD    . GLN B 2 69  ? -16.175 0.957   1.616   1.00 26.49 ? 69  GLN A CD    1 
ATOM 609  O OE1   . GLN B 2 69  ? -15.451 0.532   0.715   1.00 29.97 ? 69  GLN A OE1   1 
ATOM 610  N NE2   . GLN B 2 69  ? -16.114 0.475   2.861   1.00 27.35 ? 69  GLN A NE2   1 
ATOM 611  N N     . THR B 2 70  ? -16.870 5.777   3.872   1.00 13.37 ? 70  THR A N     1 
ATOM 612  C CA    . THR B 2 70  ? -16.423 6.886   4.637   1.00 12.83 ? 70  THR A CA    1 
ATOM 613  C C     . THR B 2 70  ? -15.285 6.800   5.597   1.00 16.71 ? 70  THR A C     1 
ATOM 614  O O     . THR B 2 70  ? -15.031 7.850   6.164   1.00 20.44 ? 70  THR A O     1 
ATOM 615  C CB    . THR B 2 70  ? -17.624 7.435   5.352   1.00 12.45 ? 70  THR A CB    1 
ATOM 616  O OG1   . THR B 2 70  ? -18.128 6.447   6.244   1.00 11.92 ? 70  THR A OG1   1 
ATOM 617  C CG2   . THR B 2 70  ? -18.649 7.751   4.262   1.00 14.62 ? 70  THR A CG2   1 
ATOM 618  N N     . ASN B 2 71  ? -14.611 5.630   5.797   1.00 15.05 ? 71  ASN A N     1 
ATOM 619  C CA    . ASN B 2 71  ? -13.515 5.500   6.746   1.00 8.88  ? 71  ASN A CA    1 
ATOM 620  C C     . ASN B 2 71  ? -12.159 5.533   6.136   1.00 10.60 ? 71  ASN A C     1 
ATOM 621  O O     . ASN B 2 71  ? -11.333 4.664   6.382   1.00 13.60 ? 71  ASN A O     1 
ATOM 622  C CB    . ASN B 2 71  ? -13.583 4.198   7.435   1.00 7.70  ? 71  ASN A CB    1 
ATOM 623  C CG    . ASN B 2 71  ? -13.503 3.125   6.409   1.00 10.80 ? 71  ASN A CG    1 
ATOM 624  O OD1   . ASN B 2 71  ? -13.848 3.355   5.251   1.00 10.87 ? 71  ASN A OD1   1 
ATOM 625  N ND2   . ASN B 2 71  ? -13.042 1.948   6.833   1.00 13.14 ? 71  ASN A ND2   1 
ATOM 626  N N     . CYS B 2 72  ? -11.863 6.580   5.405   1.00 10.92 ? 72  CYS A N     1 
ATOM 627  C CA    . CYS B 2 72  ? -10.548 6.699   4.832   1.00 9.82  ? 72  CYS A CA    1 
ATOM 628  C C     . CYS B 2 72  ? -9.878  7.793   5.533   1.00 6.74  ? 72  CYS A C     1 
ATOM 629  O O     . CYS B 2 72  ? -10.542 8.631   6.081   1.00 5.94  ? 72  CYS A O     1 
ATOM 630  C CB    . CYS B 2 72  ? -10.619 6.968   3.332   1.00 12.42 ? 72  CYS A CB    1 
ATOM 631  S SG    . CYS B 2 72  ? -10.839 5.377   2.622   1.00 16.93 ? 72  CYS A SG    1 
ATOM 632  N N     . TYR B 2 73  ? -8.590  7.826   5.512   1.00 8.04  ? 73  TYR A N     1 
ATOM 633  C CA    . TYR B 2 73  ? -8.034  8.927   6.213   1.00 11.16 ? 73  TYR A CA    1 
ATOM 634  C C     . TYR B 2 73  ? -6.787  9.369   5.593   1.00 12.42 ? 73  TYR A C     1 
ATOM 635  O O     . TYR B 2 73  ? -5.898  8.578   5.434   1.00 13.38 ? 73  TYR A O     1 
ATOM 636  C CB    . TYR B 2 73  ? -7.653  8.503   7.613   1.00 11.81 ? 73  TYR A CB    1 
ATOM 637  C CG    . TYR B 2 73  ? -8.816  8.072   8.411   1.00 12.08 ? 73  TYR A CG    1 
ATOM 638  C CD1   . TYR B 2 73  ? -9.290  6.770   8.279   1.00 13.28 ? 73  TYR A CD1   1 
ATOM 639  C CD2   . TYR B 2 73  ? -9.460  8.978   9.249   1.00 11.60 ? 73  TYR A CD2   1 
ATOM 640  C CE1   . TYR B 2 73  ? -10.405 6.369   9.012   1.00 15.43 ? 73  TYR A CE1   1 
ATOM 641  C CE2   . TYR B 2 73  ? -10.548 8.578   10.020  1.00 13.98 ? 73  TYR A CE2   1 
ATOM 642  C CZ    . TYR B 2 73  ? -11.014 7.273   9.883   1.00 16.90 ? 73  TYR A CZ    1 
ATOM 643  O OH    . TYR B 2 73  ? -12.069 6.853   10.635  1.00 20.63 ? 73  TYR A OH    1 
ATOM 644  N N     . GLN B 2 74  ? -6.662  10.626  5.324   1.00 13.07 ? 74  GLN A N     1 
ATOM 645  C CA    . GLN B 2 74  ? -5.400  10.969  4.747   1.00 13.60 ? 74  GLN A CA    1 
ATOM 646  C C     . GLN B 2 74  ? -4.422  11.280  5.809   1.00 13.20 ? 74  GLN A C     1 
ATOM 647  O O     . GLN B 2 74  ? -4.780  11.712  6.900   1.00 13.90 ? 74  GLN A O     1 
ATOM 648  C CB    . GLN B 2 74  ? -5.491  12.061  3.665   1.00 14.51 ? 74  GLN A CB    1 
ATOM 649  C CG    . GLN B 2 74  ? -4.524  13.220  3.890   1.00 15.08 ? 74  GLN A CG    1 
ATOM 650  C CD    . GLN B 2 74  ? -4.633  14.257  2.793   1.00 13.95 ? 74  GLN A CD    1 
ATOM 651  O OE1   . GLN B 2 74  ? -3.972  15.327  2.875   1.00 14.45 ? 74  GLN A OE1   1 
ATOM 652  N NE2   . GLN B 2 74  ? -5.450  13.925  1.783   1.00 10.33 ? 74  GLN A NE2   1 
ATOM 653  N N     . SER B 2 75  ? -3.189  11.036  5.482   1.00 12.89 ? 75  SER A N     1 
ATOM 654  C CA    . SER B 2 75  ? -2.141  11.336  6.406   1.00 13.16 ? 75  SER A CA    1 
ATOM 655  C C     . SER B 2 75  ? -1.878  12.822  6.400   1.00 14.13 ? 75  SER A C     1 
ATOM 656  O O     . SER B 2 75  ? -1.774  13.453  5.373   1.00 15.00 ? 75  SER A O     1 
ATOM 657  C CB    . SER B 2 75  ? -0.858  10.617  6.059   1.00 11.78 ? 75  SER A CB    1 
ATOM 658  O OG    . SER B 2 75  ? -0.149  11.431  5.167   1.00 11.43 ? 75  SER A OG    1 
ATOM 659  N N     . TYR B 2 76  ? -1.772  13.367  7.583   1.00 15.68 ? 76  TYR A N     1 
ATOM 660  C CA    . TYR B 2 76  ? -1.466  14.762  7.816   1.00 13.81 ? 76  TYR A CA    1 
ATOM 661  C C     . TYR B 2 76  ? -0.112  15.000  7.227   1.00 12.90 ? 76  TYR A C     1 
ATOM 662  O O     . TYR B 2 76  ? 0.115   15.908  6.514   1.00 11.76 ? 76  TYR A O     1 
ATOM 663  C CB    . TYR B 2 76  ? -1.371  14.957  9.334   1.00 15.17 ? 76  TYR A CB    1 
ATOM 664  C CG    . TYR B 2 76  ? -2.704  15.184  9.957   1.00 16.99 ? 76  TYR A CG    1 
ATOM 665  C CD1   . TYR B 2 76  ? -3.652  15.896  9.219   1.00 19.62 ? 76  TYR A CD1   1 
ATOM 666  C CD2   . TYR B 2 76  ? -3.020  14.745  11.245  1.00 17.26 ? 76  TYR A CD2   1 
ATOM 667  C CE1   . TYR B 2 76  ? -4.916  16.193  9.730   1.00 20.07 ? 76  TYR A CE1   1 
ATOM 668  C CE2   . TYR B 2 76  ? -4.275  15.046  11.786  1.00 18.95 ? 76  TYR A CE2   1 
ATOM 669  C CZ    . TYR B 2 76  ? -5.210  15.751  11.016  1.00 20.57 ? 76  TYR A CZ    1 
ATOM 670  O OH    . TYR B 2 76  ? -6.445  16.017  11.483  1.00 23.33 ? 76  TYR A OH    1 
ATOM 671  N N     . SER B 2 77  ? 0.787   14.101  7.510   1.00 18.09 ? 77  SER A N     1 
ATOM 672  C CA    . SER B 2 77  ? 2.125   14.182  6.978   1.00 21.18 ? 77  SER A CA    1 
ATOM 673  C C     . SER B 2 77  ? 2.218   13.615  5.581   1.00 19.59 ? 77  SER A C     1 
ATOM 674  O O     . SER B 2 77  ? 1.227   13.531  4.833   1.00 19.96 ? 77  SER A O     1 
ATOM 675  C CB    . SER B 2 77  ? 3.214   13.641  7.892   1.00 23.35 ? 77  SER A CB    1 
ATOM 676  O OG    . SER B 2 77  ? 3.914   14.732  8.521   1.00 24.33 ? 77  SER A OG    1 
ATOM 677  N N     . THR B 2 78  ? 3.414   13.246  5.234   1.00 16.16 ? 78  THR A N     1 
ATOM 678  C CA    . THR B 2 78  ? 3.621   12.780  3.911   1.00 15.56 ? 78  THR A CA    1 
ATOM 679  C C     . THR B 2 78  ? 4.558   11.630  3.982   1.00 16.99 ? 78  THR A C     1 
ATOM 680  O O     . THR B 2 78  ? 5.546   11.725  4.680   1.00 17.72 ? 78  THR A O     1 
ATOM 681  C CB    . THR B 2 78  ? 4.274   13.912  3.146   1.00 16.17 ? 78  THR A CB    1 
ATOM 682  O OG1   . THR B 2 78  ? 3.327   14.391  2.253   1.00 18.70 ? 78  THR A OG1   1 
ATOM 683  C CG2   . THR B 2 78  ? 5.439   13.364  2.361   1.00 16.44 ? 78  THR A CG2   1 
ATOM 684  N N     . MET B 2 79  ? 4.251   10.553  3.269   1.00 16.68 ? 79  MET A N     1 
ATOM 685  C CA    . MET B 2 79  ? 5.055   9.362   3.356   1.00 14.77 ? 79  MET A CA    1 
ATOM 686  C C     . MET B 2 79  ? 5.817   9.034   2.151   1.00 10.39 ? 79  MET A C     1 
ATOM 687  O O     . MET B 2 79  ? 5.561   9.495   1.060   1.00 11.55 ? 79  MET A O     1 
ATOM 688  C CB    . MET B 2 79  ? 4.171   8.150   3.648   1.00 17.25 ? 79  MET A CB    1 
ATOM 689  C CG    . MET B 2 79  ? 2.993   8.545   4.503   1.00 18.63 ? 79  MET A CG    1 
ATOM 690  S SD    . MET B 2 79  ? 2.986   7.686   6.055   1.00 18.91 ? 79  MET A SD    1 
ATOM 691  C CE    . MET B 2 79  ? 1.216   7.670   6.408   1.00 19.73 ? 79  MET A CE    1 
ATOM 692  N N     . SER B 2 80  ? 6.766   8.194   2.376   1.00 6.74  ? 80  SER A N     1 
ATOM 693  C CA    . SER B 2 80  ? 7.526   7.731   1.285   1.00 8.35  ? 80  SER A CA    1 
ATOM 694  C C     . SER B 2 80  ? 6.752   6.554   0.797   1.00 10.64 ? 80  SER A C     1 
ATOM 695  O O     . SER B 2 80  ? 6.540   5.660   1.573   1.00 13.74 ? 80  SER A O     1 
ATOM 696  C CB    . SER B 2 80  ? 8.862   7.197   1.760   1.00 9.61  ? 80  SER A CB    1 
ATOM 697  O OG    . SER B 2 80  ? 9.372   6.294   0.794   1.00 9.65  ? 80  SER A OG    1 
ATOM 698  N N     . ILE B 2 81  ? 6.293   6.525   -0.421  1.00 8.54  ? 81  ILE A N     1 
ATOM 699  C CA    . ILE B 2 81  ? 5.597   5.343   -0.818  1.00 10.14 ? 81  ILE A CA    1 
ATOM 700  C C     . ILE B 2 81  ? 6.147   4.843   -2.145  1.00 17.10 ? 81  ILE A C     1 
ATOM 701  O O     . ILE B 2 81  ? 6.597   5.615   -3.010  1.00 21.49 ? 81  ILE A O     1 
ATOM 702  C CB    . ILE B 2 81  ? 4.142   5.641   -1.064  1.00 6.71  ? 81  ILE A CB    1 
ATOM 703  C CG1   . ILE B 2 81  ? 4.094   6.737   -2.083  1.00 3.94  ? 81  ILE A CG1   1 
ATOM 704  C CG2   . ILE B 2 81  ? 3.436   6.083   0.192   1.00 6.72  ? 81  ILE A CG2   1 
ATOM 705  C CD1   . ILE B 2 81  ? 2.673   7.036   -2.457  1.00 6.04  ? 81  ILE A CD1   1 
ATOM 706  N N     . THR B 2 82  ? 6.089   3.557   -2.373  1.00 15.83 ? 82  THR A N     1 
ATOM 707  C CA    . THR B 2 82  ? 6.447   3.168   -3.693  1.00 15.73 ? 82  THR A CA    1 
ATOM 708  C C     . THR B 2 82  ? 5.194   2.611   -4.243  1.00 15.25 ? 82  THR A C     1 
ATOM 709  O O     . THR B 2 82  ? 4.664   1.663   -3.673  1.00 17.43 ? 82  THR A O     1 
ATOM 710  C CB    . THR B 2 82  ? 7.531   2.100   -3.848  1.00 16.87 ? 82  THR A CB    1 
ATOM 711  O OG1   . THR B 2 82  ? 8.717   2.492   -3.155  1.00 18.02 ? 82  THR A OG1   1 
ATOM 712  C CG2   . THR B 2 82  ? 7.749   1.871   -5.360  1.00 13.80 ? 82  THR A CG2   1 
ATOM 713  N N     . ASP B 2 83  ? 4.732   3.226   -5.298  1.00 13.38 ? 83  ASP A N     1 
ATOM 714  C CA    . ASP B 2 83  ? 3.550   2.828   -6.026  1.00 13.73 ? 83  ASP A CA    1 
ATOM 715  C C     . ASP B 2 83  ? 3.958   1.793   -7.096  1.00 15.16 ? 83  ASP A C     1 
ATOM 716  O O     . ASP B 2 83  ? 5.000   1.953   -7.769  1.00 13.32 ? 83  ASP A O     1 
ATOM 717  C CB    . ASP B 2 83  ? 3.041   4.116   -6.695  1.00 16.29 ? 83  ASP A CB    1 
ATOM 718  C CG    . ASP B 2 83  ? 1.655   4.026   -7.144  1.00 20.30 ? 83  ASP A CG    1 
ATOM 719  O OD1   . ASP B 2 83  ? 1.439   2.932   -7.851  1.00 24.10 ? 83  ASP A OD1   1 
ATOM 720  O OD2   . ASP B 2 83  ? 0.809   4.817   -6.790  1.00 21.52 ? 83  ASP A OD2   1 
ATOM 721  N N     . CYS B 2 84  ? 3.164   0.706   -7.258  1.00 17.19 ? 84  CYS A N     1 
ATOM 722  C CA    . CYS B 2 84  ? 3.495   -0.361  -8.224  1.00 16.09 ? 84  CYS A CA    1 
ATOM 723  C C     . CYS B 2 84  ? 2.381   -0.606  -9.225  1.00 20.31 ? 84  CYS A C     1 
ATOM 724  O O     . CYS B 2 84  ? 1.285   -1.030  -8.854  1.00 22.06 ? 84  CYS A O     1 
ATOM 725  C CB    . CYS B 2 84  ? 3.697   -1.712  -7.562  1.00 12.02 ? 84  CYS A CB    1 
ATOM 726  S SG    . CYS B 2 84  ? 5.203   -1.946  -6.629  1.00 12.86 ? 84  CYS A SG    1 
ATOM 727  N N     . ARG B 2 85  ? 2.683   -0.405  -10.511 1.00 21.61 ? 85  ARG A N     1 
ATOM 728  C CA    . ARG B 2 85  ? 1.720   -0.646  -11.563 1.00 22.02 ? 85  ARG A CA    1 
ATOM 729  C C     . ARG B 2 85  ? 2.234   -1.830  -12.344 1.00 24.70 ? 85  ARG A C     1 
ATOM 730  O O     . ARG B 2 85  ? 3.450   -1.983  -12.435 1.00 27.71 ? 85  ARG A O     1 
ATOM 731  C CB    . ARG B 2 85  ? 1.703   0.549   -12.501 1.00 21.28 ? 85  ARG A CB    1 
ATOM 732  C CG    . ARG B 2 85  ? 0.343   1.183   -12.658 1.00 24.88 ? 85  ARG A CG    1 
ATOM 733  C CD    . ARG B 2 85  ? 0.447   2.689   -12.535 1.00 30.68 ? 85  ARG A CD    1 
ATOM 734  N NE    . ARG B 2 85  ? -0.453  3.322   -11.540 1.00 33.98 ? 85  ARG A NE    1 
ATOM 735  C CZ    . ARG B 2 85  ? 0.015   4.152   -10.591 1.00 34.85 ? 85  ARG A CZ    1 
ATOM 736  N NH1   . ARG B 2 85  ? 1.331   4.420   -10.481 1.00 34.83 ? 85  ARG A NH1   1 
ATOM 737  N NH2   . ARG B 2 85  ? -0.846  4.708   -9.725  1.00 35.52 ? 85  ARG A NH2   1 
ATOM 738  N N     . GLU B 2 86  ? 1.395   -2.684  -12.932 1.00 22.84 ? 86  GLU A N     1 
ATOM 739  C CA    . GLU B 2 86  ? 2.077   -3.689  -13.717 1.00 21.40 ? 86  GLU A CA    1 
ATOM 740  C C     . GLU B 2 86  ? 2.353   -3.075  -15.064 1.00 20.23 ? 86  GLU A C     1 
ATOM 741  O O     . GLU B 2 86  ? 1.706   -2.117  -15.482 1.00 21.40 ? 86  GLU A O     1 
ATOM 742  C CB    . GLU B 2 86  ? 1.399   -5.045  -13.859 1.00 21.46 ? 86  GLU A CB    1 
ATOM 743  C CG    . GLU B 2 86  ? -0.077  -4.920  -13.532 1.00 23.85 ? 86  GLU A CG    1 
ATOM 744  C CD    . GLU B 2 86  ? -0.907  -5.989  -14.173 1.00 24.27 ? 86  GLU A CD    1 
ATOM 745  O OE1   . GLU B 2 86  ? -0.346  -7.214  -14.074 1.00 22.09 ? 86  GLU A OE1   1 
ATOM 746  O OE2   . GLU B 2 86  ? -2.015  -5.712  -14.670 1.00 24.85 ? 86  GLU A OE2   1 
ATOM 747  N N     . THR B 2 87  ? 3.345   -3.587  -15.721 1.00 17.08 ? 87  THR A N     1 
ATOM 748  C CA    . THR B 2 87  ? 3.657   -3.077  -16.986 1.00 15.29 ? 87  THR A CA    1 
ATOM 749  C C     . THR B 2 87  ? 2.915   -3.907  -17.983 1.00 18.80 ? 87  THR A C     1 
ATOM 750  O O     . THR B 2 87  ? 2.592   -5.077  -17.716 1.00 18.07 ? 87  THR A O     1 
ATOM 751  C CB    . THR B 2 87  ? 5.156   -3.267  -17.180 1.00 14.29 ? 87  THR A CB    1 
ATOM 752  O OG1   . THR B 2 87  ? 5.455   -4.621  -16.952 1.00 13.03 ? 87  THR A OG1   1 
ATOM 753  C CG2   . THR B 2 87  ? 5.866   -2.464  -16.107 1.00 14.60 ? 87  THR A CG2   1 
ATOM 754  N N     . GLY B 2 88  ? 2.685   -3.306  -19.150 1.00 23.62 ? 88  GLY A N     1 
ATOM 755  C CA    . GLY B 2 88  ? 2.048   -4.008  -20.254 1.00 28.12 ? 88  GLY A CA    1 
ATOM 756  C C     . GLY B 2 88  ? 2.975   -5.135  -20.773 1.00 30.69 ? 88  GLY A C     1 
ATOM 757  O O     . GLY B 2 88  ? 3.187   -5.322  -21.969 1.00 32.31 ? 88  GLY A O     1 
ATOM 758  N N     . SER B 2 89  ? 3.538   -5.875  -19.833 1.00 31.06 ? 89  SER A N     1 
ATOM 759  C CA    . SER B 2 89  ? 4.428   -6.994  -20.086 1.00 30.44 ? 89  SER A CA    1 
ATOM 760  C C     . SER B 2 89  ? 4.136   -8.014  -19.011 1.00 28.29 ? 89  SER A C     1 
ATOM 761  O O     . SER B 2 89  ? 4.658   -9.117  -18.969 1.00 27.35 ? 89  SER A O     1 
ATOM 762  C CB    . SER B 2 89  ? 5.868   -6.529  -20.175 1.00 29.36 ? 89  SER A CB    1 
ATOM 763  O OG    . SER B 2 89  ? 5.834   -5.193  -20.713 1.00 28.16 ? 89  SER A OG    1 
ATOM 764  N N     . SER B 2 90  ? 3.209   -7.587  -18.161 1.00 26.94 ? 90  SER A N     1 
ATOM 765  C CA    . SER B 2 90  ? 2.733   -8.444  -17.145 1.00 27.24 ? 90  SER A CA    1 
ATOM 766  C C     . SER B 2 90  ? 1.822   -9.476  -17.824 1.00 27.71 ? 90  SER A C     1 
ATOM 767  O O     . SER B 2 90  ? 0.963   -9.133  -18.644 1.00 31.13 ? 90  SER A O     1 
ATOM 768  C CB    . SER B 2 90  ? 2.032   -7.686  -16.001 1.00 26.56 ? 90  SER A CB    1 
ATOM 769  O OG    . SER B 2 90  ? 2.583   -8.029  -14.720 1.00 25.93 ? 90  SER A OG    1 
ATOM 770  N N     . LYS B 2 91  ? 2.075   -10.739 -17.518 1.00 24.35 ? 91  LYS A N     1 
ATOM 771  C CA    . LYS B 2 91  ? 1.310   -11.865 -17.956 1.00 23.23 ? 91  LYS A CA    1 
ATOM 772  C C     . LYS B 2 91  ? 1.470   -12.963 -16.906 1.00 22.10 ? 91  LYS A C     1 
ATOM 773  O O     . LYS B 2 91  ? 2.526   -13.574 -16.739 1.00 22.84 ? 91  LYS A O     1 
ATOM 774  C CB    . LYS B 2 91  ? 1.532   -12.305 -19.421 1.00 24.91 ? 91  LYS A CB    1 
ATOM 775  C CG    . LYS B 2 91  ? 0.210   -12.567 -20.194 1.00 25.31 ? 91  LYS A CG    1 
ATOM 776  C CD    . LYS B 2 91  ? 0.342   -13.194 -21.584 1.00 24.77 ? 91  LYS A CD    1 
ATOM 777  C CE    . LYS B 2 91  ? -0.645  -12.572 -22.585 1.00 25.60 ? 91  LYS A CE    1 
ATOM 778  N NZ    . LYS B 2 91  ? -0.220  -12.614 -24.009 1.00 24.63 ? 91  LYS A NZ    1 
ATOM 779  N N     . TYR B 2 92  ? 0.429   -13.134 -16.119 1.00 20.08 ? 92  TYR A N     1 
ATOM 780  C CA    . TYR B 2 92  ? 0.450   -14.100 -15.055 1.00 20.29 ? 92  TYR A CA    1 
ATOM 781  C C     . TYR B 2 92  ? 0.862   -15.419 -15.631 1.00 19.54 ? 92  TYR A C     1 
ATOM 782  O O     . TYR B 2 92  ? 0.482   -15.665 -16.737 1.00 18.67 ? 92  TYR A O     1 
ATOM 783  C CB    . TYR B 2 92  ? -0.942  -14.244 -14.404 1.00 22.71 ? 92  TYR A CB    1 
ATOM 784  C CG    . TYR B 2 92  ? -0.873  -15.213 -13.260 1.00 25.42 ? 92  TYR A CG    1 
ATOM 785  C CD1   . TYR B 2 92  ? -0.192  -14.853 -12.095 1.00 25.48 ? 92  TYR A CD1   1 
ATOM 786  C CD2   . TYR B 2 92  ? -1.340  -16.522 -13.390 1.00 26.98 ? 92  TYR A CD2   1 
ATOM 787  C CE1   . TYR B 2 92  ? -0.055  -15.738 -11.026 1.00 25.62 ? 92  TYR A CE1   1 
ATOM 788  C CE2   . TYR B 2 92  ? -1.215  -17.423 -12.328 1.00 27.41 ? 92  TYR A CE2   1 
ATOM 789  C CZ    . TYR B 2 92  ? -0.586  -17.023 -11.143 1.00 26.54 ? 92  TYR A CZ    1 
ATOM 790  O OH    . TYR B 2 92  ? -0.432  -17.908 -10.093 1.00 26.38 ? 92  TYR A OH    1 
ATOM 791  N N     . PRO B 2 93  ? 1.668   -16.236 -14.927 1.00 21.74 ? 93  PRO A N     1 
ATOM 792  C CA    . PRO B 2 93  ? 2.204   -15.973 -13.597 1.00 21.14 ? 93  PRO A CA    1 
ATOM 793  C C     . PRO B 2 93  ? 3.285   -14.934 -13.605 1.00 23.58 ? 93  PRO A C     1 
ATOM 794  O O     . PRO B 2 93  ? 3.768   -14.556 -12.548 1.00 25.61 ? 93  PRO A O     1 
ATOM 795  C CB    . PRO B 2 93  ? 2.905   -17.254 -13.162 1.00 19.23 ? 93  PRO A CB    1 
ATOM 796  C CG    . PRO B 2 93  ? 2.647   -18.306 -14.206 1.00 20.78 ? 93  PRO A CG    1 
ATOM 797  C CD    . PRO B 2 93  ? 1.658   -17.699 -15.201 1.00 22.22 ? 93  PRO A CD    1 
ATOM 798  N N     . ASN B 2 94  ? 3.696   -14.544 -14.807 1.00 24.70 ? 94  ASN A N     1 
ATOM 799  C CA    . ASN B 2 94  ? 4.758   -13.579 -15.004 1.00 24.68 ? 94  ASN A CA    1 
ATOM 800  C C     . ASN B 2 94  ? 4.488   -12.107 -14.737 1.00 22.59 ? 94  ASN A C     1 
ATOM 801  O O     . ASN B 2 94  ? 4.560   -11.262 -15.598 1.00 20.16 ? 94  ASN A O     1 
ATOM 802  C CB    . ASN B 2 94  ? 6.159   -14.047 -15.513 1.00 25.68 ? 94  ASN A CB    1 
ATOM 803  C CG    . ASN B 2 94  ? 6.223   -15.488 -16.069 1.00 24.43 ? 94  ASN A CG    1 
ATOM 804  O OD1   . ASN B 2 94  ? 6.980   -16.360 -15.563 1.00 23.40 ? 94  ASN A OD1   1 
ATOM 805  N ND2   . ASN B 2 94  ? 5.458   -15.733 -17.137 1.00 23.90 ? 94  ASN A ND2   1 
ATOM 806  N N     . CYS B 2 95  ? 4.115   -11.832 -13.520 1.00 23.61 ? 95  CYS A N     1 
ATOM 807  C CA    . CYS B 2 95  ? 3.863   -10.487 -13.029 1.00 23.75 ? 95  CYS A CA    1 
ATOM 808  C C     . CYS B 2 95  ? 5.150   -9.631  -13.029 1.00 21.04 ? 95  CYS A C     1 
ATOM 809  O O     . CYS B 2 95  ? 6.181   -10.037 -12.406 1.00 18.30 ? 95  CYS A O     1 
ATOM 810  C CB    . CYS B 2 95  ? 3.355   -10.652 -11.591 1.00 24.78 ? 95  CYS A CB    1 
ATOM 811  S SG    . CYS B 2 95  ? 1.891   -11.679 -11.633 1.00 24.66 ? 95  CYS A SG    1 
ATOM 812  N N     . ALA B 2 96  ? 5.039   -8.452  -13.733 1.00 19.34 ? 96  ALA A N     1 
ATOM 813  C CA    . ALA B 2 96  ? 6.097   -7.439  -13.903 1.00 17.31 ? 96  ALA A CA    1 
ATOM 814  C C     . ALA B 2 96  ? 5.520   -6.060  -13.809 1.00 15.61 ? 96  ALA A C     1 
ATOM 815  O O     . ALA B 2 96  ? 4.597   -5.741  -14.537 1.00 14.61 ? 96  ALA A O     1 
ATOM 816  C CB    . ALA B 2 96  ? 6.922   -7.585  -15.181 1.00 18.76 ? 96  ALA A CB    1 
ATOM 817  N N     . TYR B 2 97  ? 6.103   -5.272  -12.883 1.00 17.06 ? 97  TYR A N     1 
ATOM 818  C CA    . TYR B 2 97  ? 5.653   -3.937  -12.488 1.00 15.82 ? 97  TYR A CA    1 
ATOM 819  C C     . TYR B 2 97  ? 6.555   -2.737  -12.798 1.00 12.16 ? 97  TYR A C     1 
ATOM 820  O O     . TYR B 2 97  ? 7.747   -2.848  -12.932 1.00 13.42 ? 97  TYR A O     1 
ATOM 821  C CB    . TYR B 2 97  ? 5.329   -3.963  -10.967 1.00 15.23 ? 97  TYR A CB    1 
ATOM 822  C CG    . TYR B 2 97  ? 4.155   -4.843  -10.677 1.00 16.16 ? 97  TYR A CG    1 
ATOM 823  C CD1   . TYR B 2 97  ? 4.354   -6.210  -10.475 1.00 16.72 ? 97  TYR A CD1   1 
ATOM 824  C CD2   . TYR B 2 97  ? 2.849   -4.352  -10.696 1.00 17.25 ? 97  TYR A CD2   1 
ATOM 825  C CE1   . TYR B 2 97  ? 3.297   -7.092  -10.250 1.00 15.84 ? 97  TYR A CE1   1 
ATOM 826  C CE2   . TYR B 2 97  ? 1.775   -5.219  -10.471 1.00 18.02 ? 97  TYR A CE2   1 
ATOM 827  C CZ    . TYR B 2 97  ? 1.997   -6.583  -10.255 1.00 17.64 ? 97  TYR A CZ    1 
ATOM 828  O OH    . TYR B 2 97  ? 0.942   -7.454  -10.060 1.00 18.51 ? 97  TYR A OH    1 
ATOM 829  N N     . LYS B 2 98  ? 5.944   -1.581  -12.790 1.00 9.57  ? 98  LYS A N     1 
ATOM 830  C CA    . LYS B 2 98  ? 6.586   -0.306  -12.961 1.00 13.55 ? 98  LYS A CA    1 
ATOM 831  C C     . LYS B 2 98  ? 6.673   0.516   -11.632 1.00 14.71 ? 98  LYS A C     1 
ATOM 832  O O     . LYS B 2 98  ? 5.721   1.228   -11.190 1.00 12.72 ? 98  LYS A O     1 
ATOM 833  C CB    . LYS B 2 98  ? 5.840   0.472   -14.016 1.00 15.84 ? 98  LYS A CB    1 
ATOM 834  C CG    . LYS B 2 98  ? 6.353   1.873   -14.207 1.00 17.52 ? 98  LYS A CG    1 
ATOM 835  C CD    . LYS B 2 98  ? 5.519   2.568   -15.256 1.00 21.31 ? 98  LYS A CD    1 
ATOM 836  C CE    . LYS B 2 98  ? 4.547   3.527   -14.623 1.00 24.15 ? 98  LYS A CE    1 
ATOM 837  N NZ    . LYS B 2 98  ? 5.250   4.396   -13.673 1.00 26.66 ? 98  LYS A NZ    1 
ATOM 838  N N     . THR B 2 99  ? 7.844   0.402   -10.986 1.00 14.24 ? 99  THR A N     1 
ATOM 839  C CA    . THR B 2 99  ? 8.078   1.095   -9.746  1.00 13.52 ? 99  THR A CA    1 
ATOM 840  C C     . THR B 2 99  ? 8.117   2.572   -9.908  1.00 16.62 ? 99  THR A C     1 
ATOM 841  O O     . THR B 2 99  ? 8.996   3.149   -10.554 1.00 19.05 ? 99  THR A O     1 
ATOM 842  C CB    . THR B 2 99  ? 9.419   0.858   -9.109  1.00 12.32 ? 99  THR A CB    1 
ATOM 843  O OG1   . THR B 2 99  ? 9.623   -0.484  -8.892  1.00 14.35 ? 99  THR A OG1   1 
ATOM 844  C CG2   . THR B 2 99  ? 9.451   1.610   -7.791  1.00 12.55 ? 99  THR A CG2   1 
ATOM 845  N N     . THR B 2 100 ? 7.240   3.177   -9.191  1.00 15.48 ? 100 THR A N     1 
ATOM 846  C CA    . THR B 2 100 ? 7.229   4.571   -9.129  1.00 13.28 ? 100 THR A CA    1 
ATOM 847  C C     . THR B 2 100 ? 7.437   4.925   -7.651  1.00 13.19 ? 100 THR A C     1 
ATOM 848  O O     . THR B 2 100 ? 6.950   4.281   -6.723  1.00 13.80 ? 100 THR A O     1 
ATOM 849  C CB    . THR B 2 100 ? 5.975   5.044   -9.812  1.00 13.24 ? 100 THR A CB    1 
ATOM 850  O OG1   . THR B 2 100 ? 5.409   3.914   -10.486 1.00 14.84 ? 100 THR A OG1   1 
ATOM 851  C CG2   . THR B 2 100 ? 6.377   6.078   -10.817 1.00 11.48 ? 100 THR A CG2   1 
ATOM 852  N N     . GLN B 2 101 ? 8.325   5.845   -7.423  1.00 13.00 ? 101 GLN A N     1 
ATOM 853  C CA    . GLN B 2 101 ? 8.648   6.223   -6.096  1.00 11.92 ? 101 GLN A CA    1 
ATOM 854  C C     . GLN B 2 101 ? 8.252   7.641   -5.935  1.00 12.98 ? 101 GLN A C     1 
ATOM 855  O O     . GLN B 2 101 ? 8.402   8.423   -6.884  1.00 13.88 ? 101 GLN A O     1 
ATOM 856  C CB    . GLN B 2 101 ? 10.134  6.060   -5.806  1.00 10.09 ? 101 GLN A CB    1 
ATOM 857  C CG    . GLN B 2 101 ? 10.537  6.746   -4.505  1.00 8.09  ? 101 GLN A CG    1 
ATOM 858  C CD    . GLN B 2 101 ? 9.849   6.179   -3.288  1.00 8.18  ? 101 GLN A CD    1 
ATOM 859  O OE1   . GLN B 2 101 ? 9.869   4.980   -3.006  1.00 8.34  ? 101 GLN A OE1   1 
ATOM 860  N NE2   . GLN B 2 101 ? 9.277   7.067   -2.517  1.00 9.26  ? 101 GLN A NE2   1 
ATOM 861  N N     . ALA B 2 102 ? 7.720   7.944   -4.735  1.00 11.66 ? 102 ALA A N     1 
ATOM 862  C CA    . ALA B 2 102 ? 7.247   9.269   -4.430  1.00 7.12  ? 102 ALA A CA    1 
ATOM 863  C C     . ALA B 2 102 ? 7.096   9.493   -2.997  1.00 4.08  ? 102 ALA A C     1 
ATOM 864  O O     . ALA B 2 102 ? 6.868   8.558   -2.254  1.00 3.13  ? 102 ALA A O     1 
ATOM 865  C CB    . ALA B 2 102 ? 5.816   9.383   -4.902  1.00 7.06  ? 102 ALA A CB    1 
ATOM 866  N N     . ASN B 2 103 ? 7.053   10.768  -2.679  1.00 4.10  ? 103 ASN A N     1 
ATOM 867  C CA    . ASN B 2 103 ? 6.767   11.217  -1.350  1.00 7.65  ? 103 ASN A CA    1 
ATOM 868  C C     . ASN B 2 103 ? 5.378   11.868  -1.441  1.00 12.29 ? 103 ASN A C     1 
ATOM 869  O O     . ASN B 2 103 ? 5.212   12.865  -2.123  1.00 14.43 ? 103 ASN A O     1 
ATOM 870  C CB    . ASN B 2 103 ? 7.916   12.152  -0.896  1.00 8.82  ? 103 ASN A CB    1 
ATOM 871  C CG    . ASN B 2 103 ? 8.082   12.402  0.595   1.00 9.74  ? 103 ASN A CG    1 
ATOM 872  O OD1   . ASN B 2 103 ? 7.853   13.505  1.022   1.00 11.62 ? 103 ASN A OD1   1 
ATOM 873  N ND2   . ASN B 2 103 ? 8.521   11.429  1.397   1.00 9.30  ? 103 ASN A ND2   1 
ATOM 874  N N     . LYS B 2 104 ? 4.328   11.233  -0.876  1.00 14.36 ? 104 LYS A N     1 
ATOM 875  C CA    . LYS B 2 104 ? 2.936   11.743  -0.952  1.00 11.96 ? 104 LYS A CA    1 
ATOM 876  C C     . LYS B 2 104 ? 2.134   11.556  0.345   1.00 9.70  ? 104 LYS A C     1 
ATOM 877  O O     . LYS B 2 104 ? 2.542   10.827  1.216   1.00 10.79 ? 104 LYS A O     1 
ATOM 878  C CB    . LYS B 2 104 ? 2.150   11.032  -2.028  1.00 11.15 ? 104 LYS A CB    1 
ATOM 879  C CG    . LYS B 2 104 ? 2.384   11.623  -3.384  1.00 12.68 ? 104 LYS A CG    1 
ATOM 880  C CD    . LYS B 2 104 ? 2.487   10.531  -4.443  1.00 15.57 ? 104 LYS A CD    1 
ATOM 881  C CE    . LYS B 2 104 ? 1.937   10.934  -5.808  1.00 17.91 ? 104 LYS A CE    1 
ATOM 882  N NZ    . LYS B 2 104 ? 0.697   10.219  -6.175  1.00 20.96 ? 104 LYS A NZ    1 
ATOM 883  N N     . HIS B 2 105 ? 0.975   12.202  0.474   1.00 7.30  ? 105 HIS A N     1 
ATOM 884  C CA    . HIS B 2 105 ? 0.192   11.941  1.626   1.00 10.41 ? 105 HIS A CA    1 
ATOM 885  C C     . HIS B 2 105 ? -0.412  10.609  1.349   1.00 14.79 ? 105 HIS A C     1 
ATOM 886  O O     . HIS B 2 105 ? -0.517  10.248  0.178   1.00 19.43 ? 105 HIS A O     1 
ATOM 887  C CB    . HIS B 2 105 ? -0.947  12.913  1.778   1.00 9.55  ? 105 HIS A CB    1 
ATOM 888  C CG    . HIS B 2 105 ? -0.406  14.237  2.068   1.00 8.39  ? 105 HIS A CG    1 
ATOM 889  N ND1   . HIS B 2 105 ? -0.789  14.930  3.189   1.00 7.07  ? 105 HIS A ND1   1 
ATOM 890  C CD2   . HIS B 2 105 ? 0.518   14.946  1.395   1.00 6.81  ? 105 HIS A CD2   1 
ATOM 891  C CE1   . HIS B 2 105 ? -0.120  16.059  3.158   1.00 6.34  ? 105 HIS A CE1   1 
ATOM 892  N NE2   . HIS B 2 105 ? 0.687   16.098  2.111   1.00 5.48  ? 105 HIS A NE2   1 
ATOM 893  N N     . ILE B 2 106 ? -0.765  9.832   2.349   1.00 10.85 ? 106 ILE A N     1 
ATOM 894  C CA    . ILE B 2 106 ? -1.334  8.597   1.899   1.00 8.33  ? 106 ILE A CA    1 
ATOM 895  C C     . ILE B 2 106 ? -2.730  8.623   2.285   1.00 5.30  ? 106 ILE A C     1 
ATOM 896  O O     . ILE B 2 106 ? -3.023  9.332   3.207   1.00 8.20  ? 106 ILE A O     1 
ATOM 897  C CB    . ILE B 2 106 ? -0.646  7.339   2.411   1.00 8.87  ? 106 ILE A CB    1 
ATOM 898  C CG1   . ILE B 2 106 ? -0.456  7.328   3.911   1.00 8.55  ? 106 ILE A CG1   1 
ATOM 899  C CG2   . ILE B 2 106 ? 0.711   7.251   1.769   1.00 10.63 ? 106 ILE A CG2   1 
ATOM 900  C CD1   . ILE B 2 106 ? -0.599  5.934   4.475   1.00 7.55  ? 106 ILE A CD1   1 
ATOM 901  N N     . ILE B 2 107 ? -3.577  7.914   1.604   1.00 2.61  ? 107 ILE A N     1 
ATOM 902  C CA    . ILE B 2 107 ? -4.939  7.855   2.059   1.00 1.95  ? 107 ILE A CA    1 
ATOM 903  C C     . ILE B 2 107 ? -5.291  6.426   2.215   1.00 2.02  ? 107 ILE A C     1 
ATOM 904  O O     . ILE B 2 107 ? -5.082  5.700   1.278   1.00 2.20  ? 107 ILE A O     1 
ATOM 905  C CB    . ILE B 2 107 ? -5.931  8.534   1.167   1.00 3.14  ? 107 ILE A CB    1 
ATOM 906  C CG1   . ILE B 2 107 ? -5.674  10.045  1.121   1.00 2.97  ? 107 ILE A CG1   1 
ATOM 907  C CG2   . ILE B 2 107 ? -7.291  8.230   1.753   1.00 2.18  ? 107 ILE A CG2   1 
ATOM 908  C CD1   . ILE B 2 107 ? -5.394  10.618  -0.256  1.00 1.56  ? 107 ILE A CD1   1 
ATOM 909  N N     . VAL B 2 108 ? -5.724  6.033   3.425   1.00 5.41  ? 108 VAL A N     1 
ATOM 910  C CA    . VAL B 2 108 ? -6.102  4.652   3.820   1.00 3.89  ? 108 VAL A CA    1 
ATOM 911  C C     . VAL B 2 108 ? -7.477  4.578   4.437   1.00 5.28  ? 108 VAL A C     1 
ATOM 912  O O     . VAL B 2 108 ? -7.948  5.499   5.087   1.00 8.17  ? 108 VAL A O     1 
ATOM 913  C CB    . VAL B 2 108 ? -5.207  4.162   4.950   1.00 2.28  ? 108 VAL A CB    1 
ATOM 914  C CG1   . VAL B 2 108 ? -3.863  3.644   4.429   1.00 4.76  ? 108 VAL A CG1   1 
ATOM 915  C CG2   . VAL B 2 108 ? -4.993  5.293   5.944   1.00 1.00  ? 108 VAL A CG2   1 
ATOM 916  N N     . ALA B 2 109 ? -8.049  3.419   4.320   1.00 6.39  ? 109 ALA A N     1 
ATOM 917  C CA    . ALA B 2 109 ? -9.308  3.025   4.936   1.00 7.62  ? 109 ALA A CA    1 
ATOM 918  C C     . ALA B 2 109 ? -9.090  2.367   6.302   1.00 7.49  ? 109 ALA A C     1 
ATOM 919  O O     . ALA B 2 109 ? -8.390  1.332   6.433   1.00 6.33  ? 109 ALA A O     1 
ATOM 920  C CB    . ALA B 2 109 ? -9.894  1.952   4.042   1.00 8.85  ? 109 ALA A CB    1 
ATOM 921  N N     . CYS B 2 110 ? -9.695  2.904   7.343   1.00 9.68  ? 110 CYS A N     1 
ATOM 922  C CA    . CYS B 2 110 ? -9.507  2.252   8.665   1.00 12.68 ? 110 CYS A CA    1 
ATOM 923  C C     . CYS B 2 110 ? -10.590 1.297   9.124   1.00 13.97 ? 110 CYS A C     1 
ATOM 924  O O     . CYS B 2 110 ? -11.739 1.285   8.620   1.00 13.88 ? 110 CYS A O     1 
ATOM 925  C CB    . CYS B 2 110 ? -9.084  3.168   9.785   1.00 11.59 ? 110 CYS A CB    1 
ATOM 926  S SG    . CYS B 2 110 ? -7.730  4.127   9.144   1.00 10.76 ? 110 CYS A SG    1 
ATOM 927  N N     . GLU B 2 111 ? -10.214 0.479   10.087  1.00 11.71 ? 111 GLU A N     1 
ATOM 928  C CA    . GLU B 2 111 ? -11.187 -0.466  10.487  1.00 11.47 ? 111 GLU A CA    1 
ATOM 929  C C     . GLU B 2 111 ? -10.769 -1.309  11.634  1.00 7.45  ? 111 GLU A C     1 
ATOM 930  O O     . GLU B 2 111 ? -9.626  -1.717  11.715  1.00 7.91  ? 111 GLU A O     1 
ATOM 931  C CB    . GLU B 2 111 ? -11.395 -1.394  9.280   1.00 15.05 ? 111 GLU A CB    1 
ATOM 932  C CG    . GLU B 2 111 ? -12.518 -2.453  9.419   1.00 18.84 ? 111 GLU A CG    1 
ATOM 933  C CD    . GLU B 2 111 ? -12.921 -3.010  8.064   1.00 20.66 ? 111 GLU A CD    1 
ATOM 934  O OE1   . GLU B 2 111 ? -13.162 -2.018  7.229   1.00 25.03 ? 111 GLU A OE1   1 
ATOM 935  O OE2   . GLU B 2 111 ? -12.964 -4.217  7.753   1.00 16.20 ? 111 GLU A OE2   1 
ATOM 936  N N     . GLY B 2 112 ? -11.745 -1.595  12.465  1.00 4.77  ? 112 GLY A N     1 
ATOM 937  C CA    . GLY B 2 112 ? -11.604 -2.523  13.551  1.00 6.61  ? 112 GLY A CA    1 
ATOM 938  C C     . GLY B 2 112 ? -11.522 -1.900  14.887  1.00 10.38 ? 112 GLY A C     1 
ATOM 939  O O     . GLY B 2 112 ? -11.722 -0.696  15.028  1.00 15.13 ? 112 GLY A O     1 
ATOM 940  N N     . ASN B 2 113 ? -11.207 -2.736  15.874  1.00 8.88  ? 113 ASN A N     1 
ATOM 941  C CA    . ASN B 2 113 ? -10.931 -2.263  17.211  1.00 8.20  ? 113 ASN A CA    1 
ATOM 942  C C     . ASN B 2 113 ? -9.929  -3.151  17.789  1.00 6.41  ? 113 ASN A C     1 
ATOM 943  O O     . ASN B 2 113 ? -10.217 -4.254  18.176  1.00 1.70  ? 113 ASN A O     1 
ATOM 944  C CB    . ASN B 2 113 ? -12.072 -2.141  18.194  1.00 11.21 ? 113 ASN A CB    1 
ATOM 945  C CG    . ASN B 2 113 ? -11.554 -2.366  19.576  1.00 11.10 ? 113 ASN A CG    1 
ATOM 946  O OD1   . ASN B 2 113 ? -10.663 -1.659  20.049  1.00 11.22 ? 113 ASN A OD1   1 
ATOM 947  N ND2   . ASN B 2 113 ? -11.925 -3.513  20.092  1.00 11.94 ? 113 ASN A ND2   1 
ATOM 948  N N     . PRO B 2 114 ? -8.698  -2.711  17.779  1.00 11.37 ? 114 PRO A N     1 
ATOM 949  C CA    . PRO B 2 114 ? -8.154  -1.402  17.407  1.00 9.52  ? 114 PRO A CA    1 
ATOM 950  C C     . PRO B 2 114 ? -8.473  -0.956  15.997  1.00 9.04  ? 114 PRO A C     1 
ATOM 951  O O     . PRO B 2 114 ? -8.522  -1.753  15.108  1.00 11.04 ? 114 PRO A O     1 
ATOM 952  C CB    . PRO B 2 114 ? -6.664  -1.642  17.468  1.00 9.86  ? 114 PRO A CB    1 
ATOM 953  C CG    . PRO B 2 114 ? -6.416  -3.158  17.485  1.00 10.47 ? 114 PRO A CG    1 
ATOM 954  C CD    . PRO B 2 114 ? -7.759  -3.841  17.547  1.00 11.17 ? 114 PRO A CD    1 
ATOM 955  N N     . TYR B 2 115 ? -8.718  0.324   15.791  1.00 7.66  ? 115 TYR A N     1 
ATOM 956  C CA    . TYR B 2 115 ? -9.051  0.827   14.492  1.00 6.03  ? 115 TYR A CA    1 
ATOM 957  C C     . TYR B 2 115 ? -7.752  1.004   13.762  1.00 10.44 ? 115 TYR A C     1 
ATOM 958  O O     . TYR B 2 115 ? -6.943  1.878   14.043  1.00 12.95 ? 115 TYR A O     1 
ATOM 959  C CB    . TYR B 2 115 ? -9.772  2.153   14.671  1.00 4.94  ? 115 TYR A CB    1 
ATOM 960  C CG    . TYR B 2 115 ? -10.560 2.692   13.510  1.00 5.13  ? 115 TYR A CG    1 
ATOM 961  C CD1   . TYR B 2 115 ? -11.596 1.990   12.905  1.00 4.97  ? 115 TYR A CD1   1 
ATOM 962  C CD2   . TYR B 2 115 ? -10.303 3.979   13.058  1.00 5.92  ? 115 TYR A CD2   1 
ATOM 963  C CE1   . TYR B 2 115 ? -12.332 2.525   11.856  1.00 4.95  ? 115 TYR A CE1   1 
ATOM 964  C CE2   . TYR B 2 115 ? -11.018 4.545   12.010  1.00 5.71  ? 115 TYR A CE2   1 
ATOM 965  C CZ    . TYR B 2 115 ? -12.042 3.814   11.426  1.00 7.56  ? 115 TYR A CZ    1 
ATOM 966  O OH    . TYR B 2 115 ? -12.773 4.396   10.442  1.00 12.03 ? 115 TYR A OH    1 
ATOM 967  N N     . VAL B 2 116 ? -7.507  0.117   12.840  1.00 12.47 ? 116 VAL A N     1 
ATOM 968  C CA    . VAL B 2 116 ? -6.261  0.149   12.159  1.00 12.92 ? 116 VAL A CA    1 
ATOM 969  C C     . VAL B 2 116 ? -6.539  0.041   10.718  1.00 12.26 ? 116 VAL A C     1 
ATOM 970  O O     . VAL B 2 116 ? -7.671  -0.289  10.417  1.00 10.99 ? 116 VAL A O     1 
ATOM 971  C CB    . VAL B 2 116 ? -5.538  -1.093  12.599  1.00 13.92 ? 116 VAL A CB    1 
ATOM 972  C CG1   . VAL B 2 116 ? -5.304  -0.971  14.106  1.00 16.14 ? 116 VAL A CG1   1 
ATOM 973  C CG2   . VAL B 2 116 ? -6.470  -2.264  12.296  1.00 9.83  ? 116 VAL A CG2   1 
ATOM 974  N N     . PRO B 2 117 ? -5.495  0.321   9.885   1.00 13.37 ? 117 PRO A N     1 
ATOM 975  C CA    . PRO B 2 117 ? -5.579  0.278   8.441   1.00 13.35 ? 117 PRO A CA    1 
ATOM 976  C C     . PRO B 2 117 ? -5.897  -1.091  7.914   1.00 12.85 ? 117 PRO A C     1 
ATOM 977  O O     . PRO B 2 117 ? -5.425  -2.114  8.377   1.00 12.96 ? 117 PRO A O     1 
ATOM 978  C CB    . PRO B 2 117 ? -4.298  0.862   7.863   1.00 11.95 ? 117 PRO A CB    1 
ATOM 979  C CG    . PRO B 2 117 ? -3.621  1.566   9.013   1.00 11.80 ? 117 PRO A CG    1 
ATOM 980  C CD    . PRO B 2 117 ? -4.310  1.123   10.299  1.00 12.62 ? 117 PRO A CD    1 
ATOM 981  N N     . VAL B 2 118 ? -6.723  -1.081  6.926   1.00 12.07 ? 118 VAL A N     1 
ATOM 982  C CA    . VAL B 2 118 ? -7.187  -2.307  6.426   1.00 10.75 ? 118 VAL A CA    1 
ATOM 983  C C     . VAL B 2 118 ? -7.356  -2.338  4.897   1.00 12.49 ? 118 VAL A C     1 
ATOM 984  O O     . VAL B 2 118 ? -7.646  -3.369  4.312   1.00 16.08 ? 118 VAL A O     1 
ATOM 985  C CB    . VAL B 2 118 ? -8.460  -2.437  7.201   1.00 8.70  ? 118 VAL A CB    1 
ATOM 986  C CG1   . VAL B 2 118 ? -9.676  -1.989  6.400   1.00 7.63  ? 118 VAL A CG1   1 
ATOM 987  C CG2   . VAL B 2 118 ? -8.564  -3.801  7.828   1.00 9.48  ? 118 VAL A CG2   1 
ATOM 988  N N     . HIS B 2 119 ? -7.111  -1.212  4.235   1.00 10.34 ? 119 HIS A N     1 
ATOM 989  C CA    . HIS B 2 119 ? -7.182  -1.060  2.794   1.00 7.69  ? 119 HIS A CA    1 
ATOM 990  C C     . HIS B 2 119 ? -6.534  0.257   2.501   1.00 6.24  ? 119 HIS A C     1 
ATOM 991  O O     . HIS B 2 119 ? -6.765  1.159   3.246   1.00 6.86  ? 119 HIS A O     1 
ATOM 992  C CB    . HIS B 2 119 ? -8.632  -1.063  2.295   1.00 8.63  ? 119 HIS A CB    1 
ATOM 993  C CG    . HIS B 2 119 ? -8.841  -0.124  1.161   1.00 9.20  ? 119 HIS A CG    1 
ATOM 994  N ND1   . HIS B 2 119 ? -8.530  -0.473  -0.143  1.00 11.13 ? 119 HIS A ND1   1 
ATOM 995  C CD2   . HIS B 2 119 ? -9.284  1.144   1.151   1.00 8.33  ? 119 HIS A CD2   1 
ATOM 996  C CE1   . HIS B 2 119 ? -8.774  0.580   -0.900  1.00 9.91  ? 119 HIS A CE1   1 
ATOM 997  N NE2   . HIS B 2 119 ? -9.240  1.568   -0.156  1.00 8.47  ? 119 HIS A NE2   1 
ATOM 998  N N     . PHE B 2 120 ? -5.710  0.357   1.464   1.00 7.57  ? 120 PHE A N     1 
ATOM 999  C CA    . PHE B 2 120 ? -4.943  1.559   1.059   1.00 7.79  ? 120 PHE A CA    1 
ATOM 1000 C C     . PHE B 2 120 ? -5.573  2.192   -0.183  1.00 8.77  ? 120 PHE A C     1 
ATOM 1001 O O     . PHE B 2 120 ? -5.635  1.585   -1.233  1.00 11.71 ? 120 PHE A O     1 
ATOM 1002 C CB    . PHE B 2 120 ? -3.476  1.136   0.820   1.00 7.66  ? 120 PHE A CB    1 
ATOM 1003 C CG    . PHE B 2 120 ? -2.634  2.273   0.356   1.00 9.65  ? 120 PHE A CG    1 
ATOM 1004 C CD1   . PHE B 2 120 ? -2.622  2.631   -0.992  1.00 8.88  ? 120 PHE A CD1   1 
ATOM 1005 C CD2   . PHE B 2 120 ? -1.883  3.022   1.272   1.00 9.91  ? 120 PHE A CD2   1 
ATOM 1006 C CE1   . PHE B 2 120 ? -1.856  3.691   -1.477  1.00 7.26  ? 120 PHE A CE1   1 
ATOM 1007 C CE2   . PHE B 2 120 ? -1.140  4.110   0.814   1.00 9.75  ? 120 PHE A CE2   1 
ATOM 1008 C CZ    . PHE B 2 120 ? -1.128  4.435   -0.550  1.00 8.40  ? 120 PHE A CZ    1 
ATOM 1009 N N     . ASP B 2 121 ? -6.126  3.382   -0.041  1.00 9.13  ? 121 ASP A N     1 
ATOM 1010 C CA    . ASP B 2 121 ? -6.936  4.063   -1.053  1.00 10.78 ? 121 ASP A CA    1 
ATOM 1011 C C     . ASP B 2 121 ? -6.215  4.938   -2.072  1.00 11.59 ? 121 ASP A C     1 
ATOM 1012 O O     . ASP B 2 121 ? -6.278  4.731   -3.296  1.00 12.87 ? 121 ASP A O     1 
ATOM 1013 C CB    . ASP B 2 121 ? -8.025  4.877   -0.334  1.00 12.48 ? 121 ASP A CB    1 
ATOM 1014 C CG    . ASP B 2 121 ? -9.375  4.907   -0.996  1.00 15.36 ? 121 ASP A CG    1 
ATOM 1015 O OD1   . ASP B 2 121 ? -9.956  3.901   -1.381  1.00 13.97 ? 121 ASP A OD1   1 
ATOM 1016 O OD2   . ASP B 2 121 ? -9.895  6.142   -1.038  1.00 18.08 ? 121 ASP A OD2   1 
ATOM 1017 N N     . ALA B 2 122 ? -5.569  5.969   -1.575  1.00 10.21 ? 122 ALA A N     1 
ATOM 1018 C CA    . ALA B 2 122 ? -4.850  6.852   -2.441  1.00 8.87  ? 122 ALA A CA    1 
ATOM 1019 C C     . ALA B 2 122 ? -3.542  7.278   -1.850  1.00 10.29 ? 122 ALA A C     1 
ATOM 1020 O O     . ALA B 2 122 ? -3.031  6.679   -0.924  1.00 11.54 ? 122 ALA A O     1 
ATOM 1021 C CB    . ALA B 2 122 ? -5.628  8.098   -2.712  1.00 8.68  ? 122 ALA A CB    1 
ATOM 1022 N N     . SER B 2 123 ? -3.078  8.355   -2.453  1.00 9.89  ? 123 SER A N     1 
ATOM 1023 C CA    . SER B 2 123 ? -1.867  9.061   -2.217  1.00 12.40 ? 123 SER A CA    1 
ATOM 1024 C C     . SER B 2 123 ? -2.076  10.370  -2.924  1.00 13.87 ? 123 SER A C     1 
ATOM 1025 O O     . SER B 2 123 ? -2.703  10.353  -3.973  1.00 13.65 ? 123 SER A O     1 
ATOM 1026 C CB    . SER B 2 123 ? -0.810  8.320   -2.973  1.00 16.24 ? 123 SER A CB    1 
ATOM 1027 O OG    . SER B 2 123 ? -1.490  7.309   -3.699  1.00 18.37 ? 123 SER A OG    1 
ATOM 1028 N N     . VAL B 2 124 ? -1.598  11.482  -2.360  1.00 16.28 ? 124 VAL A N     1 
ATOM 1029 C CA    . VAL B 2 124 ? -1.803  12.789  -2.959  1.00 21.42 ? 124 VAL A CA    1 
ATOM 1030 C C     . VAL B 2 124 ? -0.633  13.700  -2.649  1.00 27.52 ? 124 VAL A C     1 
ATOM 1031 O O     . VAL B 2 124 ? 0.401   13.185  -2.205  1.00 31.65 ? 124 VAL A O     1 
ATOM 1032 C CB    . VAL B 2 124 ? -3.107  13.416  -2.432  1.00 22.19 ? 124 VAL A CB    1 
ATOM 1033 C CG1   . VAL B 2 124 ? -4.293  13.209  -3.389  1.00 22.14 ? 124 VAL A CG1   1 
ATOM 1034 C CG2   . VAL B 2 124 ? -3.455  12.872  -1.049  1.00 21.75 ? 124 VAL A CG2   1 
ATOM 1035 O OXT   . VAL B 2 124 ? -0.722  14.947  -2.757  1.00 29.54 ? 124 VAL A OXT   1 
# 
